data_3A0O
#
_entry.id   3A0O
#
_cell.length_a   64.153
_cell.length_b   68.240
_cell.length_c   108.895
_cell.angle_alpha   78.32
_cell.angle_beta   89.29
_cell.angle_gamma   88.56
#
_symmetry.space_group_name_H-M   'P 1'
#
loop_
_entity.id
_entity.type
_entity.pdbx_description
1 polymer 'Oligo alginate lyase'
2 non-polymer 'CHLORIDE ION'
3 water water
#
_entity_poly.entity_id   1
_entity_poly.type   'polypeptide(L)'
_entity_poly.pdbx_seq_one_letter_code
;MRPSAPAISRQTLLDEPRPGSLTIGYEPSEEAQPTENPPRFSWLPDIDDGARYVLRISTDPGFTDKKTLVFEDLAWNFFT
PDEALPDGHYHWCYALWDQKSATAHSNWSTVRSFEISEALPKTPLPGRSARHAAAQTSHPRLWLNSEQLSAFADAVAKDP
NHCGWAEFYEKSVEPWLERPVMPEPQPYPNNTRVATLWRQMYIDCQEVIYAIRHLAIAGRVLGRDDLLDASRKWLLAVAA
WDTKGATSRAYNDEAGFRVVVALAWGYDWLYDHLSEDERRTVRSVLLERTREVADHVIAHARIHVFPYDSHAVRSLSAVL
TPACIALQGESDEAGEWLDYTVEFLATLYSPWAGTDGGWAEGPHYWMTGMAYLIEAANLIRSYIGYDLYQRPFFQNTGRF
PLYTKAPGTRRANFGDDSTLGDLPGLKLGYNVRQFAGVTGNGHYQWYFDHIKADATGTEMAFYNYGWWDLNFDDLVYRHD
YPQVEAVSPADLPALAVFDDIGWATIQKDMEDPDRHLQFVFKSSPYGSLSHSHGDQNAFVLYAHGEDLAIQSGYYVAFNS
QMHLNWRRQTRSKNAVLIGGKGQYAEKDKALARRAAGRIVSVEEQPGHVRIVGDATAAYQVANPLVQKVLRETHFVNDSY
FVIVDEVECSEPQELQWLCHTLGAPQTGRSSFRYNGRKAGFYGQFVYSSGGTPQISAVEGFPDIDPKEFEGLDIHHHVCA
TVPAATRHRLVTLLVPYSLKEPKRIFSFIDDQGFSTDIYFSDVDDERFKLSLPKQF
;
_entity_poly.pdbx_strand_id   A,B
#
# COMPACT_ATOMS: atom_id res chain seq x y z
N GLN A 11 -24.53 22.95 4.31
CA GLN A 11 -23.21 23.32 3.70
C GLN A 11 -22.25 22.15 3.58
N THR A 12 -21.65 22.03 2.40
CA THR A 12 -20.59 21.05 2.15
C THR A 12 -19.37 21.38 2.99
N LEU A 13 -18.74 20.36 3.55
CA LEU A 13 -17.48 20.55 4.24
C LEU A 13 -16.34 20.37 3.22
N LEU A 14 -15.66 21.47 2.92
CA LEU A 14 -14.49 21.46 2.04
C LEU A 14 -13.40 20.53 2.56
N ASP A 15 -12.96 19.62 1.71
CA ASP A 15 -11.78 18.82 2.03
C ASP A 15 -10.54 19.58 1.58
N GLU A 16 -9.62 19.78 2.52
CA GLU A 16 -8.35 20.44 2.27
C GLU A 16 -7.21 19.44 2.48
N PRO A 17 -6.87 18.67 1.43
CA PRO A 17 -5.89 17.58 1.60
C PRO A 17 -4.47 18.05 1.91
N ARG A 18 -3.71 17.17 2.56
CA ARG A 18 -2.28 17.38 2.78
C ARG A 18 -1.55 17.32 1.44
N PRO A 19 -0.60 18.25 1.22
CA PRO A 19 0.29 18.12 0.06
C PRO A 19 1.22 16.92 0.17
N GLY A 20 1.76 16.49 -0.96
CA GLY A 20 2.76 15.43 -0.97
C GLY A 20 4.04 15.90 -1.64
N SER A 21 4.97 14.97 -1.83
N SER A 21 4.97 14.97 -1.82
CA SER A 21 6.27 15.28 -2.43
CA SER A 21 6.27 15.25 -2.44
C SER A 21 6.16 15.66 -3.92
C SER A 21 6.14 15.68 -3.90
N LEU A 22 5.09 15.21 -4.57
CA LEU A 22 4.92 15.42 -6.01
C LEU A 22 3.63 16.14 -6.41
N THR A 23 3.00 16.80 -5.46
CA THR A 23 1.85 17.64 -5.76
C THR A 23 2.23 19.10 -5.69
N ILE A 24 1.34 19.95 -6.16
CA ILE A 24 1.34 21.36 -5.81
C ILE A 24 1.25 21.52 -4.30
N GLY A 25 1.58 22.71 -3.83
CA GLY A 25 1.33 23.10 -2.45
C GLY A 25 0.26 24.17 -2.44
N TYR A 26 -0.06 24.64 -1.24
CA TYR A 26 -0.95 25.79 -1.06
C TYR A 26 -0.06 27.03 -1.09
N GLU A 27 -0.17 27.79 -2.17
CA GLU A 27 0.63 28.99 -2.38
C GLU A 27 -0.26 30.11 -2.86
N PRO A 28 0.09 31.39 -2.53
CA PRO A 28 1.17 31.83 -1.66
C PRO A 28 0.87 31.62 -0.17
N SER A 29 1.92 31.68 0.65
CA SER A 29 1.79 31.62 2.10
C SER A 29 3.06 32.20 2.73
N GLU A 30 3.13 32.20 4.06
CA GLU A 30 4.33 32.67 4.76
C GLU A 30 5.50 31.72 4.56
N GLU A 31 5.20 30.44 4.32
CA GLU A 31 6.20 29.43 4.02
C GLU A 31 6.64 29.51 2.56
N ALA A 32 5.81 30.15 1.73
CA ALA A 32 6.05 30.26 0.30
C ALA A 32 5.61 31.63 -0.21
N GLN A 33 6.39 32.66 0.10
CA GLN A 33 6.08 34.04 -0.27
C GLN A 33 6.10 34.19 -1.80
N PRO A 34 5.18 35.02 -2.35
CA PRO A 34 5.13 35.21 -3.80
C PRO A 34 6.43 35.78 -4.35
N THR A 35 6.79 35.30 -5.55
CA THR A 35 7.96 35.73 -6.29
C THR A 35 7.52 36.69 -7.39
N GLU A 36 6.21 36.74 -7.63
CA GLU A 36 5.63 37.61 -8.64
C GLU A 36 4.44 38.36 -8.09
N ASN A 37 4.08 39.44 -8.77
CA ASN A 37 2.93 40.24 -8.41
C ASN A 37 2.03 40.43 -9.65
N PRO A 38 0.79 39.90 -9.63
CA PRO A 38 0.10 39.21 -8.53
C PRO A 38 0.68 37.83 -8.26
N PRO A 39 0.40 37.26 -7.07
CA PRO A 39 0.92 35.93 -6.78
C PRO A 39 0.25 34.85 -7.63
N ARG A 40 0.92 33.71 -7.72
CA ARG A 40 0.39 32.53 -8.35
C ARG A 40 -0.26 31.69 -7.24
N PHE A 41 -1.58 31.54 -7.34
CA PHE A 41 -2.35 30.83 -6.33
C PHE A 41 -2.57 29.38 -6.74
N SER A 42 -2.41 28.48 -5.78
CA SER A 42 -2.72 27.07 -5.96
C SER A 42 -3.19 26.46 -4.64
N TRP A 43 -4.14 25.54 -4.74
CA TRP A 43 -4.60 24.77 -3.58
C TRP A 43 -4.93 23.36 -4.01
N LEU A 44 -4.74 22.40 -3.11
CA LEU A 44 -5.15 21.04 -3.42
C LEU A 44 -6.67 20.95 -3.56
N PRO A 45 -7.15 20.17 -4.54
CA PRO A 45 -8.58 20.19 -4.84
C PRO A 45 -9.45 19.45 -3.82
N ASP A 46 -10.73 19.79 -3.81
CA ASP A 46 -11.74 19.12 -3.01
C ASP A 46 -11.90 17.67 -3.53
N ILE A 47 -12.59 16.84 -2.75
CA ILE A 47 -12.85 15.44 -3.10
C ILE A 47 -13.58 15.31 -4.45
N ASP A 48 -14.43 16.30 -4.75
CA ASP A 48 -15.20 16.31 -5.98
C ASP A 48 -14.35 16.93 -7.10
N ASP A 49 -13.94 16.09 -8.05
CA ASP A 49 -13.05 16.54 -9.13
C ASP A 49 -13.73 17.50 -10.12
N GLY A 50 -15.06 17.51 -10.12
CA GLY A 50 -15.83 18.44 -10.96
C GLY A 50 -16.28 19.68 -10.18
N ALA A 51 -15.44 20.13 -9.26
CA ALA A 51 -15.75 21.27 -8.42
C ALA A 51 -15.28 22.57 -9.06
N ARG A 52 -16.04 23.63 -8.79
CA ARG A 52 -15.64 24.97 -9.16
C ARG A 52 -15.41 25.77 -7.88
N TYR A 53 -14.58 26.81 -7.99
CA TYR A 53 -14.06 27.52 -6.83
C TYR A 53 -14.31 29.01 -6.85
N VAL A 54 -14.23 29.61 -5.67
CA VAL A 54 -14.22 31.04 -5.51
C VAL A 54 -13.03 31.40 -4.62
N LEU A 55 -12.29 32.41 -5.04
CA LEU A 55 -11.09 32.87 -4.34
C LEU A 55 -11.29 34.28 -3.79
N ARG A 56 -10.83 34.50 -2.57
CA ARG A 56 -10.90 35.81 -1.94
C ARG A 56 -9.53 36.25 -1.50
N ILE A 57 -9.21 37.53 -1.77
CA ILE A 57 -7.95 38.14 -1.35
C ILE A 57 -8.28 39.45 -0.63
N SER A 58 -7.66 39.67 0.52
CA SER A 58 -7.92 40.87 1.31
C SER A 58 -6.76 41.27 2.22
N THR A 59 -6.60 42.58 2.43
CA THR A 59 -5.67 43.09 3.45
C THR A 59 -6.28 42.93 4.84
N ASP A 60 -7.61 42.81 4.86
CA ASP A 60 -8.35 42.54 6.09
C ASP A 60 -8.54 41.03 6.26
N PRO A 61 -7.87 40.43 7.28
CA PRO A 61 -8.05 39.01 7.56
C PRO A 61 -9.47 38.65 8.03
N GLY A 62 -10.37 39.64 8.07
CA GLY A 62 -11.80 39.41 8.28
C GLY A 62 -12.56 39.35 6.97
N PHE A 63 -11.88 39.71 5.87
CA PHE A 63 -12.43 39.67 4.51
C PHE A 63 -13.73 40.48 4.36
N THR A 64 -13.72 41.69 4.92
CA THR A 64 -14.86 42.60 4.78
C THR A 64 -15.08 42.95 3.31
N ASP A 65 -16.36 43.09 2.94
CA ASP A 65 -16.77 43.23 1.55
C ASP A 65 -15.99 44.28 0.77
N LYS A 66 -15.77 45.43 1.39
CA LYS A 66 -15.15 46.58 0.71
C LYS A 66 -13.64 46.45 0.52
N LYS A 67 -12.99 45.66 1.36
CA LYS A 67 -11.54 45.48 1.30
C LYS A 67 -11.12 44.19 0.56
N THR A 68 -12.08 43.52 -0.06
CA THR A 68 -11.85 42.18 -0.61
C THR A 68 -12.04 42.06 -2.12
N LEU A 69 -11.09 41.39 -2.78
CA LEU A 69 -11.21 41.02 -4.18
C LEU A 69 -11.74 39.59 -4.26
N VAL A 70 -12.76 39.40 -5.09
CA VAL A 70 -13.44 38.10 -5.21
C VAL A 70 -13.39 37.59 -6.65
N PHE A 71 -12.84 36.39 -6.83
CA PHE A 71 -12.77 35.76 -8.13
C PHE A 71 -13.67 34.53 -8.12
N GLU A 72 -14.82 34.65 -8.76
CA GLU A 72 -15.87 33.64 -8.68
C GLU A 72 -15.79 32.66 -9.84
N ASP A 73 -16.40 31.49 -9.65
CA ASP A 73 -16.66 30.54 -10.72
C ASP A 73 -15.38 30.07 -11.42
N LEU A 74 -14.36 29.79 -10.61
CA LEU A 74 -13.08 29.32 -11.13
C LEU A 74 -13.17 27.83 -11.46
N ALA A 75 -12.72 27.48 -12.66
CA ALA A 75 -12.82 26.13 -13.15
C ALA A 75 -11.77 25.20 -12.55
N TRP A 76 -10.66 25.79 -12.10
CA TRP A 76 -9.51 25.03 -11.63
C TRP A 76 -9.02 25.49 -10.25
N ASN A 77 -8.24 24.61 -9.61
CA ASN A 77 -7.68 24.84 -8.28
C ASN A 77 -6.36 25.64 -8.30
N PHE A 78 -6.21 26.48 -9.32
CA PHE A 78 -5.07 27.38 -9.44
C PHE A 78 -5.52 28.62 -10.20
N PHE A 79 -4.86 29.75 -9.96
CA PHE A 79 -5.31 31.02 -10.51
C PHE A 79 -4.23 32.09 -10.40
N THR A 80 -4.05 32.84 -11.49
CA THR A 80 -3.28 34.07 -11.46
C THR A 80 -4.20 35.24 -11.83
N PRO A 81 -4.35 36.23 -10.93
CA PRO A 81 -5.15 37.43 -11.18
C PRO A 81 -4.67 38.27 -12.37
N ASP A 82 -5.56 39.12 -12.88
CA ASP A 82 -5.27 39.92 -14.07
C ASP A 82 -4.72 41.31 -13.74
N GLU A 83 -4.37 41.53 -12.48
CA GLU A 83 -3.84 42.82 -12.05
C GLU A 83 -2.91 42.65 -10.86
N ALA A 84 -1.79 43.37 -10.88
CA ALA A 84 -0.88 43.42 -9.75
C ALA A 84 -1.57 44.02 -8.52
N LEU A 85 -1.12 43.62 -7.33
CA LEU A 85 -1.65 44.13 -6.07
C LEU A 85 -0.80 45.28 -5.53
N PRO A 86 -1.43 46.26 -4.86
CA PRO A 86 -0.64 47.28 -4.15
C PRO A 86 0.28 46.64 -3.13
N ASP A 87 1.39 47.30 -2.82
CA ASP A 87 2.26 46.82 -1.74
C ASP A 87 1.45 46.65 -0.46
N GLY A 88 1.85 45.69 0.38
CA GLY A 88 1.13 45.45 1.62
C GLY A 88 1.12 44.03 2.10
N HIS A 89 0.19 43.75 3.02
CA HIS A 89 0.07 42.46 3.68
C HIS A 89 -1.33 41.91 3.45
N TYR A 90 -1.39 40.71 2.91
CA TYR A 90 -2.66 40.16 2.43
C TYR A 90 -3.00 38.81 3.04
N HIS A 91 -4.28 38.46 2.94
CA HIS A 91 -4.80 37.17 3.36
C HIS A 91 -5.68 36.62 2.25
N TRP A 92 -5.73 35.30 2.14
CA TRP A 92 -6.56 34.65 1.12
C TRP A 92 -7.15 33.32 1.58
N CYS A 93 -8.34 33.02 1.07
CA CYS A 93 -8.97 31.73 1.26
C CYS A 93 -9.83 31.40 0.04
N TYR A 94 -10.29 30.17 -0.03
CA TYR A 94 -11.11 29.71 -1.14
C TYR A 94 -12.27 28.83 -0.64
N ALA A 95 -13.32 28.71 -1.44
CA ALA A 95 -14.43 27.82 -1.14
C ALA A 95 -14.91 27.17 -2.42
N LEU A 96 -15.77 26.17 -2.27
CA LEU A 96 -16.48 25.61 -3.41
C LEU A 96 -17.53 26.61 -3.86
N TRP A 97 -17.70 26.73 -5.17
CA TRP A 97 -18.63 27.68 -5.75
C TRP A 97 -19.77 26.99 -6.47
N ASP A 98 -20.99 27.44 -6.18
CA ASP A 98 -22.17 26.95 -6.89
C ASP A 98 -22.51 27.91 -8.03
N GLN A 99 -22.40 27.40 -9.25
CA GLN A 99 -22.53 28.19 -10.46
C GLN A 99 -23.93 28.77 -10.67
N LYS A 100 -24.95 27.94 -10.40
CA LYS A 100 -26.34 28.31 -10.66
C LYS A 100 -26.90 29.35 -9.70
N SER A 101 -26.75 29.10 -8.39
CA SER A 101 -27.23 30.03 -7.37
C SER A 101 -26.25 31.17 -7.10
N ALA A 102 -25.06 31.07 -7.70
CA ALA A 102 -24.02 32.10 -7.63
C ALA A 102 -23.56 32.42 -6.20
N THR A 103 -23.20 31.38 -5.44
CA THR A 103 -22.74 31.53 -4.07
C THR A 103 -21.78 30.42 -3.65
N ALA A 104 -20.98 30.66 -2.62
CA ALA A 104 -20.11 29.64 -2.05
C ALA A 104 -20.96 28.55 -1.38
N HIS A 105 -20.81 27.31 -1.83
CA HIS A 105 -21.60 26.21 -1.26
C HIS A 105 -20.83 25.32 -0.27
N SER A 106 -19.70 25.82 0.20
CA SER A 106 -18.93 25.15 1.25
C SER A 106 -18.39 26.19 2.22
N ASN A 107 -17.88 25.72 3.36
CA ASN A 107 -17.11 26.57 4.25
C ASN A 107 -15.84 27.09 3.55
N TRP A 108 -15.29 28.19 4.06
CA TRP A 108 -14.05 28.74 3.54
C TRP A 108 -12.86 27.97 4.06
N SER A 109 -11.81 27.90 3.25
CA SER A 109 -10.60 27.17 3.58
C SER A 109 -9.81 27.89 4.66
N THR A 110 -8.72 27.24 5.10
CA THR A 110 -7.68 27.87 5.88
C THR A 110 -7.32 29.22 5.27
N VAL A 111 -7.08 30.21 6.13
CA VAL A 111 -6.62 31.52 5.68
C VAL A 111 -5.10 31.50 5.67
N ARG A 112 -4.53 31.87 4.53
CA ARG A 112 -3.08 31.98 4.40
C ARG A 112 -2.70 33.42 4.10
N SER A 113 -1.46 33.79 4.40
CA SER A 113 -1.03 35.19 4.33
C SER A 113 0.19 35.37 3.43
N PHE A 114 0.36 36.58 2.91
CA PHE A 114 1.52 36.92 2.10
C PHE A 114 1.79 38.43 2.04
N GLU A 115 3.04 38.78 1.75
CA GLU A 115 3.42 40.17 1.53
C GLU A 115 3.70 40.49 0.06
N ILE A 116 3.21 41.63 -0.38
CA ILE A 116 3.50 42.18 -1.70
C ILE A 116 4.36 43.44 -1.54
N SER A 117 5.54 43.43 -2.15
CA SER A 117 6.40 44.61 -2.21
C SER A 117 6.61 45.07 -3.66
N GLU A 118 7.28 46.22 -3.82
CA GLU A 118 7.55 46.81 -5.13
C GLU A 118 8.68 46.07 -5.87
N ALA A 119 9.50 45.36 -5.11
CA ALA A 119 10.60 44.58 -5.68
C ALA A 119 10.12 43.38 -6.51
N LEU A 120 8.92 42.89 -6.23
CA LEU A 120 8.35 41.77 -6.97
C LEU A 120 8.00 42.20 -8.40
N PRO A 121 8.54 41.47 -9.41
CA PRO A 121 8.19 41.74 -10.81
C PRO A 121 6.68 41.67 -10.99
N LYS A 122 6.14 42.63 -11.76
CA LYS A 122 4.68 42.71 -12.00
C LYS A 122 4.29 41.96 -13.27
N THR A 123 3.64 40.80 -13.10
CA THR A 123 3.35 39.89 -14.22
C THR A 123 1.91 39.37 -14.26
N PRO A 124 0.92 40.29 -14.40
CA PRO A 124 -0.48 39.85 -14.37
C PRO A 124 -0.83 38.95 -15.54
N LEU A 125 -1.85 38.11 -15.37
CA LEU A 125 -2.37 37.27 -16.44
C LEU A 125 -3.71 37.82 -16.89
N PRO A 126 -3.79 38.33 -18.15
CA PRO A 126 -5.10 38.74 -18.67
C PRO A 126 -6.11 37.60 -18.51
N GLY A 127 -7.31 37.93 -18.04
CA GLY A 127 -8.37 36.94 -17.78
C GLY A 127 -8.98 36.36 -19.04
N ARG A 128 -9.87 35.39 -18.87
N ARG A 128 -9.86 35.37 -18.86
CA ARG A 128 -10.46 34.64 -19.99
CA ARG A 128 -10.51 34.64 -19.95
C ARG A 128 -11.14 35.52 -21.04
C ARG A 128 -11.08 35.57 -21.02
N SER A 129 -11.91 36.51 -20.59
CA SER A 129 -12.61 37.44 -21.50
C SER A 129 -11.65 38.24 -22.38
N ALA A 130 -10.64 38.82 -21.75
CA ALA A 130 -9.61 39.60 -22.44
C ALA A 130 -8.81 38.75 -23.45
N ARG A 131 -8.48 37.52 -23.07
CA ARG A 131 -7.71 36.62 -23.96
C ARG A 131 -8.53 36.14 -25.15
N HIS A 132 -9.81 35.85 -24.91
CA HIS A 132 -10.70 35.41 -25.97
C HIS A 132 -10.96 36.53 -26.98
N ALA A 133 -11.12 37.75 -26.46
CA ALA A 133 -11.31 38.95 -27.29
C ALA A 133 -10.07 39.31 -28.10
N ALA A 134 -8.89 38.96 -27.57
CA ALA A 134 -7.61 39.26 -28.22
C ALA A 134 -7.29 38.29 -29.35
N ALA A 135 -7.88 37.11 -29.28
CA ALA A 135 -7.66 36.05 -30.25
C ALA A 135 -8.48 36.31 -31.51
N GLN A 136 -7.80 36.64 -32.60
N GLN A 136 -7.81 36.65 -32.60
CA GLN A 136 -8.48 36.91 -33.88
CA GLN A 136 -8.50 36.94 -33.87
C GLN A 136 -9.22 35.67 -34.40
C GLN A 136 -9.15 35.70 -34.49
N THR A 137 -10.26 35.92 -35.19
CA THR A 137 -11.08 34.84 -35.76
C THR A 137 -10.51 34.31 -37.06
N SER A 138 -9.77 35.17 -37.77
CA SER A 138 -9.20 34.80 -39.07
C SER A 138 -8.08 33.78 -38.94
N HIS A 139 -7.68 33.24 -40.08
CA HIS A 139 -6.51 32.37 -40.20
C HIS A 139 -5.53 33.02 -41.19
N PRO A 140 -4.22 32.75 -41.04
CA PRO A 140 -3.57 31.88 -40.05
C PRO A 140 -3.48 32.50 -38.65
N ARG A 141 -3.13 31.66 -37.68
CA ARG A 141 -3.00 32.08 -36.28
C ARG A 141 -1.66 31.66 -35.68
N LEU A 142 -1.16 30.51 -36.14
CA LEU A 142 0.09 29.94 -35.65
C LEU A 142 1.30 30.68 -36.24
N TRP A 143 2.10 31.27 -35.34
CA TRP A 143 3.24 32.15 -35.70
C TRP A 143 2.81 33.52 -36.26
N LEU A 144 2.17 33.53 -37.44
CA LEU A 144 1.73 34.79 -38.07
C LEU A 144 0.21 34.89 -38.15
N ASN A 145 -0.30 36.11 -37.94
CA ASN A 145 -1.69 36.41 -38.27
C ASN A 145 -1.78 36.83 -39.75
N SER A 146 -2.98 37.14 -40.25
CA SER A 146 -3.15 37.48 -41.67
C SER A 146 -2.49 38.80 -42.06
N GLU A 147 -2.55 39.79 -41.18
CA GLU A 147 -1.82 41.06 -41.35
C GLU A 147 -0.31 40.83 -41.50
N GLN A 148 0.27 40.08 -40.57
CA GLN A 148 1.70 39.77 -40.58
C GLN A 148 2.11 38.96 -41.81
N LEU A 149 1.27 37.98 -42.17
CA LEU A 149 1.50 37.16 -43.35
C LEU A 149 1.57 38.04 -44.61
N SER A 150 0.64 38.99 -44.72
CA SER A 150 0.60 39.93 -45.83
C SER A 150 1.89 40.77 -45.91
N ALA A 151 2.27 41.38 -44.79
CA ALA A 151 3.47 42.21 -44.70
C ALA A 151 4.74 41.40 -45.00
N PHE A 152 4.76 40.15 -44.52
CA PHE A 152 5.90 39.25 -44.75
C PHE A 152 6.00 38.84 -46.22
N ALA A 153 4.86 38.61 -46.86
CA ALA A 153 4.81 38.27 -48.30
C ALA A 153 5.34 39.43 -49.16
N ASP A 154 4.87 40.64 -48.89
CA ASP A 154 5.40 41.85 -49.53
C ASP A 154 6.91 41.99 -49.33
N ALA A 155 7.37 41.78 -48.10
CA ALA A 155 8.80 41.88 -47.75
C ALA A 155 9.67 40.82 -48.44
N VAL A 156 9.11 39.62 -48.63
CA VAL A 156 9.79 38.55 -49.34
C VAL A 156 9.76 38.79 -50.86
N ALA A 157 8.71 39.44 -51.34
CA ALA A 157 8.62 39.84 -52.75
C ALA A 157 9.73 40.82 -53.12
N LYS A 158 10.00 41.79 -52.25
CA LYS A 158 11.04 42.79 -52.46
C LYS A 158 12.45 42.22 -52.22
N ASP A 159 12.55 41.23 -51.33
CA ASP A 159 13.83 40.62 -50.98
C ASP A 159 13.64 39.18 -50.49
N PRO A 160 13.97 38.19 -51.34
CA PRO A 160 13.86 36.76 -50.99
C PRO A 160 14.71 36.33 -49.78
N ASN A 161 15.64 37.18 -49.36
CA ASN A 161 16.47 36.91 -48.18
C ASN A 161 15.94 37.55 -46.88
N HIS A 162 14.73 38.11 -46.94
CA HIS A 162 14.06 38.66 -45.76
C HIS A 162 13.88 37.58 -44.71
N CYS A 163 14.44 37.82 -43.52
CA CYS A 163 14.45 36.85 -42.40
C CYS A 163 15.09 35.51 -42.77
N GLY A 164 15.93 35.52 -43.79
CA GLY A 164 16.57 34.31 -44.29
C GLY A 164 15.62 33.36 -44.98
N TRP A 165 14.55 33.90 -45.58
CA TRP A 165 13.54 33.09 -46.26
C TRP A 165 14.13 32.13 -47.29
N ALA A 166 15.08 32.63 -48.08
CA ALA A 166 15.71 31.86 -49.15
C ALA A 166 16.40 30.63 -48.58
N GLU A 167 17.06 30.79 -47.43
CA GLU A 167 17.66 29.67 -46.72
C GLU A 167 16.60 28.68 -46.23
N PHE A 168 15.50 29.21 -45.69
CA PHE A 168 14.40 28.35 -45.21
C PHE A 168 13.74 27.57 -46.34
N TYR A 169 13.41 28.26 -47.44
CA TYR A 169 12.83 27.59 -48.61
C TYR A 169 13.72 26.47 -49.11
N GLU A 170 15.01 26.76 -49.26
CA GLU A 170 15.99 25.80 -49.77
C GLU A 170 16.13 24.57 -48.88
N LYS A 171 16.30 24.80 -47.58
CA LYS A 171 16.58 23.72 -46.63
C LYS A 171 15.33 22.99 -46.09
N SER A 172 14.21 23.71 -45.97
CA SER A 172 13.03 23.16 -45.29
C SER A 172 11.75 23.06 -46.12
N VAL A 173 11.71 23.67 -47.30
CA VAL A 173 10.54 23.55 -48.17
C VAL A 173 10.86 22.67 -49.38
N GLU A 174 11.88 23.08 -50.13
CA GLU A 174 12.36 22.37 -51.33
C GLU A 174 12.36 20.83 -51.22
N PRO A 175 12.98 20.27 -50.14
CA PRO A 175 13.03 18.80 -50.01
C PRO A 175 11.67 18.09 -50.03
N TRP A 176 10.60 18.82 -49.71
CA TRP A 176 9.26 18.21 -49.65
C TRP A 176 8.55 18.21 -51.01
N LEU A 177 9.04 19.02 -51.94
CA LEU A 177 8.49 19.08 -53.30
C LEU A 177 8.72 17.79 -54.09
N GLU A 178 9.84 17.12 -53.81
CA GLU A 178 10.22 15.87 -54.49
C GLU A 178 9.64 14.66 -53.76
N ARG A 179 9.29 14.85 -52.50
CA ARG A 179 8.97 13.75 -51.60
C ARG A 179 7.54 13.22 -51.80
N PRO A 180 7.40 11.88 -51.94
CA PRO A 180 6.07 11.30 -51.95
C PRO A 180 5.44 11.34 -50.56
N VAL A 181 4.13 11.57 -50.50
CA VAL A 181 3.40 11.61 -49.23
C VAL A 181 3.75 10.38 -48.38
N MET A 182 4.13 10.64 -47.12
CA MET A 182 4.49 9.61 -46.15
C MET A 182 3.36 8.58 -46.02
N PRO A 183 3.68 7.29 -46.25
CA PRO A 183 2.67 6.25 -46.03
C PRO A 183 2.33 6.12 -44.55
N GLU A 184 1.11 5.73 -44.25
CA GLU A 184 0.67 5.58 -42.86
C GLU A 184 1.56 4.57 -42.15
N PRO A 185 2.17 4.97 -41.02
CA PRO A 185 2.91 4.01 -40.19
C PRO A 185 2.06 2.81 -39.80
N GLN A 186 2.69 1.65 -39.74
CA GLN A 186 2.02 0.38 -39.46
C GLN A 186 2.29 -0.09 -38.04
N PRO A 187 1.38 -0.92 -37.48
CA PRO A 187 1.64 -1.51 -36.16
C PRO A 187 2.91 -2.36 -36.18
N TYR A 188 3.50 -2.57 -35.01
CA TYR A 188 4.65 -3.47 -34.89
C TYR A 188 4.19 -4.92 -35.09
N PRO A 189 5.11 -5.80 -35.55
CA PRO A 189 4.87 -7.26 -35.50
C PRO A 189 4.34 -7.72 -34.14
N ASN A 190 3.05 -8.09 -34.09
CA ASN A 190 2.34 -8.51 -32.88
C ASN A 190 2.23 -7.44 -31.78
N ASN A 191 2.02 -6.20 -32.19
CA ASN A 191 1.90 -5.06 -31.25
C ASN A 191 2.97 -5.02 -30.14
N THR A 192 4.12 -5.64 -30.41
CA THR A 192 5.24 -5.63 -29.48
C THR A 192 6.27 -4.59 -29.93
N ARG A 193 6.42 -3.53 -29.12
CA ARG A 193 7.27 -2.39 -29.44
C ARG A 193 8.76 -2.75 -29.52
N VAL A 194 9.40 -2.30 -30.60
CA VAL A 194 10.85 -2.40 -30.78
C VAL A 194 11.40 -0.98 -30.95
N ALA A 195 12.54 -0.71 -30.33
CA ALA A 195 13.16 0.64 -30.31
C ALA A 195 13.35 1.26 -31.70
N THR A 196 13.86 0.48 -32.65
CA THR A 196 14.06 0.95 -34.03
C THR A 196 12.75 1.40 -34.67
N LEU A 197 11.73 0.55 -34.58
CA LEU A 197 10.44 0.80 -35.20
C LEU A 197 9.64 1.92 -34.51
N TRP A 198 9.75 1.96 -33.18
CA TRP A 198 9.17 3.04 -32.37
C TRP A 198 9.72 4.40 -32.77
N ARG A 199 11.05 4.48 -32.92
CA ARG A 199 11.73 5.73 -33.26
C ARG A 199 11.47 6.15 -34.70
N GLN A 200 11.60 5.20 -35.64
CA GLN A 200 11.36 5.47 -37.05
C GLN A 200 9.94 5.97 -37.28
N MET A 201 9.01 5.40 -36.53
CA MET A 201 7.61 5.79 -36.60
C MET A 201 7.39 7.26 -36.21
N TYR A 202 7.99 7.71 -35.11
CA TYR A 202 7.82 9.11 -34.71
C TYR A 202 8.64 10.08 -35.57
N ILE A 203 9.75 9.60 -36.13
CA ILE A 203 10.48 10.38 -37.15
C ILE A 203 9.61 10.55 -38.41
N ASP A 204 8.93 9.48 -38.81
CA ASP A 204 7.98 9.53 -39.93
C ASP A 204 6.91 10.59 -39.70
N CYS A 205 6.38 10.64 -38.48
CA CYS A 205 5.36 11.62 -38.12
C CYS A 205 5.91 13.04 -37.98
N GLN A 206 7.20 13.14 -37.64
CA GLN A 206 7.86 14.45 -37.54
C GLN A 206 8.00 15.08 -38.93
N GLU A 207 8.31 14.24 -39.93
CA GLU A 207 8.44 14.68 -41.32
C GLU A 207 7.11 15.15 -41.91
N VAL A 208 6.03 14.56 -41.42
CA VAL A 208 4.67 14.97 -41.78
C VAL A 208 4.34 16.38 -41.25
N ILE A 209 4.88 16.74 -40.09
CA ILE A 209 4.83 18.13 -39.62
C ILE A 209 5.57 19.03 -40.60
N TYR A 210 6.82 18.66 -40.91
CA TYR A 210 7.67 19.51 -41.75
C TYR A 210 7.03 19.75 -43.13
N ALA A 211 6.62 18.67 -43.79
CA ALA A 211 6.02 18.77 -45.11
C ALA A 211 4.75 19.61 -45.11
N ILE A 212 3.80 19.27 -44.25
CA ILE A 212 2.53 20.01 -44.19
C ILE A 212 2.73 21.47 -43.84
N ARG A 213 3.46 21.72 -42.75
CA ARG A 213 3.70 23.10 -42.29
C ARG A 213 4.55 23.94 -43.26
N HIS A 214 5.66 23.39 -43.76
CA HIS A 214 6.57 24.22 -44.57
C HIS A 214 6.06 24.48 -45.99
N LEU A 215 5.32 23.53 -46.55
CA LEU A 215 4.64 23.74 -47.83
C LEU A 215 3.53 24.79 -47.74
N ALA A 216 2.72 24.70 -46.69
CA ALA A 216 1.65 25.67 -46.42
C ALA A 216 2.20 27.08 -46.23
N ILE A 217 3.25 27.19 -45.42
CA ILE A 217 3.87 28.49 -45.16
C ILE A 217 4.42 29.08 -46.46
N ALA A 218 5.15 28.26 -47.21
CA ALA A 218 5.69 28.68 -48.51
C ALA A 218 4.58 29.13 -49.45
N GLY A 219 3.54 28.30 -49.60
CA GLY A 219 2.36 28.64 -50.38
C GLY A 219 1.77 30.02 -50.07
N ARG A 220 1.55 30.29 -48.79
CA ARG A 220 0.95 31.55 -48.35
C ARG A 220 1.90 32.73 -48.50
N VAL A 221 3.18 32.51 -48.20
CA VAL A 221 4.19 33.57 -48.29
C VAL A 221 4.46 33.95 -49.76
N LEU A 222 4.52 32.94 -50.63
CA LEU A 222 4.86 33.16 -52.04
C LEU A 222 3.65 33.43 -52.93
N GLY A 223 2.44 33.30 -52.36
CA GLY A 223 1.19 33.38 -53.13
C GLY A 223 1.06 32.24 -54.13
N ARG A 224 1.62 31.09 -53.78
CA ARG A 224 1.68 29.92 -54.68
C ARG A 224 0.67 28.83 -54.34
N ASP A 225 -0.40 28.75 -55.13
CA ASP A 225 -1.45 27.73 -54.97
C ASP A 225 -0.95 26.29 -55.08
N ASP A 226 0.04 26.06 -55.94
CA ASP A 226 0.62 24.72 -56.12
C ASP A 226 1.28 24.18 -54.86
N LEU A 227 1.83 25.08 -54.03
CA LEU A 227 2.45 24.67 -52.77
C LEU A 227 1.37 24.37 -51.74
N LEU A 228 0.33 25.20 -51.72
CA LEU A 228 -0.87 24.97 -50.93
C LEU A 228 -1.51 23.63 -51.26
N ASP A 229 -1.59 23.32 -52.56
CA ASP A 229 -2.11 22.03 -53.06
C ASP A 229 -1.28 20.84 -52.58
N ALA A 230 0.05 20.98 -52.63
CA ALA A 230 0.96 19.93 -52.15
C ALA A 230 0.81 19.71 -50.64
N SER A 231 0.71 20.81 -49.90
CA SER A 231 0.49 20.76 -48.46
C SER A 231 -0.84 20.06 -48.15
N ARG A 232 -1.90 20.48 -48.85
CA ARG A 232 -3.23 19.88 -48.70
C ARG A 232 -3.21 18.37 -48.90
N LYS A 233 -2.46 17.91 -49.90
CA LYS A 233 -2.33 16.49 -50.21
C LYS A 233 -1.79 15.68 -49.03
N TRP A 234 -0.71 16.17 -48.42
CA TRP A 234 -0.17 15.54 -47.21
C TRP A 234 -1.19 15.58 -46.09
N LEU A 235 -1.84 16.74 -45.91
CA LEU A 235 -2.81 16.96 -44.83
C LEU A 235 -4.02 16.03 -44.86
N LEU A 236 -4.64 15.88 -46.03
CA LEU A 236 -5.78 14.96 -46.19
C LEU A 236 -5.36 13.50 -46.01
N ALA A 237 -4.15 13.18 -46.44
CA ALA A 237 -3.62 11.82 -46.26
C ALA A 237 -3.44 11.49 -44.78
N VAL A 238 -2.92 12.44 -44.03
CA VAL A 238 -2.68 12.27 -42.58
C VAL A 238 -4.00 12.25 -41.82
N ALA A 239 -4.94 13.12 -42.21
CA ALA A 239 -6.28 13.14 -41.63
C ALA A 239 -7.00 11.81 -41.82
N ALA A 240 -6.59 11.05 -42.84
CA ALA A 240 -7.20 9.76 -43.18
C ALA A 240 -6.56 8.59 -42.45
N TRP A 241 -5.45 8.84 -41.76
CA TRP A 241 -4.82 7.80 -40.94
C TRP A 241 -5.74 7.40 -39.79
N ASP A 242 -5.65 6.13 -39.40
CA ASP A 242 -6.51 5.57 -38.37
C ASP A 242 -6.25 6.20 -37.00
N THR A 243 -7.22 6.93 -36.48
CA THR A 243 -7.10 7.58 -35.16
C THR A 243 -6.96 6.56 -34.03
N LYS A 244 -7.28 5.29 -34.31
CA LYS A 244 -7.11 4.22 -33.34
C LYS A 244 -6.03 3.25 -33.81
N GLY A 245 -5.29 3.67 -34.83
CA GLY A 245 -4.25 2.83 -35.43
C GLY A 245 -2.92 2.95 -34.72
N ALA A 246 -1.84 2.81 -35.49
CA ALA A 246 -0.49 2.88 -34.94
C ALA A 246 -0.08 4.29 -34.50
N THR A 247 -0.65 5.32 -35.12
CA THR A 247 -0.31 6.71 -34.78
C THR A 247 -1.22 7.34 -33.72
N SER A 248 -1.99 6.52 -33.02
CA SER A 248 -2.77 7.01 -31.90
C SER A 248 -1.84 7.29 -30.73
N ARG A 249 -2.26 8.18 -29.83
CA ARG A 249 -1.52 8.46 -28.60
C ARG A 249 -1.32 7.18 -27.79
N ALA A 250 -2.38 6.39 -27.65
CA ALA A 250 -2.34 5.13 -26.90
C ALA A 250 -1.29 4.14 -27.43
N TYR A 251 -1.12 4.09 -28.75
CA TYR A 251 -0.20 3.14 -29.37
C TYR A 251 1.27 3.60 -29.39
N ASN A 252 1.48 4.83 -29.83
CA ASN A 252 2.80 5.45 -29.84
C ASN A 252 2.56 6.94 -29.63
N ASP A 253 2.69 7.38 -28.39
CA ASP A 253 2.36 8.76 -28.04
C ASP A 253 3.24 9.78 -28.74
N GLU A 254 4.50 9.41 -28.98
CA GLU A 254 5.43 10.25 -29.74
C GLU A 254 4.94 10.48 -31.16
N ALA A 255 4.39 9.43 -31.79
CA ALA A 255 3.78 9.53 -33.11
C ALA A 255 2.48 10.32 -33.05
N GLY A 256 1.63 9.99 -32.08
CA GLY A 256 0.37 10.67 -31.85
C GLY A 256 0.52 12.17 -31.64
N PHE A 257 1.45 12.57 -30.77
CA PHE A 257 1.73 14.00 -30.51
C PHE A 257 2.00 14.73 -31.82
N ARG A 258 2.86 14.15 -32.65
CA ARG A 258 3.33 14.78 -33.90
C ARG A 258 2.24 14.87 -34.97
N VAL A 259 1.36 13.88 -35.03
CA VAL A 259 0.25 13.92 -35.98
C VAL A 259 -0.68 15.10 -35.67
N VAL A 260 -0.97 15.32 -34.39
CA VAL A 260 -1.80 16.44 -33.95
C VAL A 260 -1.19 17.78 -34.37
N VAL A 261 0.11 17.94 -34.18
CA VAL A 261 0.82 19.18 -34.53
C VAL A 261 0.76 19.42 -36.05
N ALA A 262 0.99 18.38 -36.83
CA ALA A 262 0.91 18.43 -38.29
C ALA A 262 -0.48 18.87 -38.76
N LEU A 263 -1.51 18.27 -38.18
CA LEU A 263 -2.89 18.60 -38.53
C LEU A 263 -3.24 20.04 -38.17
N ALA A 264 -2.73 20.51 -37.04
CA ALA A 264 -2.95 21.87 -36.56
C ALA A 264 -2.39 22.95 -37.48
N TRP A 265 -1.13 22.80 -37.90
CA TRP A 265 -0.51 23.74 -38.84
C TRP A 265 -1.20 23.72 -40.22
N GLY A 266 -1.49 22.53 -40.72
CA GLY A 266 -2.22 22.38 -41.98
C GLY A 266 -3.60 23.00 -41.96
N TYR A 267 -4.41 22.63 -40.98
CA TYR A 267 -5.74 23.23 -40.80
C TYR A 267 -5.69 24.75 -40.71
N ASP A 268 -4.76 25.27 -39.91
CA ASP A 268 -4.60 26.71 -39.67
C ASP A 268 -4.17 27.51 -40.92
N TRP A 269 -3.11 27.06 -41.58
CA TRP A 269 -2.53 27.80 -42.71
C TRP A 269 -3.18 27.50 -44.07
N LEU A 270 -3.90 26.39 -44.17
CA LEU A 270 -4.62 26.04 -45.40
C LEU A 270 -6.12 26.26 -45.25
N TYR A 271 -6.51 26.85 -44.12
CA TYR A 271 -7.93 27.02 -43.78
C TYR A 271 -8.77 27.43 -44.98
N ASP A 272 -8.42 28.58 -45.57
CA ASP A 272 -9.17 29.16 -46.68
C ASP A 272 -8.96 28.43 -48.00
N HIS A 273 -7.83 27.74 -48.13
CA HIS A 273 -7.54 26.94 -49.32
C HIS A 273 -8.35 25.64 -49.36
N LEU A 274 -8.64 25.10 -48.17
CA LEU A 274 -9.48 23.90 -48.07
C LEU A 274 -10.93 24.26 -48.35
N SER A 275 -11.66 23.34 -48.97
CA SER A 275 -13.11 23.48 -49.09
C SER A 275 -13.73 23.30 -47.71
N GLU A 276 -14.96 23.79 -47.56
CA GLU A 276 -15.70 23.61 -46.30
C GLU A 276 -15.74 22.14 -45.87
N ASP A 277 -15.93 21.24 -46.83
CA ASP A 277 -16.01 19.82 -46.53
C ASP A 277 -14.66 19.23 -46.08
N GLU A 278 -13.58 19.67 -46.71
CA GLU A 278 -12.22 19.29 -46.32
C GLU A 278 -11.89 19.80 -44.91
N ARG A 279 -12.25 21.07 -44.64
CA ARG A 279 -12.14 21.62 -43.29
C ARG A 279 -12.83 20.78 -42.24
N ARG A 280 -14.01 20.27 -42.57
CA ARG A 280 -14.79 19.39 -41.69
C ARG A 280 -14.06 18.08 -41.42
N THR A 281 -13.52 17.49 -42.49
CA THR A 281 -12.74 16.26 -42.39
C THR A 281 -11.52 16.44 -41.47
N VAL A 282 -10.73 17.47 -41.74
CA VAL A 282 -9.51 17.76 -40.97
C VAL A 282 -9.83 18.13 -39.51
N ARG A 283 -10.74 19.09 -39.32
CA ARG A 283 -11.20 19.52 -37.99
C ARG A 283 -11.65 18.34 -37.13
N SER A 284 -12.48 17.46 -37.69
CA SER A 284 -13.02 16.32 -36.94
C SER A 284 -11.92 15.38 -36.42
N VAL A 285 -10.91 15.12 -37.26
CA VAL A 285 -9.79 14.28 -36.86
C VAL A 285 -8.85 15.03 -35.91
N LEU A 286 -8.65 16.33 -36.15
CA LEU A 286 -7.84 17.16 -35.26
C LEU A 286 -8.44 17.23 -33.85
N LEU A 287 -9.74 17.49 -33.79
CA LEU A 287 -10.45 17.52 -32.51
C LEU A 287 -10.39 16.18 -31.78
N GLU A 288 -10.62 15.08 -32.50
CA GLU A 288 -10.59 13.73 -31.93
C GLU A 288 -9.23 13.39 -31.31
N ARG A 289 -8.16 13.64 -32.09
CA ARG A 289 -6.80 13.38 -31.62
C ARG A 289 -6.38 14.35 -30.50
N THR A 290 -6.82 15.60 -30.59
CA THR A 290 -6.51 16.60 -29.56
C THR A 290 -7.18 16.24 -28.23
N ARG A 291 -8.41 15.72 -28.30
CA ARG A 291 -9.15 15.25 -27.12
C ARG A 291 -8.42 14.12 -26.38
N GLU A 292 -7.82 13.20 -27.14
CA GLU A 292 -6.99 12.11 -26.58
C GLU A 292 -5.86 12.70 -25.71
N VAL A 293 -5.15 13.69 -26.27
CA VAL A 293 -4.03 14.33 -25.58
C VAL A 293 -4.48 15.13 -24.36
N ALA A 294 -5.58 15.88 -24.51
CA ALA A 294 -6.12 16.71 -23.45
C ALA A 294 -6.63 15.87 -22.29
N ASP A 295 -7.30 14.76 -22.59
CA ASP A 295 -7.76 13.84 -21.55
C ASP A 295 -6.58 13.25 -20.76
N HIS A 296 -5.47 12.99 -21.44
CA HIS A 296 -4.27 12.51 -20.77
C HIS A 296 -3.66 13.55 -19.84
N VAL A 297 -3.47 14.76 -20.34
CA VAL A 297 -2.84 15.84 -19.58
C VAL A 297 -3.67 16.24 -18.35
N ILE A 298 -4.98 16.39 -18.57
CA ILE A 298 -5.88 16.96 -17.57
C ILE A 298 -6.47 15.92 -16.60
N ALA A 299 -6.95 14.80 -17.15
CA ALA A 299 -7.65 13.81 -16.33
C ALA A 299 -6.73 12.71 -15.78
N HIS A 300 -5.74 12.30 -16.57
CA HIS A 300 -4.84 11.23 -16.14
C HIS A 300 -3.61 11.77 -15.41
N ALA A 301 -2.70 12.41 -16.14
CA ALA A 301 -1.53 13.05 -15.55
C ALA A 301 -1.92 14.08 -14.48
N ARG A 302 -3.03 14.78 -14.72
CA ARG A 302 -3.62 15.71 -13.77
C ARG A 302 -2.59 16.74 -13.29
N ILE A 303 -1.96 17.43 -14.24
CA ILE A 303 -0.83 18.31 -13.90
C ILE A 303 -1.17 19.52 -13.05
N HIS A 304 -2.46 19.86 -12.96
CA HIS A 304 -2.92 20.91 -12.03
C HIS A 304 -2.88 20.46 -10.56
N VAL A 305 -2.64 19.16 -10.34
CA VAL A 305 -2.38 18.63 -9.01
C VAL A 305 -0.95 18.07 -8.95
N PHE A 306 -0.51 17.47 -10.06
CA PHE A 306 0.79 16.82 -10.16
C PHE A 306 1.67 17.51 -11.22
N PRO A 307 2.23 18.70 -10.89
CA PRO A 307 2.88 19.56 -11.87
C PRO A 307 4.32 19.19 -12.26
N TYR A 308 4.88 18.14 -11.66
CA TYR A 308 6.24 17.65 -11.97
C TYR A 308 6.30 16.72 -13.19
N ASP A 309 5.14 16.40 -13.75
CA ASP A 309 5.02 15.45 -14.86
C ASP A 309 5.42 16.17 -16.14
N SER A 310 6.72 16.17 -16.43
CA SER A 310 7.29 16.90 -17.57
C SER A 310 6.84 16.37 -18.94
N HIS A 311 6.62 15.06 -19.02
CA HIS A 311 6.09 14.43 -20.22
C HIS A 311 4.72 15.01 -20.56
N ALA A 312 3.85 15.13 -19.56
CA ALA A 312 2.53 15.72 -19.74
C ALA A 312 2.58 17.24 -19.98
N VAL A 313 3.52 17.91 -19.34
CA VAL A 313 3.73 19.35 -19.53
C VAL A 313 4.22 19.62 -20.96
N ARG A 314 5.12 18.76 -21.45
CA ARG A 314 5.57 18.83 -22.84
C ARG A 314 4.42 18.67 -23.85
N SER A 315 3.50 17.74 -23.59
CA SER A 315 2.38 17.60 -24.52
C SER A 315 1.41 18.78 -24.41
N LEU A 316 1.24 19.34 -23.22
CA LEU A 316 0.49 20.57 -23.07
C LEU A 316 1.12 21.70 -23.93
N SER A 317 2.43 21.85 -23.82
CA SER A 317 3.15 22.93 -24.47
C SER A 317 3.27 22.74 -25.98
N ALA A 318 3.79 21.59 -26.40
CA ALA A 318 4.13 21.35 -27.81
C ALA A 318 2.95 20.90 -28.67
N VAL A 319 1.95 20.28 -28.04
CA VAL A 319 0.87 19.64 -28.75
C VAL A 319 -0.45 20.36 -28.55
N LEU A 320 -0.85 20.56 -27.29
CA LEU A 320 -2.12 21.22 -27.00
C LEU A 320 -2.16 22.66 -27.52
N THR A 321 -1.06 23.39 -27.34
CA THR A 321 -1.06 24.80 -27.71
C THR A 321 -1.38 25.04 -29.21
N PRO A 322 -0.63 24.42 -30.13
CA PRO A 322 -0.97 24.63 -31.55
C PRO A 322 -2.34 24.07 -31.96
N ALA A 323 -2.70 22.89 -31.45
CA ALA A 323 -3.99 22.27 -31.77
C ALA A 323 -5.18 23.15 -31.37
N CYS A 324 -5.13 23.64 -30.13
CA CYS A 324 -6.20 24.49 -29.58
C CYS A 324 -6.29 25.86 -30.23
N ILE A 325 -5.15 26.46 -30.56
CA ILE A 325 -5.15 27.72 -31.32
C ILE A 325 -5.81 27.52 -32.69
N ALA A 326 -5.36 26.49 -33.42
CA ALA A 326 -5.93 26.16 -34.72
C ALA A 326 -7.46 25.94 -34.66
N LEU A 327 -7.92 25.38 -33.54
CA LEU A 327 -9.32 25.02 -33.34
C LEU A 327 -10.23 26.11 -32.74
N GLN A 328 -9.66 27.22 -32.25
CA GLN A 328 -10.46 28.28 -31.59
C GLN A 328 -11.59 28.78 -32.48
N GLY A 329 -12.76 28.94 -31.88
CA GLY A 329 -13.95 29.40 -32.59
C GLY A 329 -14.79 28.28 -33.16
N GLU A 330 -14.21 27.08 -33.25
CA GLU A 330 -14.87 25.92 -33.86
C GLU A 330 -14.90 24.71 -32.95
N SER A 331 -14.65 24.94 -31.65
CA SER A 331 -14.67 23.90 -30.63
C SER A 331 -14.69 24.53 -29.24
N ASP A 332 -15.78 24.31 -28.50
CA ASP A 332 -15.90 24.76 -27.12
C ASP A 332 -14.86 24.07 -26.22
N GLU A 333 -14.66 22.78 -26.45
CA GLU A 333 -13.63 21.99 -25.76
C GLU A 333 -12.26 22.65 -25.90
N ALA A 334 -11.89 22.98 -27.13
CA ALA A 334 -10.58 23.58 -27.43
C ALA A 334 -10.40 24.94 -26.77
N GLY A 335 -11.49 25.69 -26.62
CA GLY A 335 -11.47 26.95 -25.87
C GLY A 335 -11.09 26.73 -24.41
N GLU A 336 -11.68 25.68 -23.82
CA GLU A 336 -11.39 25.29 -22.45
C GLU A 336 -9.97 24.77 -22.27
N TRP A 337 -9.52 23.96 -23.22
CA TRP A 337 -8.16 23.40 -23.17
C TRP A 337 -7.10 24.47 -23.36
N LEU A 338 -7.39 25.48 -24.17
CA LEU A 338 -6.45 26.60 -24.36
C LEU A 338 -6.35 27.48 -23.12
N ASP A 339 -7.50 27.73 -22.49
CA ASP A 339 -7.52 28.45 -21.22
C ASP A 339 -6.67 27.73 -20.16
N TYR A 340 -6.87 26.43 -20.03
CA TYR A 340 -6.08 25.57 -19.12
C TYR A 340 -4.60 25.67 -19.42
N THR A 341 -4.25 25.55 -20.70
CA THR A 341 -2.87 25.64 -21.16
C THR A 341 -2.23 26.96 -20.76
N VAL A 342 -2.87 28.07 -21.16
CA VAL A 342 -2.33 29.39 -20.88
C VAL A 342 -2.22 29.61 -19.37
N GLU A 343 -3.29 29.34 -18.64
CA GLU A 343 -3.32 29.48 -17.18
C GLU A 343 -2.29 28.60 -16.47
N PHE A 344 -2.10 27.37 -16.94
CA PHE A 344 -1.09 26.50 -16.34
C PHE A 344 0.33 27.05 -16.50
N LEU A 345 0.68 27.46 -17.71
CA LEU A 345 2.01 28.01 -17.97
C LEU A 345 2.25 29.33 -17.23
N ALA A 346 1.19 30.11 -17.03
CA ALA A 346 1.27 31.38 -16.31
C ALA A 346 1.36 31.22 -14.78
N THR A 347 0.82 30.11 -14.27
CA THR A 347 0.61 29.92 -12.83
C THR A 347 1.48 28.82 -12.23
N LEU A 348 1.41 27.62 -12.81
CA LEU A 348 2.04 26.45 -12.20
C LEU A 348 3.38 26.03 -12.78
N TYR A 349 3.69 26.48 -14.00
CA TYR A 349 4.98 26.16 -14.60
C TYR A 349 6.07 27.01 -13.91
N SER A 350 7.10 26.38 -13.35
CA SER A 350 7.24 24.93 -13.19
C SER A 350 7.80 24.67 -11.80
N PRO A 351 7.45 23.51 -11.18
CA PRO A 351 8.04 23.19 -9.89
C PRO A 351 9.53 22.80 -9.97
N TRP A 352 10.03 22.60 -11.19
CA TRP A 352 11.46 22.35 -11.43
C TRP A 352 12.28 23.64 -11.53
N ALA A 353 11.61 24.77 -11.73
CA ALA A 353 12.23 26.07 -12.00
C ALA A 353 12.58 26.82 -10.72
N GLY A 354 13.78 27.37 -10.66
CA GLY A 354 14.18 28.22 -9.55
C GLY A 354 14.07 29.69 -9.93
N THR A 355 13.90 30.55 -8.94
CA THR A 355 13.73 32.00 -9.17
C THR A 355 14.95 32.64 -9.84
N ASP A 356 16.14 32.08 -9.60
CA ASP A 356 17.38 32.55 -10.22
C ASP A 356 17.63 31.95 -11.61
N GLY A 357 16.66 31.20 -12.13
CA GLY A 357 16.76 30.63 -13.48
C GLY A 357 17.22 29.17 -13.55
N GLY A 358 17.46 28.57 -12.38
CA GLY A 358 17.89 27.18 -12.33
C GLY A 358 16.81 26.20 -12.76
N TRP A 359 17.24 25.04 -13.24
CA TRP A 359 16.32 23.95 -13.58
C TRP A 359 16.77 22.70 -12.82
N ALA A 360 15.93 22.25 -11.88
CA ALA A 360 16.31 21.20 -10.93
C ALA A 360 16.78 19.90 -11.57
N GLU A 361 16.22 19.56 -12.72
CA GLU A 361 16.54 18.32 -13.44
C GLU A 361 17.93 18.35 -14.10
N GLY A 362 18.53 19.52 -14.19
CA GLY A 362 19.83 19.66 -14.85
C GLY A 362 19.70 20.27 -16.24
N PRO A 363 20.84 20.73 -16.79
CA PRO A 363 20.83 21.46 -18.06
C PRO A 363 20.41 20.68 -19.32
N HIS A 364 20.65 19.37 -19.38
CA HIS A 364 20.13 18.61 -20.51
C HIS A 364 18.59 18.61 -20.53
N TYR A 365 17.97 18.38 -19.38
CA TYR A 365 16.51 18.43 -19.28
C TYR A 365 15.93 19.85 -19.38
N TRP A 366 16.74 20.84 -19.04
CA TRP A 366 16.42 22.23 -19.38
C TRP A 366 16.30 22.40 -20.91
N MET A 367 17.20 21.77 -21.67
CA MET A 367 17.19 21.89 -23.13
C MET A 367 15.86 21.43 -23.73
N THR A 368 15.50 20.17 -23.48
CA THR A 368 14.25 19.59 -23.97
C THR A 368 13.02 20.29 -23.40
N GLY A 369 13.06 20.59 -22.11
CA GLY A 369 11.95 21.27 -21.42
C GLY A 369 11.70 22.67 -21.94
N MET A 370 12.75 23.47 -22.04
CA MET A 370 12.66 24.82 -22.58
C MET A 370 12.27 24.82 -24.05
N ALA A 371 12.73 23.82 -24.80
CA ALA A 371 12.41 23.72 -26.23
C ALA A 371 10.90 23.79 -26.46
N TYR A 372 10.15 23.04 -25.67
CA TYR A 372 8.71 22.99 -25.88
C TYR A 372 7.94 24.08 -25.16
N LEU A 373 8.50 24.58 -24.07
CA LEU A 373 7.97 25.80 -23.46
C LEU A 373 8.09 26.98 -24.43
N ILE A 374 9.27 27.15 -25.03
CA ILE A 374 9.52 28.23 -25.98
C ILE A 374 8.50 28.21 -27.12
N GLU A 375 8.23 27.03 -27.66
CA GLU A 375 7.22 26.89 -28.73
C GLU A 375 5.84 27.37 -28.29
N ALA A 376 5.40 26.95 -27.11
CA ALA A 376 4.10 27.37 -26.58
C ALA A 376 4.06 28.87 -26.35
N ALA A 377 5.09 29.40 -25.69
CA ALA A 377 5.19 30.82 -25.39
C ALA A 377 5.17 31.69 -26.65
N ASN A 378 5.96 31.30 -27.66
CA ASN A 378 5.98 32.03 -28.94
C ASN A 378 4.64 32.02 -29.64
N LEU A 379 3.96 30.87 -29.63
CA LEU A 379 2.64 30.74 -30.23
C LEU A 379 1.59 31.57 -29.54
N ILE A 380 1.62 31.55 -28.21
CA ILE A 380 0.68 32.27 -27.37
C ILE A 380 0.90 33.78 -27.45
N ARG A 381 2.17 34.21 -27.39
CA ARG A 381 2.49 35.63 -27.52
C ARG A 381 1.96 36.21 -28.83
N SER A 382 2.18 35.49 -29.92
CA SER A 382 1.72 35.89 -31.25
C SER A 382 0.19 35.93 -31.33
N TYR A 383 -0.46 34.86 -30.87
CA TYR A 383 -1.91 34.71 -31.01
C TYR A 383 -2.74 35.65 -30.14
N ILE A 384 -2.38 35.79 -28.87
CA ILE A 384 -3.18 36.63 -27.96
C ILE A 384 -2.42 37.78 -27.31
N GLY A 385 -1.14 37.93 -27.62
CA GLY A 385 -0.35 39.05 -27.12
C GLY A 385 0.06 38.92 -25.66
N TYR A 386 -0.14 37.74 -25.08
CA TYR A 386 0.32 37.49 -23.71
C TYR A 386 1.73 36.89 -23.72
N ASP A 387 2.65 37.52 -22.97
CA ASP A 387 4.07 37.19 -23.01
C ASP A 387 4.55 36.49 -21.73
N LEU A 388 4.66 35.17 -21.78
CA LEU A 388 5.14 34.36 -20.65
C LEU A 388 6.56 34.70 -20.22
N TYR A 389 7.37 35.14 -21.18
CA TYR A 389 8.79 35.45 -20.96
C TYR A 389 9.05 36.58 -19.96
N GLN A 390 8.00 37.35 -19.66
CA GLN A 390 8.08 38.42 -18.67
C GLN A 390 8.17 37.89 -17.24
N ARG A 391 7.73 36.65 -17.03
CA ARG A 391 7.89 36.01 -15.72
C ARG A 391 9.39 35.89 -15.41
N PRO A 392 9.78 36.20 -14.15
CA PRO A 392 11.20 36.29 -13.76
C PRO A 392 12.05 35.06 -14.00
N PHE A 393 11.48 33.86 -13.87
CA PHE A 393 12.24 32.65 -14.19
C PHE A 393 12.81 32.71 -15.61
N PHE A 394 11.96 33.06 -16.58
CA PHE A 394 12.36 33.15 -17.98
C PHE A 394 13.33 34.31 -18.25
N GLN A 395 13.21 35.38 -17.47
CA GLN A 395 14.17 36.49 -17.52
C GLN A 395 15.57 36.03 -17.10
N ASN A 396 15.64 35.03 -16.23
CA ASN A 396 16.90 34.61 -15.61
C ASN A 396 17.47 33.30 -16.17
N THR A 397 16.62 32.47 -16.77
CA THR A 397 17.01 31.08 -17.07
C THR A 397 18.04 30.88 -18.18
N GLY A 398 18.22 31.88 -19.04
CA GLY A 398 19.24 31.81 -20.08
C GLY A 398 20.63 31.55 -19.53
N ARG A 399 20.89 32.03 -18.32
CA ARG A 399 22.21 31.87 -17.73
C ARG A 399 22.49 30.49 -17.12
N PHE A 400 21.45 29.68 -16.92
CA PHE A 400 21.66 28.34 -16.37
C PHE A 400 22.56 27.49 -17.29
N PRO A 401 22.20 27.33 -18.58
CA PRO A 401 23.11 26.61 -19.47
C PRO A 401 24.44 27.33 -19.74
N LEU A 402 24.45 28.65 -19.65
CA LEU A 402 25.67 29.44 -19.80
C LEU A 402 26.72 29.06 -18.74
N TYR A 403 26.26 28.82 -17.50
CA TYR A 403 27.13 28.46 -16.39
C TYR A 403 27.29 26.96 -16.13
N THR A 404 26.43 26.13 -16.73
CA THR A 404 26.50 24.68 -16.51
C THR A 404 26.83 23.87 -17.77
N LYS A 405 26.65 24.49 -18.93
CA LYS A 405 26.93 23.85 -20.23
C LYS A 405 27.72 24.81 -21.15
N ALA A 406 28.82 25.35 -20.65
CA ALA A 406 29.65 26.27 -21.42
C ALA A 406 30.27 25.57 -22.62
N PRO A 407 30.48 26.30 -23.75
CA PRO A 407 31.04 25.70 -24.96
C PRO A 407 32.35 24.98 -24.68
N GLY A 408 32.43 23.72 -25.15
CA GLY A 408 33.62 22.89 -24.92
C GLY A 408 33.53 21.93 -23.75
N THR A 409 32.62 22.19 -22.81
CA THR A 409 32.47 21.30 -21.65
C THR A 409 31.64 20.06 -22.00
N ARG A 410 32.13 18.90 -21.59
CA ARG A 410 31.53 17.62 -21.96
C ARG A 410 30.93 16.87 -20.78
N ARG A 411 31.58 17.00 -19.62
CA ARG A 411 31.23 16.23 -18.42
C ARG A 411 31.31 17.10 -17.17
N ALA A 412 30.82 18.33 -17.26
CA ALA A 412 30.99 19.29 -16.17
C ALA A 412 29.67 19.84 -15.62
N ASN A 413 28.65 18.98 -15.57
CA ASN A 413 27.41 19.33 -14.88
C ASN A 413 26.81 18.13 -14.13
N PHE A 414 25.50 18.13 -13.87
CA PHE A 414 24.86 17.07 -13.08
C PHE A 414 23.53 16.66 -13.69
N GLY A 415 23.10 15.44 -13.35
CA GLY A 415 21.80 14.92 -13.79
C GLY A 415 21.89 14.06 -15.04
N ASP A 416 20.81 13.33 -15.33
CA ASP A 416 20.67 12.58 -16.57
C ASP A 416 20.93 13.45 -17.80
N ASP A 417 21.77 12.95 -18.70
CA ASP A 417 22.17 13.69 -19.90
C ASP A 417 22.44 12.69 -21.03
N SER A 418 21.55 12.65 -22.01
CA SER A 418 21.68 11.67 -23.11
C SER A 418 22.88 11.97 -24.00
N THR A 419 23.43 13.18 -23.87
CA THR A 419 24.60 13.61 -24.64
C THR A 419 25.93 13.44 -23.87
N LEU A 420 25.86 12.93 -22.64
CA LEU A 420 27.00 12.93 -21.71
C LEU A 420 28.29 12.44 -22.35
N GLY A 421 29.31 13.30 -22.30
CA GLY A 421 30.59 12.99 -22.94
C GLY A 421 30.80 13.79 -24.21
N ASP A 422 29.71 14.18 -24.86
CA ASP A 422 29.77 15.00 -26.07
C ASP A 422 29.72 16.48 -25.72
N LEU A 423 30.00 17.31 -26.73
CA LEU A 423 29.84 18.76 -26.63
C LEU A 423 28.37 19.11 -26.43
N PRO A 424 28.08 20.29 -25.83
CA PRO A 424 26.69 20.69 -25.62
C PRO A 424 25.86 20.66 -26.91
N GLY A 425 24.64 20.16 -26.82
CA GLY A 425 23.76 20.02 -27.97
C GLY A 425 23.35 21.35 -28.57
N LEU A 426 23.15 21.35 -29.89
CA LEU A 426 22.71 22.53 -30.64
C LEU A 426 21.52 23.27 -30.04
N LYS A 427 20.50 22.51 -29.62
CA LYS A 427 19.29 23.15 -29.11
C LYS A 427 19.53 23.99 -27.85
N LEU A 428 20.58 23.67 -27.10
CA LEU A 428 21.00 24.52 -25.98
C LEU A 428 21.32 25.96 -26.43
N GLY A 429 22.07 26.09 -27.53
CA GLY A 429 22.37 27.42 -28.08
C GLY A 429 21.13 28.11 -28.60
N TYR A 430 20.34 27.35 -29.37
CA TYR A 430 19.09 27.86 -29.94
C TYR A 430 18.09 28.33 -28.88
N ASN A 431 17.96 27.58 -27.78
CA ASN A 431 17.12 28.02 -26.65
C ASN A 431 17.64 29.31 -26.04
N VAL A 432 18.94 29.37 -25.85
CA VAL A 432 19.56 30.53 -25.21
C VAL A 432 19.44 31.78 -26.09
N ARG A 433 19.57 31.62 -27.40
CA ARG A 433 19.31 32.72 -28.35
C ARG A 433 17.90 33.29 -28.18
N GLN A 434 16.92 32.40 -27.97
CA GLN A 434 15.55 32.85 -27.67
C GLN A 434 15.56 33.81 -26.47
N PHE A 435 16.29 33.43 -25.43
CA PHE A 435 16.39 34.28 -24.23
C PHE A 435 17.24 35.53 -24.45
N ALA A 436 18.18 35.47 -25.40
CA ALA A 436 18.89 36.67 -25.87
C ALA A 436 17.88 37.66 -26.45
N GLY A 437 17.03 37.18 -27.36
CA GLY A 437 15.93 37.97 -27.91
C GLY A 437 15.05 38.64 -26.88
N VAL A 438 14.69 37.89 -25.84
CA VAL A 438 13.82 38.36 -24.77
C VAL A 438 14.47 39.45 -23.91
N THR A 439 15.75 39.28 -23.60
CA THR A 439 16.45 40.10 -22.61
C THR A 439 17.37 41.16 -23.21
N GLY A 440 17.78 40.97 -24.46
CA GLY A 440 18.78 41.83 -25.10
C GLY A 440 20.19 41.51 -24.64
N ASN A 441 20.35 40.41 -23.91
CA ASN A 441 21.64 40.03 -23.35
C ASN A 441 22.58 39.45 -24.41
N GLY A 442 23.70 40.12 -24.63
CA GLY A 442 24.68 39.74 -25.65
C GLY A 442 25.54 38.55 -25.30
N HIS A 443 25.63 38.23 -24.01
CA HIS A 443 26.32 37.00 -23.57
C HIS A 443 25.57 35.77 -24.06
N TYR A 444 24.25 35.83 -24.00
CA TYR A 444 23.39 34.75 -24.50
C TYR A 444 23.60 34.53 -25.99
N GLN A 445 23.70 35.63 -26.75
CA GLN A 445 24.00 35.54 -28.19
C GLN A 445 25.37 34.93 -28.45
N TRP A 446 26.38 35.36 -27.70
CA TRP A 446 27.72 34.78 -27.77
C TRP A 446 27.65 33.27 -27.59
N TYR A 447 26.93 32.84 -26.56
CA TYR A 447 26.76 31.41 -26.25
C TYR A 447 26.17 30.68 -27.46
N PHE A 448 25.12 31.24 -28.05
CA PHE A 448 24.51 30.68 -29.27
C PHE A 448 25.55 30.48 -30.40
N ASP A 449 26.29 31.54 -30.72
CA ASP A 449 27.27 31.49 -31.81
C ASP A 449 28.30 30.38 -31.61
N HIS A 450 28.77 30.22 -30.38
CA HIS A 450 29.82 29.26 -30.08
C HIS A 450 29.35 27.82 -29.94
N ILE A 451 28.16 27.62 -29.38
CA ILE A 451 27.56 26.30 -29.33
C ILE A 451 27.30 25.80 -30.77
N LYS A 452 26.75 26.69 -31.60
CA LYS A 452 26.43 26.36 -32.99
C LYS A 452 27.68 26.00 -33.78
N ALA A 453 28.73 26.80 -33.65
CA ALA A 453 30.00 26.55 -34.33
C ALA A 453 30.61 25.20 -33.93
N ASP A 454 30.59 24.88 -32.64
CA ASP A 454 31.13 23.62 -32.13
C ASP A 454 30.31 22.39 -32.51
N ALA A 455 29.01 22.58 -32.74
CA ALA A 455 28.10 21.43 -32.86
C ALA A 455 27.40 21.21 -34.21
N THR A 456 27.40 22.22 -35.09
CA THR A 456 26.71 22.06 -36.40
C THR A 456 27.30 20.92 -37.22
N GLY A 457 26.45 20.29 -38.02
CA GLY A 457 26.77 19.03 -38.67
C GLY A 457 25.98 17.91 -38.05
N THR A 458 25.36 18.20 -36.90
CA THR A 458 24.48 17.26 -36.20
C THR A 458 22.99 17.65 -36.32
N GLU A 459 22.73 18.60 -37.20
CA GLU A 459 21.39 19.12 -37.48
C GLU A 459 20.44 18.04 -38.01
N MET A 460 20.97 17.17 -38.87
CA MET A 460 20.17 16.13 -39.54
C MET A 460 20.15 14.80 -38.76
N ALA A 461 20.92 14.73 -37.67
CA ALA A 461 20.91 13.57 -36.78
C ALA A 461 19.55 13.44 -36.10
N PHE A 462 19.13 12.20 -35.84
CA PHE A 462 17.75 11.92 -35.41
C PHE A 462 17.30 12.63 -34.13
N TYR A 463 18.25 12.97 -33.25
CA TYR A 463 17.93 13.66 -32.00
C TYR A 463 17.63 15.16 -32.15
N ASN A 464 17.99 15.73 -33.30
CA ASN A 464 17.56 17.08 -33.64
C ASN A 464 16.43 17.03 -34.65
N TYR A 465 16.70 16.43 -35.81
CA TYR A 465 15.74 16.33 -36.92
C TYR A 465 14.39 15.73 -36.51
N GLY A 466 14.41 14.74 -35.63
CA GLY A 466 13.18 14.12 -35.15
C GLY A 466 12.41 14.93 -34.11
N TRP A 467 12.90 16.13 -33.79
CA TRP A 467 12.38 16.92 -32.67
C TRP A 467 12.10 18.39 -32.97
N TRP A 468 12.83 18.96 -33.92
CA TRP A 468 12.68 20.36 -34.30
C TRP A 468 13.43 20.64 -35.58
N ASP A 469 12.85 21.49 -36.42
CA ASP A 469 13.55 22.00 -37.59
C ASP A 469 14.15 23.34 -37.22
N LEU A 470 15.48 23.37 -37.17
CA LEU A 470 16.22 24.56 -36.73
C LEU A 470 16.18 25.71 -37.73
N ASN A 471 15.95 25.37 -39.00
CA ASN A 471 15.69 26.38 -40.03
C ASN A 471 14.39 27.13 -39.80
N PHE A 472 13.37 26.41 -39.32
CA PHE A 472 12.11 27.03 -38.94
C PHE A 472 12.27 27.87 -37.67
N ASP A 473 13.01 27.36 -36.69
CA ASP A 473 13.33 28.14 -35.50
C ASP A 473 13.97 29.48 -35.88
N ASP A 474 14.94 29.44 -36.82
CA ASP A 474 15.58 30.66 -37.35
C ASP A 474 14.59 31.63 -37.98
N LEU A 475 13.78 31.12 -38.89
CA LEU A 475 12.79 31.95 -39.60
C LEU A 475 11.90 32.66 -38.59
N VAL A 476 11.34 31.89 -37.65
CA VAL A 476 10.45 32.43 -36.63
C VAL A 476 11.18 33.47 -35.77
N TYR A 477 12.38 33.12 -35.31
CA TYR A 477 13.14 34.03 -34.45
C TYR A 477 13.46 35.37 -35.11
N ARG A 478 13.93 35.32 -36.36
CA ARG A 478 14.31 36.52 -37.12
C ARG A 478 13.12 37.44 -37.40
N HIS A 479 11.95 36.86 -37.65
CA HIS A 479 10.75 37.65 -37.82
C HIS A 479 10.27 38.26 -36.52
N ASP A 480 10.27 37.46 -35.44
CA ASP A 480 9.64 37.85 -34.18
C ASP A 480 10.53 38.70 -33.28
N TYR A 481 11.84 38.57 -33.41
CA TYR A 481 12.75 39.25 -32.48
C TYR A 481 13.84 40.09 -33.13
N PRO A 482 14.15 41.25 -32.54
CA PRO A 482 15.34 42.00 -32.91
C PRO A 482 16.61 41.18 -32.67
N GLN A 483 17.54 41.25 -33.61
CA GLN A 483 18.78 40.48 -33.50
C GLN A 483 19.71 41.14 -32.50
N VAL A 484 20.28 40.32 -31.63
CA VAL A 484 21.17 40.79 -30.57
C VAL A 484 22.61 40.59 -31.01
N GLU A 485 23.43 41.61 -30.80
CA GLU A 485 24.86 41.53 -31.07
C GLU A 485 25.56 40.74 -29.97
N ALA A 486 26.39 39.77 -30.36
CA ALA A 486 27.17 38.98 -29.42
C ALA A 486 28.13 39.87 -28.60
N VAL A 487 28.23 39.58 -27.32
CA VAL A 487 29.16 40.27 -26.41
C VAL A 487 30.08 39.22 -25.76
N SER A 488 31.39 39.49 -25.76
CA SER A 488 32.38 38.59 -25.16
C SER A 488 32.07 38.31 -23.68
N PRO A 489 32.21 37.04 -23.25
CA PRO A 489 32.01 36.68 -21.85
C PRO A 489 33.20 37.07 -20.96
N ALA A 490 34.11 37.89 -21.48
CA ALA A 490 35.26 38.35 -20.70
C ALA A 490 34.84 39.10 -19.44
N ASP A 491 33.70 39.79 -19.50
CA ASP A 491 33.16 40.55 -18.38
C ASP A 491 32.00 39.85 -17.66
N LEU A 492 31.81 38.57 -17.96
CA LEU A 492 30.76 37.76 -17.32
C LEU A 492 31.13 37.54 -15.85
N PRO A 493 30.16 37.71 -14.94
CA PRO A 493 30.46 37.45 -13.53
C PRO A 493 30.94 36.02 -13.33
N ALA A 494 32.03 35.86 -12.58
CA ALA A 494 32.62 34.55 -12.35
C ALA A 494 31.64 33.63 -11.62
N LEU A 495 30.90 34.18 -10.66
CA LEU A 495 30.04 33.38 -9.81
C LEU A 495 28.57 33.54 -10.16
N ALA A 496 27.89 32.40 -10.34
CA ALA A 496 26.44 32.37 -10.45
C ALA A 496 25.90 31.35 -9.46
N VAL A 497 24.98 31.79 -8.60
CA VAL A 497 24.37 30.93 -7.62
C VAL A 497 22.91 30.73 -8.03
N PHE A 498 22.48 29.47 -8.04
CA PHE A 498 21.09 29.13 -8.30
C PHE A 498 20.53 28.56 -7.01
N ASP A 499 20.02 29.45 -6.17
CA ASP A 499 19.73 29.12 -4.77
C ASP A 499 18.62 28.08 -4.56
N ASP A 500 17.50 28.28 -5.25
CA ASP A 500 16.34 27.38 -5.14
C ASP A 500 16.66 25.92 -5.47
N ILE A 501 17.55 25.70 -6.43
CA ILE A 501 17.94 24.34 -6.83
C ILE A 501 19.25 23.89 -6.18
N GLY A 502 19.97 24.83 -5.59
CA GLY A 502 21.20 24.51 -4.87
C GLY A 502 22.40 24.20 -5.74
N TRP A 503 22.59 24.98 -6.81
CA TRP A 503 23.76 24.82 -7.66
C TRP A 503 24.57 26.12 -7.58
N ALA A 504 25.88 25.98 -7.42
CA ALA A 504 26.78 27.11 -7.44
C ALA A 504 27.82 26.85 -8.50
N THR A 505 28.05 27.85 -9.35
CA THR A 505 28.93 27.69 -10.50
C THR A 505 29.98 28.79 -10.52
N ILE A 506 31.17 28.45 -11.00
CA ILE A 506 32.21 29.43 -11.28
C ILE A 506 32.66 29.27 -12.73
N GLN A 507 32.65 30.38 -13.48
CA GLN A 507 33.22 30.42 -14.82
C GLN A 507 34.40 31.40 -14.85
N LYS A 508 35.52 30.97 -15.42
CA LYS A 508 36.67 31.84 -15.68
C LYS A 508 37.11 31.69 -17.12
N ASP A 509 37.40 32.83 -17.78
CA ASP A 509 38.03 32.84 -19.11
C ASP A 509 37.31 31.96 -20.13
N MET A 510 35.98 32.04 -20.16
CA MET A 510 35.13 31.24 -21.04
C MET A 510 35.55 31.29 -22.52
N GLU A 511 35.97 32.48 -22.97
CA GLU A 511 36.38 32.69 -24.37
C GLU A 511 37.72 32.06 -24.74
N ASP A 512 38.55 31.76 -23.72
CA ASP A 512 39.91 31.28 -23.94
C ASP A 512 40.01 29.75 -23.85
N PRO A 513 40.21 29.07 -25.00
CA PRO A 513 40.23 27.60 -25.04
C PRO A 513 41.31 26.95 -24.17
N ASP A 514 42.32 27.71 -23.77
CA ASP A 514 43.43 27.17 -22.98
C ASP A 514 43.35 27.50 -21.49
N ARG A 515 42.45 28.41 -21.12
N ARG A 515 42.46 28.42 -21.12
CA ARG A 515 42.32 28.89 -19.75
CA ARG A 515 42.33 28.86 -19.73
C ARG A 515 40.93 28.65 -19.15
C ARG A 515 40.90 28.76 -19.17
N HIS A 516 39.96 28.34 -20.02
CA HIS A 516 38.54 28.20 -19.62
C HIS A 516 38.35 27.25 -18.44
N LEU A 517 37.70 27.76 -17.38
CA LEU A 517 37.33 26.95 -16.22
C LEU A 517 35.83 26.92 -16.00
N GLN A 518 35.29 25.73 -15.78
CA GLN A 518 33.90 25.59 -15.31
C GLN A 518 33.85 24.69 -14.07
N PHE A 519 33.49 25.30 -12.94
CA PHE A 519 33.34 24.55 -11.71
C PHE A 519 31.87 24.62 -11.31
N VAL A 520 31.29 23.47 -11.01
CA VAL A 520 29.94 23.48 -10.47
C VAL A 520 29.80 22.60 -9.23
N PHE A 521 29.21 23.19 -8.19
CA PHE A 521 28.95 22.49 -6.93
C PHE A 521 27.45 22.39 -6.75
N LYS A 522 26.99 21.23 -6.31
CA LYS A 522 25.57 20.96 -6.17
C LYS A 522 25.26 20.42 -4.77
N SER A 523 24.21 20.97 -4.16
CA SER A 523 23.65 20.44 -2.93
C SER A 523 22.19 20.87 -2.95
N SER A 524 21.33 19.99 -3.44
CA SER A 524 20.00 20.38 -3.89
C SER A 524 18.85 19.99 -2.97
N PRO A 525 17.93 20.95 -2.70
CA PRO A 525 16.67 20.64 -2.01
C PRO A 525 15.79 19.64 -2.77
N TYR A 526 16.16 19.34 -4.01
CA TYR A 526 15.38 18.39 -4.82
C TYR A 526 15.79 16.94 -4.61
N GLY A 527 16.93 16.75 -3.95
CA GLY A 527 17.46 15.40 -3.67
C GLY A 527 17.75 14.61 -4.94
N SER A 528 17.51 13.31 -4.90
CA SER A 528 17.75 12.42 -6.04
C SER A 528 16.47 12.16 -6.87
N LEU A 529 15.51 13.07 -6.74
CA LEU A 529 14.22 12.96 -7.44
C LEU A 529 14.39 13.01 -8.95
N SER A 530 13.72 12.07 -9.64
CA SER A 530 13.52 12.13 -11.07
C SER A 530 14.84 12.03 -11.83
N HIS A 531 15.24 13.10 -12.52
CA HIS A 531 16.48 13.08 -13.31
C HIS A 531 17.71 13.58 -12.55
N SER A 532 17.51 13.95 -11.28
CA SER A 532 18.61 14.20 -10.36
C SER A 532 19.15 12.92 -9.76
N HIS A 533 20.38 12.98 -9.27
CA HIS A 533 21.08 11.83 -8.70
C HIS A 533 21.38 12.01 -7.21
N GLY A 534 22.00 11.00 -6.60
CA GLY A 534 22.49 11.11 -5.24
C GLY A 534 23.82 11.83 -5.22
N ASP A 535 23.80 13.10 -5.63
CA ASP A 535 25.01 13.88 -5.85
C ASP A 535 25.04 15.20 -5.08
N GLN A 536 24.43 15.23 -3.89
CA GLN A 536 24.46 16.43 -3.06
C GLN A 536 25.85 16.55 -2.45
N ASN A 537 26.33 17.80 -2.33
CA ASN A 537 27.73 18.08 -1.98
C ASN A 537 28.75 17.45 -2.93
N ALA A 538 28.37 17.32 -4.20
CA ALA A 538 29.30 16.86 -5.23
C ALA A 538 29.77 18.05 -6.06
N PHE A 539 30.95 17.90 -6.66
CA PHE A 539 31.49 18.93 -7.55
C PHE A 539 31.93 18.29 -8.86
N VAL A 540 32.06 19.11 -9.89
CA VAL A 540 32.69 18.72 -11.15
C VAL A 540 33.61 19.87 -11.56
N LEU A 541 34.68 19.55 -12.27
CA LEU A 541 35.68 20.56 -12.63
C LEU A 541 36.26 20.38 -14.01
N TYR A 542 36.01 21.38 -14.85
CA TYR A 542 36.62 21.54 -16.16
C TYR A 542 37.58 22.72 -15.99
N ALA A 543 38.85 22.54 -16.33
CA ALA A 543 39.84 23.61 -16.16
C ALA A 543 40.89 23.56 -17.26
N HIS A 544 41.43 24.74 -17.58
CA HIS A 544 42.38 24.88 -18.70
C HIS A 544 41.89 24.21 -19.98
N GLY A 545 40.58 24.34 -20.24
CA GLY A 545 39.96 23.85 -21.46
C GLY A 545 39.74 22.35 -21.54
N GLU A 546 39.75 21.67 -20.40
CA GLU A 546 39.56 20.22 -20.38
C GLU A 546 38.78 19.73 -19.16
N ASP A 547 37.97 18.70 -19.40
CA ASP A 547 37.25 17.98 -18.35
C ASP A 547 38.24 17.19 -17.49
N LEU A 548 38.27 17.53 -16.21
CA LEU A 548 39.24 16.96 -15.27
C LEU A 548 38.56 16.09 -14.21
N ALA A 549 37.84 16.72 -13.28
CA ALA A 549 36.99 15.98 -12.34
C ALA A 549 35.60 15.87 -12.97
N ILE A 550 35.30 14.70 -13.51
CA ILE A 550 34.17 14.53 -14.43
C ILE A 550 32.88 14.01 -13.80
N GLN A 551 31.78 14.32 -14.48
CA GLN A 551 30.56 13.55 -14.36
C GLN A 551 30.86 12.26 -15.15
N SER A 552 30.80 11.11 -14.47
CA SER A 552 31.34 9.87 -15.03
C SER A 552 30.30 8.96 -15.68
N GLY A 553 30.77 7.93 -16.37
CA GLY A 553 29.89 6.96 -17.01
C GLY A 553 29.34 7.45 -18.33
N TYR A 554 28.32 6.75 -18.82
CA TYR A 554 27.69 7.03 -20.10
C TYR A 554 26.19 6.97 -19.92
N TYR A 555 25.45 7.61 -20.83
CA TYR A 555 23.99 7.61 -20.70
C TYR A 555 23.41 6.20 -20.74
N VAL A 556 23.78 5.46 -21.79
CA VAL A 556 23.28 4.12 -22.08
C VAL A 556 21.77 4.12 -22.34
N ALA A 557 20.98 4.23 -21.26
CA ALA A 557 19.52 4.25 -21.32
C ALA A 557 18.95 4.47 -19.91
N PHE A 558 17.75 5.06 -19.85
CA PHE A 558 16.99 5.12 -18.60
C PHE A 558 16.67 3.68 -18.20
N ASN A 559 16.88 3.37 -16.92
CA ASN A 559 16.67 2.02 -16.35
C ASN A 559 17.75 0.97 -16.65
N SER A 560 18.82 1.37 -17.32
CA SER A 560 19.98 0.49 -17.46
C SER A 560 20.68 0.36 -16.11
N GLN A 561 21.57 -0.62 -15.98
CA GLN A 561 22.41 -0.73 -14.80
C GLN A 561 23.32 0.51 -14.66
N MET A 562 23.86 1.00 -15.77
CA MET A 562 24.66 2.22 -15.78
C MET A 562 23.89 3.41 -15.18
N HIS A 563 22.62 3.54 -15.54
CA HIS A 563 21.75 4.57 -15.00
C HIS A 563 21.47 4.34 -13.52
N LEU A 564 20.89 3.19 -13.21
CA LEU A 564 20.35 2.93 -11.88
C LEU A 564 21.42 2.66 -10.83
N ASN A 565 22.49 1.97 -11.23
CA ASN A 565 23.48 1.46 -10.29
C ASN A 565 24.83 2.16 -10.30
N TRP A 566 25.02 3.09 -11.25
CA TRP A 566 26.21 3.93 -11.29
C TRP A 566 25.83 5.40 -11.23
N ARG A 567 25.27 5.90 -12.33
CA ARG A 567 24.97 7.33 -12.49
C ARG A 567 24.05 7.92 -11.42
N ARG A 568 23.03 7.18 -11.01
CA ARG A 568 22.17 7.67 -9.92
C ARG A 568 22.85 7.69 -8.55
N GLN A 569 23.89 6.85 -8.39
CA GLN A 569 24.50 6.59 -7.10
C GLN A 569 25.64 7.55 -6.80
N THR A 570 25.87 7.81 -5.51
CA THR A 570 26.93 8.70 -5.05
C THR A 570 28.32 8.21 -5.42
N ARG A 571 28.48 6.88 -5.53
CA ARG A 571 29.77 6.28 -5.88
C ARG A 571 30.30 6.70 -7.26
N SER A 572 29.43 7.22 -8.14
CA SER A 572 29.87 7.78 -9.42
C SER A 572 30.25 9.26 -9.34
N LYS A 573 30.05 9.86 -8.17
CA LYS A 573 30.20 11.31 -7.99
C LYS A 573 31.52 11.70 -7.30
N ASN A 574 31.90 12.97 -7.49
CA ASN A 574 33.05 13.52 -6.80
C ASN A 574 32.55 14.01 -5.47
N ALA A 575 32.44 13.06 -4.54
CA ALA A 575 31.67 13.22 -3.32
C ALA A 575 32.20 12.24 -2.28
N VAL A 576 31.63 12.28 -1.07
CA VAL A 576 32.00 11.33 -0.03
C VAL A 576 31.02 10.16 0.07
N LEU A 577 31.55 9.03 0.55
CA LEU A 577 30.74 7.93 1.05
C LEU A 577 31.04 7.81 2.53
N ILE A 578 30.02 7.52 3.33
CA ILE A 578 30.18 7.41 4.77
C ILE A 578 29.72 6.02 5.21
N GLY A 579 30.63 5.26 5.81
CA GLY A 579 30.34 3.91 6.24
C GLY A 579 30.05 2.99 5.07
N GLY A 580 30.72 3.25 3.95
CA GLY A 580 30.53 2.48 2.72
C GLY A 580 29.25 2.79 1.95
N LYS A 581 28.44 3.70 2.49
CA LYS A 581 27.13 4.02 1.90
C LYS A 581 27.09 5.42 1.29
N GLY A 582 26.36 5.55 0.19
CA GLY A 582 26.11 6.84 -0.43
C GLY A 582 24.73 7.36 -0.06
N GLN A 583 24.26 8.33 -0.83
CA GLN A 583 22.97 8.96 -0.62
C GLN A 583 21.85 8.10 -1.20
N TYR A 584 20.67 8.15 -0.58
CA TYR A 584 19.52 7.40 -1.10
C TYR A 584 19.23 7.82 -2.53
N ALA A 585 19.27 6.86 -3.44
CA ALA A 585 19.04 7.10 -4.85
C ALA A 585 18.34 5.92 -5.54
N GLU A 586 17.41 5.30 -4.82
CA GLU A 586 16.59 4.22 -5.39
C GLU A 586 15.30 4.78 -6.01
N LYS A 587 14.20 4.03 -5.93
CA LYS A 587 12.98 4.35 -6.70
C LYS A 587 11.87 5.08 -5.96
N ASP A 588 11.89 5.06 -4.62
CA ASP A 588 10.86 5.75 -3.84
C ASP A 588 11.01 7.26 -4.00
N LYS A 589 9.99 7.88 -4.59
CA LYS A 589 10.05 9.29 -4.99
C LYS A 589 10.05 10.22 -3.79
N ALA A 590 9.27 9.88 -2.77
CA ALA A 590 9.25 10.64 -1.52
C ALA A 590 10.60 10.62 -0.80
N LEU A 591 11.23 9.45 -0.75
CA LEU A 591 12.53 9.31 -0.11
C LEU A 591 13.64 9.98 -0.92
N ALA A 592 13.55 9.87 -2.25
CA ALA A 592 14.45 10.55 -3.16
C ALA A 592 14.44 12.06 -2.90
N ARG A 593 13.25 12.63 -2.78
CA ARG A 593 13.08 14.05 -2.48
C ARG A 593 13.58 14.41 -1.08
N ARG A 594 13.34 13.53 -0.11
CA ARG A 594 13.83 13.70 1.27
C ARG A 594 15.36 13.67 1.34
N ALA A 595 15.98 12.89 0.47
CA ALA A 595 17.44 12.75 0.44
C ALA A 595 18.10 13.99 -0.15
N ALA A 596 17.96 15.11 0.56
CA ALA A 596 18.25 16.43 0.01
C ALA A 596 19.50 17.10 0.56
N GLY A 597 19.92 18.16 -0.12
CA GLY A 597 21.00 19.03 0.33
C GLY A 597 20.54 20.48 0.27
N ARG A 598 21.45 21.39 0.57
CA ARG A 598 21.18 22.83 0.42
C ARG A 598 22.48 23.62 0.43
N ILE A 599 22.51 24.72 -0.29
CA ILE A 599 23.61 25.67 -0.17
C ILE A 599 23.39 26.47 1.12
N VAL A 600 24.26 26.24 2.10
CA VAL A 600 24.19 26.97 3.38
C VAL A 600 24.63 28.43 3.21
N SER A 601 25.72 28.64 2.47
CA SER A 601 26.23 29.99 2.24
C SER A 601 27.15 30.04 1.05
N VAL A 602 27.21 31.22 0.44
CA VAL A 602 28.18 31.54 -0.58
C VAL A 602 28.77 32.91 -0.21
N GLU A 603 30.10 32.98 -0.17
CA GLU A 603 30.81 34.23 0.10
C GLU A 603 31.86 34.45 -0.97
N GLU A 604 31.99 35.70 -1.41
CA GLU A 604 32.89 36.06 -2.48
C GLU A 604 33.62 37.37 -2.18
N GLN A 605 34.94 37.32 -2.28
CA GLN A 605 35.80 38.50 -2.27
C GLN A 605 36.94 38.19 -3.25
N PRO A 606 37.73 39.21 -3.65
CA PRO A 606 38.81 38.90 -4.59
C PRO A 606 39.77 37.84 -4.04
N GLY A 607 40.03 36.81 -4.85
CA GLY A 607 40.93 35.73 -4.46
C GLY A 607 40.35 34.65 -3.58
N HIS A 608 39.06 34.76 -3.23
CA HIS A 608 38.43 33.79 -2.32
C HIS A 608 36.92 33.66 -2.50
N VAL A 609 36.49 32.56 -3.08
CA VAL A 609 35.06 32.18 -3.10
C VAL A 609 34.85 31.01 -2.14
N ARG A 610 33.90 31.14 -1.22
CA ARG A 610 33.60 30.06 -0.28
C ARG A 610 32.14 29.65 -0.43
N ILE A 611 31.92 28.38 -0.77
CA ILE A 611 30.58 27.81 -0.90
C ILE A 611 30.44 26.70 0.13
N VAL A 612 29.37 26.73 0.93
CA VAL A 612 29.12 25.67 1.90
C VAL A 612 27.82 24.92 1.57
N GLY A 613 27.93 23.59 1.55
CA GLY A 613 26.79 22.71 1.31
C GLY A 613 26.52 21.80 2.49
N ASP A 614 25.25 21.55 2.76
CA ASP A 614 24.81 20.63 3.80
C ASP A 614 24.02 19.48 3.16
N ALA A 615 24.62 18.29 3.10
CA ALA A 615 23.97 17.11 2.54
C ALA A 615 23.53 16.09 3.60
N THR A 616 23.25 16.56 4.81
CA THR A 616 22.92 15.66 5.92
C THR A 616 21.75 14.70 5.59
N ALA A 617 20.60 15.28 5.23
CA ALA A 617 19.42 14.48 4.92
C ALA A 617 19.69 13.45 3.84
N ALA A 618 20.48 13.83 2.84
CA ALA A 618 20.83 12.96 1.72
C ALA A 618 21.47 11.65 2.13
N TYR A 619 22.35 11.70 3.13
CA TYR A 619 23.00 10.50 3.65
C TYR A 619 22.16 9.83 4.74
N GLN A 620 21.50 10.64 5.56
CA GLN A 620 20.66 10.15 6.67
C GLN A 620 19.57 9.16 6.26
N VAL A 621 18.92 9.44 5.12
CA VAL A 621 17.85 8.57 4.60
C VAL A 621 18.32 7.13 4.47
N ALA A 622 19.56 6.93 4.04
CA ALA A 622 20.12 5.59 3.83
C ALA A 622 20.98 5.10 5.01
N ASN A 623 21.28 5.99 5.95
CA ASN A 623 22.14 5.66 7.08
C ASN A 623 21.79 6.52 8.29
N PRO A 624 20.91 6.01 9.17
CA PRO A 624 20.50 6.75 10.37
C PRO A 624 21.63 7.09 11.34
N LEU A 625 22.80 6.44 11.19
CA LEU A 625 23.98 6.78 12.00
C LEU A 625 24.53 8.19 11.72
N VAL A 626 24.19 8.74 10.56
CA VAL A 626 24.71 10.03 10.12
C VAL A 626 24.02 11.18 10.86
N GLN A 627 24.79 12.14 11.36
CA GLN A 627 24.24 13.28 12.09
C GLN A 627 24.45 14.63 11.41
N LYS A 628 25.56 14.77 10.69
CA LYS A 628 25.90 16.01 10.00
C LYS A 628 26.85 15.73 8.86
N VAL A 629 26.56 16.30 7.69
CA VAL A 629 27.42 16.21 6.51
C VAL A 629 27.54 17.58 5.85
N LEU A 630 28.69 18.22 6.06
CA LEU A 630 28.97 19.52 5.46
C LEU A 630 30.16 19.41 4.52
N ARG A 631 30.10 20.15 3.42
CA ARG A 631 31.23 20.31 2.53
C ARG A 631 31.43 21.78 2.17
N GLU A 632 32.66 22.27 2.41
CA GLU A 632 33.07 23.58 1.95
C GLU A 632 33.95 23.42 0.71
N THR A 633 33.71 24.27 -0.28
CA THR A 633 34.61 24.36 -1.43
C THR A 633 35.11 25.78 -1.53
N HIS A 634 36.43 25.93 -1.50
CA HIS A 634 37.09 27.22 -1.57
C HIS A 634 37.76 27.34 -2.93
N PHE A 635 37.46 28.41 -3.65
CA PHE A 635 38.20 28.73 -4.87
C PHE A 635 39.17 29.84 -4.53
N VAL A 636 40.45 29.53 -4.61
CA VAL A 636 41.49 30.34 -3.97
C VAL A 636 42.41 31.00 -4.99
N ASN A 637 42.54 32.33 -4.86
CA ASN A 637 43.44 33.14 -5.70
C ASN A 637 43.28 32.86 -7.19
N ASP A 638 42.03 32.57 -7.61
CA ASP A 638 41.65 32.25 -8.98
C ASP A 638 42.48 31.13 -9.62
N SER A 639 42.89 30.15 -8.80
CA SER A 639 43.91 29.20 -9.23
C SER A 639 43.67 27.76 -8.78
N TYR A 640 43.31 27.58 -7.51
CA TYR A 640 43.15 26.23 -6.97
C TYR A 640 41.98 26.10 -6.02
N PHE A 641 41.70 24.88 -5.59
CA PHE A 641 40.56 24.63 -4.71
C PHE A 641 40.99 23.98 -3.41
N VAL A 642 40.28 24.31 -2.34
CA VAL A 642 40.40 23.58 -1.10
C VAL A 642 39.01 23.07 -0.73
N ILE A 643 38.92 21.76 -0.55
CA ILE A 643 37.66 21.11 -0.18
C ILE A 643 37.70 20.67 1.29
N VAL A 644 36.72 21.11 2.07
CA VAL A 644 36.64 20.73 3.47
C VAL A 644 35.43 19.85 3.70
N ASP A 645 35.68 18.61 4.12
CA ASP A 645 34.62 17.66 4.46
C ASP A 645 34.51 17.49 5.96
N GLU A 646 33.34 17.81 6.50
CA GLU A 646 33.06 17.65 7.92
C GLU A 646 31.87 16.72 8.11
N VAL A 647 32.11 15.61 8.78
CA VAL A 647 31.10 14.57 8.96
C VAL A 647 31.03 14.20 10.44
N GLU A 648 29.81 14.20 10.99
CA GLU A 648 29.55 13.63 12.31
C GLU A 648 28.59 12.46 12.21
N CYS A 649 28.93 11.37 12.92
CA CYS A 649 28.05 10.21 13.05
C CYS A 649 27.91 9.82 14.52
N SER A 650 26.87 9.04 14.84
CA SER A 650 26.64 8.61 16.22
C SER A 650 27.53 7.42 16.60
N GLU A 651 28.10 6.75 15.59
CA GLU A 651 28.99 5.61 15.78
C GLU A 651 30.13 5.69 14.74
N PRO A 652 31.31 5.10 15.04
CA PRO A 652 32.40 5.17 14.08
C PRO A 652 31.99 4.68 12.68
N GLN A 653 32.17 5.56 11.70
CA GLN A 653 31.92 5.26 10.29
C GLN A 653 33.14 5.72 9.52
N GLU A 654 33.58 4.92 8.56
CA GLU A 654 34.69 5.38 7.73
C GLU A 654 34.25 6.42 6.70
N LEU A 655 35.22 7.13 6.16
CA LEU A 655 34.95 8.17 5.18
C LEU A 655 35.71 7.88 3.91
N GLN A 656 34.99 7.88 2.80
CA GLN A 656 35.59 7.72 1.49
C GLN A 656 35.40 9.00 0.69
N TRP A 657 36.48 9.45 0.07
CA TRP A 657 36.51 10.67 -0.72
C TRP A 657 36.84 10.25 -2.15
N LEU A 658 35.94 10.57 -3.08
CA LEU A 658 36.05 10.09 -4.46
C LEU A 658 36.26 11.22 -5.45
N CYS A 659 37.04 10.93 -6.49
CA CYS A 659 37.20 11.85 -7.62
C CYS A 659 37.40 11.06 -8.90
N HIS A 660 36.58 11.38 -9.90
CA HIS A 660 36.49 10.62 -11.15
C HIS A 660 37.17 11.32 -12.31
N THR A 661 37.83 10.53 -13.15
CA THR A 661 38.62 11.03 -14.27
C THR A 661 38.47 10.15 -15.51
N LEU A 662 38.77 10.71 -16.67
CA LEU A 662 38.70 10.00 -17.94
C LEU A 662 39.74 8.89 -18.05
N GLY A 663 40.93 9.15 -17.51
CA GLY A 663 42.02 8.18 -17.50
C GLY A 663 42.49 7.83 -16.09
N ALA A 664 43.37 6.83 -16.00
CA ALA A 664 43.87 6.36 -14.71
C ALA A 664 44.67 7.43 -13.97
N PRO A 665 44.28 7.71 -12.71
CA PRO A 665 45.12 8.57 -11.90
C PRO A 665 46.29 7.78 -11.32
N GLN A 666 47.39 8.48 -11.04
CA GLN A 666 48.50 7.89 -10.32
C GLN A 666 48.37 8.32 -8.86
N THR A 667 48.71 7.43 -7.94
CA THR A 667 48.51 7.72 -6.52
C THR A 667 49.85 7.79 -5.77
N GLY A 668 49.83 8.43 -4.62
CA GLY A 668 51.00 8.54 -3.75
C GLY A 668 50.58 8.29 -2.31
N ARG A 669 51.43 8.65 -1.36
N ARG A 669 51.46 8.64 -1.38
CA ARG A 669 51.15 8.38 0.05
CA ARG A 669 51.21 8.45 0.04
C ARG A 669 50.02 9.26 0.61
C ARG A 669 50.01 9.25 0.55
N SER A 670 49.95 10.52 0.17
CA SER A 670 48.87 11.42 0.61
C SER A 670 48.33 12.26 -0.55
N SER A 671 48.58 11.80 -1.76
CA SER A 671 48.19 12.53 -2.97
C SER A 671 47.78 11.60 -4.10
N PHE A 672 47.18 12.19 -5.12
CA PHE A 672 46.94 11.53 -6.40
C PHE A 672 47.11 12.58 -7.50
N ARG A 673 47.33 12.12 -8.73
CA ARG A 673 47.51 13.01 -9.85
C ARG A 673 46.89 12.42 -11.11
N TYR A 674 46.22 13.26 -11.89
CA TYR A 674 45.73 12.89 -13.20
C TYR A 674 46.14 13.91 -14.27
N ASN A 675 46.78 13.44 -15.33
CA ASN A 675 47.08 14.29 -16.49
C ASN A 675 46.25 13.86 -17.71
N GLY A 676 45.54 14.82 -18.30
CA GLY A 676 44.76 14.56 -19.51
C GLY A 676 45.55 14.91 -20.75
N ARG A 677 44.84 15.38 -21.78
CA ARG A 677 45.45 15.72 -23.07
C ARG A 677 46.18 17.06 -23.07
N LYS A 678 45.56 18.07 -22.47
CA LYS A 678 46.17 19.40 -22.43
C LYS A 678 46.20 20.01 -21.04
N ALA A 679 45.46 19.40 -20.12
CA ALA A 679 45.41 19.86 -18.73
C ALA A 679 45.55 18.70 -17.76
N GLY A 680 45.76 19.02 -16.49
CA GLY A 680 45.85 18.00 -15.47
C GLY A 680 45.57 18.60 -14.11
N PHE A 681 45.54 17.74 -13.10
CA PHE A 681 45.38 18.18 -11.72
C PHE A 681 45.92 17.18 -10.74
N TYR A 682 46.38 17.66 -9.58
CA TYR A 682 46.69 16.77 -8.49
C TYR A 682 45.84 17.12 -7.29
N GLY A 683 45.62 16.13 -6.43
CA GLY A 683 44.88 16.31 -5.20
C GLY A 683 45.76 15.85 -4.06
N GLN A 684 45.66 16.52 -2.93
CA GLN A 684 46.45 16.17 -1.77
C GLN A 684 45.63 16.30 -0.51
N PHE A 685 45.67 15.25 0.31
CA PHE A 685 44.96 15.23 1.59
C PHE A 685 45.89 15.79 2.67
N VAL A 686 45.75 17.09 2.90
CA VAL A 686 46.67 17.85 3.76
C VAL A 686 46.31 17.73 5.24
N TYR A 687 45.05 17.41 5.52
CA TYR A 687 44.59 17.25 6.89
C TYR A 687 43.44 16.25 6.97
N SER A 688 43.57 15.29 7.89
CA SER A 688 42.52 14.34 8.19
C SER A 688 42.51 14.01 9.68
N SER A 689 41.55 14.56 10.41
CA SER A 689 41.46 14.35 11.84
C SER A 689 41.18 12.90 12.21
N GLY A 690 40.47 12.18 11.33
CA GLY A 690 40.09 10.79 11.59
C GLY A 690 41.18 9.77 11.30
N GLY A 691 42.28 10.22 10.73
CA GLY A 691 43.40 9.34 10.41
C GLY A 691 43.91 9.52 9.01
N THR A 692 45.10 8.98 8.74
CA THR A 692 45.71 9.13 7.43
C THR A 692 44.93 8.33 6.39
N PRO A 693 44.47 9.01 5.33
CA PRO A 693 43.71 8.35 4.28
C PRO A 693 44.55 7.31 3.55
N GLN A 694 43.90 6.21 3.18
CA GLN A 694 44.53 5.21 2.32
C GLN A 694 43.99 5.45 0.91
N ILE A 695 44.89 5.55 -0.06
CA ILE A 695 44.54 5.99 -1.39
C ILE A 695 44.68 4.89 -2.44
N SER A 696 43.63 4.68 -3.23
CA SER A 696 43.61 3.68 -4.29
C SER A 696 43.10 4.28 -5.59
N ALA A 697 43.58 3.73 -6.71
CA ALA A 697 43.03 4.01 -8.02
C ALA A 697 42.16 2.83 -8.45
N VAL A 698 40.96 3.15 -8.91
CA VAL A 698 39.98 2.14 -9.33
C VAL A 698 39.68 2.31 -10.81
N GLU A 699 39.61 1.19 -11.53
CA GLU A 699 39.29 1.18 -12.96
C GLU A 699 37.84 0.79 -13.22
N GLY A 700 37.24 1.44 -14.22
CA GLY A 700 35.94 1.03 -14.74
C GLY A 700 34.75 1.29 -13.84
N PHE A 701 33.68 0.54 -14.09
CA PHE A 701 32.41 0.72 -13.39
C PHE A 701 32.02 -0.55 -12.65
N PRO A 702 32.45 -0.69 -11.39
CA PRO A 702 32.18 -1.93 -10.62
C PRO A 702 30.69 -2.27 -10.52
N ASP A 703 30.38 -3.55 -10.65
CA ASP A 703 29.01 -4.10 -10.54
C ASP A 703 28.07 -3.65 -11.67
N ILE A 704 28.65 -3.13 -12.75
CA ILE A 704 27.87 -2.70 -13.92
C ILE A 704 28.18 -3.63 -15.08
N ASP A 705 27.13 -4.18 -15.70
CA ASP A 705 27.22 -5.03 -16.87
C ASP A 705 28.06 -4.37 -17.96
N PRO A 706 29.23 -4.95 -18.29
CA PRO A 706 30.11 -4.45 -19.36
C PRO A 706 29.51 -4.39 -20.77
N LYS A 707 28.46 -5.17 -21.03
CA LYS A 707 27.77 -5.11 -22.33
C LYS A 707 27.14 -3.73 -22.56
N GLU A 708 26.73 -3.08 -21.48
CA GLU A 708 26.12 -1.76 -21.56
C GLU A 708 27.04 -0.67 -22.11
N PHE A 709 28.35 -0.81 -21.90
CA PHE A 709 29.31 0.15 -22.41
C PHE A 709 30.36 -0.47 -23.31
N GLU A 710 29.96 -1.51 -24.05
CA GLU A 710 30.82 -2.23 -24.97
C GLU A 710 31.39 -1.32 -26.06
N GLY A 711 32.70 -1.40 -26.25
CA GLY A 711 33.40 -0.59 -27.24
C GLY A 711 33.67 0.84 -26.81
N LEU A 712 33.28 1.19 -25.58
CA LEU A 712 33.52 2.52 -25.03
C LEU A 712 34.64 2.47 -23.99
N ASP A 713 35.44 3.53 -23.94
CA ASP A 713 36.49 3.66 -22.92
C ASP A 713 35.90 3.64 -21.52
N ILE A 714 36.55 2.91 -20.62
CA ILE A 714 36.18 2.95 -19.21
C ILE A 714 36.71 4.24 -18.59
N HIS A 715 36.05 4.70 -17.53
CA HIS A 715 36.57 5.82 -16.76
C HIS A 715 37.22 5.29 -15.49
N HIS A 716 37.79 6.20 -14.71
CA HIS A 716 38.53 5.81 -13.52
C HIS A 716 38.11 6.70 -12.35
N HIS A 717 38.49 6.30 -11.15
CA HIS A 717 38.44 7.18 -9.99
C HIS A 717 39.53 6.91 -8.98
N VAL A 718 39.82 7.91 -8.15
CA VAL A 718 40.63 7.75 -6.96
C VAL A 718 39.69 7.60 -5.76
N CYS A 719 40.06 6.72 -4.84
CA CYS A 719 39.32 6.53 -3.60
C CYS A 719 40.28 6.75 -2.45
N ALA A 720 39.94 7.66 -1.54
CA ALA A 720 40.74 7.85 -0.33
C ALA A 720 39.87 7.52 0.87
N THR A 721 40.28 6.49 1.61
CA THR A 721 39.51 5.96 2.72
C THR A 721 40.14 6.34 4.06
N VAL A 722 39.34 6.96 4.93
CA VAL A 722 39.76 7.32 6.27
C VAL A 722 39.17 6.33 7.26
N PRO A 723 40.00 5.77 8.16
CA PRO A 723 39.53 4.87 9.23
C PRO A 723 38.28 5.37 9.94
N ALA A 724 37.44 4.45 10.39
CA ALA A 724 36.16 4.78 11.03
C ALA A 724 36.32 5.70 12.24
N ALA A 725 35.51 6.76 12.26
CA ALA A 725 35.50 7.73 13.34
C ALA A 725 34.09 8.32 13.45
N THR A 726 33.78 8.85 14.63
CA THR A 726 32.49 9.52 14.83
C THR A 726 32.55 10.96 14.31
N ARG A 727 33.76 11.50 14.20
CA ARG A 727 33.97 12.84 13.65
C ARG A 727 35.06 12.82 12.58
N HIS A 728 34.76 13.40 11.43
CA HIS A 728 35.74 13.56 10.37
C HIS A 728 35.89 15.03 10.00
N ARG A 729 37.13 15.45 9.83
CA ARG A 729 37.45 16.70 9.17
C ARG A 729 38.58 16.39 8.18
N LEU A 730 38.22 16.37 6.91
CA LEU A 730 39.16 16.07 5.83
C LEU A 730 39.32 17.29 4.93
N VAL A 731 40.57 17.68 4.73
CA VAL A 731 40.90 18.83 3.90
C VAL A 731 41.71 18.37 2.69
N THR A 732 41.15 18.61 1.51
CA THR A 732 41.76 18.20 0.26
C THR A 732 42.08 19.42 -0.61
N LEU A 733 43.35 19.56 -0.94
CA LEU A 733 43.82 20.60 -1.84
C LEU A 733 43.76 20.05 -3.26
N LEU A 734 43.12 20.77 -4.18
CA LEU A 734 43.01 20.35 -5.58
C LEU A 734 43.60 21.41 -6.49
N VAL A 735 44.66 21.03 -7.21
CA VAL A 735 45.41 22.00 -8.01
C VAL A 735 45.32 21.62 -9.49
N PRO A 736 44.47 22.35 -10.26
CA PRO A 736 44.45 22.15 -11.70
C PRO A 736 45.53 22.99 -12.39
N TYR A 737 45.97 22.54 -13.56
CA TYR A 737 47.03 23.20 -14.30
C TYR A 737 47.00 22.83 -15.77
N SER A 738 47.52 23.73 -16.61
CA SER A 738 47.87 23.41 -17.97
C SER A 738 49.08 22.48 -17.93
N LEU A 739 49.14 21.53 -18.85
CA LEU A 739 50.29 20.61 -18.92
C LEU A 739 51.59 21.34 -19.27
N LYS A 740 51.45 22.52 -19.88
CA LYS A 740 52.59 23.38 -20.23
C LYS A 740 53.20 24.04 -18.98
N GLU A 741 52.35 24.32 -17.98
CA GLU A 741 52.80 24.97 -16.74
C GLU A 741 52.23 24.27 -15.51
N PRO A 742 52.79 23.11 -15.13
CA PRO A 742 52.30 22.39 -13.95
C PRO A 742 52.48 23.23 -12.70
N LYS A 743 51.52 23.15 -11.78
CA LYS A 743 51.54 23.99 -10.60
C LYS A 743 51.70 23.20 -9.30
N ARG A 744 52.31 23.84 -8.32
N ARG A 744 52.33 23.83 -8.31
CA ARG A 744 52.51 23.26 -6.99
CA ARG A 744 52.49 23.25 -6.99
C ARG A 744 52.11 24.24 -5.89
C ARG A 744 52.08 24.25 -5.91
N ILE A 745 51.27 23.78 -4.97
CA ILE A 745 50.84 24.58 -3.83
C ILE A 745 51.36 23.91 -2.56
N PHE A 746 51.95 24.70 -1.67
CA PHE A 746 52.52 24.18 -0.41
C PHE A 746 51.59 24.46 0.74
N SER A 747 51.57 23.56 1.73
CA SER A 747 50.65 23.70 2.86
C SER A 747 51.30 23.39 4.20
N PHE A 748 50.90 24.13 5.22
CA PHE A 748 51.38 23.94 6.59
C PHE A 748 50.20 23.91 7.55
N ILE A 749 50.14 22.86 8.36
CA ILE A 749 49.05 22.70 9.34
C ILE A 749 49.45 23.22 10.71
N ASP A 750 48.64 24.14 11.24
CA ASP A 750 48.75 24.60 12.60
C ASP A 750 47.49 24.15 13.35
N ASP A 751 47.60 22.97 13.97
CA ASP A 751 46.46 22.31 14.62
C ASP A 751 46.39 22.58 16.13
N GLN A 752 47.43 23.23 16.68
CA GLN A 752 47.35 23.72 18.05
C GLN A 752 46.39 24.93 18.08
N GLY A 753 45.74 25.13 19.22
CA GLY A 753 44.77 26.20 19.38
C GLY A 753 43.35 25.67 19.33
N PHE A 754 42.38 26.58 19.42
CA PHE A 754 40.96 26.22 19.36
C PHE A 754 40.48 25.91 17.93
N SER A 755 41.35 26.13 16.96
CA SER A 755 41.01 25.93 15.55
C SER A 755 42.17 25.24 14.82
N THR A 756 41.85 24.57 13.71
CA THR A 756 42.91 24.08 12.84
C THR A 756 43.14 25.08 11.70
N ASP A 757 44.36 25.64 11.69
CA ASP A 757 44.75 26.63 10.70
C ASP A 757 45.64 25.98 9.66
N ILE A 758 45.30 26.19 8.39
CA ILE A 758 46.08 25.67 7.28
C ILE A 758 46.53 26.82 6.39
N TYR A 759 47.85 26.97 6.27
CA TYR A 759 48.47 28.03 5.49
C TYR A 759 48.87 27.46 4.12
N PHE A 760 48.37 28.08 3.06
CA PHE A 760 48.68 27.66 1.69
C PHE A 760 49.53 28.72 1.01
N SER A 761 50.51 28.31 0.21
CA SER A 761 51.30 29.28 -0.54
C SER A 761 51.70 28.75 -1.90
N ASP A 762 51.75 29.63 -2.88
CA ASP A 762 52.26 29.24 -4.18
C ASP A 762 53.74 29.54 -4.31
N VAL A 763 54.24 29.29 -5.51
CA VAL A 763 55.64 29.43 -5.87
C VAL A 763 56.12 30.90 -5.88
N ASP A 764 55.17 31.83 -5.85
CA ASP A 764 55.47 33.27 -5.77
C ASP A 764 55.12 33.80 -4.40
N ASP A 765 55.03 32.87 -3.43
CA ASP A 765 54.65 33.17 -2.05
C ASP A 765 53.36 34.00 -1.94
N GLU A 766 52.41 33.73 -2.84
CA GLU A 766 51.06 34.25 -2.67
C GLU A 766 50.32 33.29 -1.76
N ARG A 767 49.66 33.84 -0.75
CA ARG A 767 49.21 33.05 0.39
C ARG A 767 47.70 33.02 0.58
N PHE A 768 47.23 31.92 1.19
CA PHE A 768 45.85 31.78 1.64
C PHE A 768 45.84 31.06 2.97
N LYS A 769 45.06 31.57 3.91
CA LYS A 769 44.94 30.92 5.23
C LYS A 769 43.52 30.43 5.44
N LEU A 770 43.39 29.13 5.68
CA LEU A 770 42.13 28.51 6.05
C LEU A 770 42.10 28.30 7.55
N SER A 771 41.02 28.75 8.18
CA SER A 771 40.87 28.64 9.62
C SER A 771 39.56 27.94 9.94
N LEU A 772 39.67 26.77 10.55
CA LEU A 772 38.52 25.91 10.84
C LEU A 772 38.36 25.72 12.34
N PRO A 773 37.30 26.32 12.92
CA PRO A 773 37.03 26.20 14.36
C PRO A 773 36.77 24.75 14.81
N LYS A 774 37.31 24.38 15.96
CA LYS A 774 37.09 23.05 16.53
C LYS A 774 36.00 23.05 17.60
N THR B 12 -28.72 -59.68 4.79
CA THR B 12 -29.30 -58.34 5.12
C THR B 12 -28.87 -57.29 4.11
N LEU B 13 -29.82 -56.49 3.65
CA LEU B 13 -29.48 -55.37 2.77
C LEU B 13 -29.09 -54.16 3.61
N LEU B 14 -27.80 -53.81 3.55
CA LEU B 14 -27.29 -52.61 4.20
C LEU B 14 -27.94 -51.37 3.60
N ASP B 15 -28.49 -50.51 4.46
CA ASP B 15 -28.99 -49.20 4.06
C ASP B 15 -27.83 -48.22 4.08
N GLU B 16 -27.66 -47.49 2.98
CA GLU B 16 -26.60 -46.48 2.85
C GLU B 16 -27.23 -45.11 2.61
N PRO B 17 -27.67 -44.44 3.69
CA PRO B 17 -28.46 -43.20 3.58
C PRO B 17 -27.73 -42.06 2.90
N ARG B 18 -28.51 -41.14 2.31
CA ARG B 18 -27.99 -39.89 1.77
C ARG B 18 -27.55 -39.00 2.94
N PRO B 19 -26.36 -38.40 2.84
CA PRO B 19 -25.99 -37.41 3.85
C PRO B 19 -26.87 -36.15 3.77
N GLY B 20 -26.89 -35.36 4.83
CA GLY B 20 -27.64 -34.12 4.85
C GLY B 20 -26.80 -32.90 5.18
N SER B 21 -27.46 -31.75 5.32
CA SER B 21 -26.75 -30.52 5.62
C SER B 21 -26.12 -30.51 7.01
N LEU B 22 -26.64 -31.34 7.92
CA LEU B 22 -26.16 -31.36 9.30
C LEU B 22 -25.76 -32.73 9.85
N THR B 23 -25.50 -33.68 8.95
CA THR B 23 -24.96 -34.96 9.36
C THR B 23 -23.48 -35.07 8.98
N ILE B 24 -22.84 -36.12 9.48
CA ILE B 24 -21.57 -36.58 8.95
C ILE B 24 -21.72 -36.88 7.45
N GLY B 25 -20.59 -36.97 6.75
CA GLY B 25 -20.58 -37.47 5.38
C GLY B 25 -19.92 -38.83 5.33
N TYR B 26 -19.73 -39.37 4.13
CA TYR B 26 -18.94 -40.58 3.95
C TYR B 26 -17.50 -40.21 3.65
N GLU B 27 -16.62 -40.42 4.63
CA GLU B 27 -15.24 -39.98 4.52
C GLU B 27 -14.28 -41.08 4.97
N PRO B 28 -13.06 -41.14 4.37
CA PRO B 28 -12.57 -40.30 3.28
C PRO B 28 -13.11 -40.76 1.93
N SER B 29 -13.00 -39.89 0.93
CA SER B 29 -13.34 -40.24 -0.45
C SER B 29 -12.55 -39.34 -1.41
N GLU B 30 -12.77 -39.52 -2.72
CA GLU B 30 -12.21 -38.64 -3.74
C GLU B 30 -12.76 -37.23 -3.63
N GLU B 31 -13.97 -37.11 -3.08
CA GLU B 31 -14.61 -35.80 -2.86
C GLU B 31 -14.22 -35.20 -1.51
N ALA B 32 -13.55 -35.99 -0.67
CA ALA B 32 -13.13 -35.55 0.66
C ALA B 32 -11.86 -36.29 1.08
N GLN B 33 -10.74 -35.89 0.48
CA GLN B 33 -9.45 -36.54 0.73
C GLN B 33 -9.00 -36.33 2.17
N PRO B 34 -8.38 -37.35 2.78
CA PRO B 34 -7.94 -37.24 4.17
C PRO B 34 -6.91 -36.14 4.37
N THR B 35 -7.04 -35.41 5.48
CA THR B 35 -6.06 -34.41 5.88
C THR B 35 -5.14 -34.99 6.95
N GLU B 36 -5.42 -36.22 7.36
CA GLU B 36 -4.64 -36.91 8.38
C GLU B 36 -4.33 -38.32 7.94
N ASN B 37 -3.28 -38.89 8.55
CA ASN B 37 -2.85 -40.26 8.31
C ASN B 37 -2.68 -40.93 9.66
N PRO B 38 -3.50 -41.96 9.96
CA PRO B 38 -4.51 -42.58 9.10
C PRO B 38 -5.75 -41.69 8.97
N PRO B 39 -6.52 -41.87 7.88
CA PRO B 39 -7.71 -41.06 7.70
C PRO B 39 -8.73 -41.28 8.81
N ARG B 40 -9.60 -40.29 8.97
CA ARG B 40 -10.73 -40.38 9.86
C ARG B 40 -11.89 -40.94 9.04
N PHE B 41 -12.35 -42.14 9.41
CA PHE B 41 -13.43 -42.83 8.71
C PHE B 41 -14.78 -42.53 9.34
N SER B 42 -15.78 -42.27 8.50
CA SER B 42 -17.15 -42.03 8.94
C SER B 42 -18.12 -42.46 7.85
N TRP B 43 -19.28 -42.97 8.27
CA TRP B 43 -20.33 -43.41 7.37
C TRP B 43 -21.68 -43.32 8.07
N LEU B 44 -22.72 -42.98 7.30
CA LEU B 44 -24.06 -42.89 7.86
C LEU B 44 -24.55 -44.29 8.27
N PRO B 45 -25.23 -44.37 9.43
CA PRO B 45 -25.56 -45.68 10.01
C PRO B 45 -26.61 -46.45 9.23
N ASP B 46 -26.63 -47.76 9.45
CA ASP B 46 -27.69 -48.62 8.95
C ASP B 46 -28.98 -48.32 9.72
N ILE B 47 -30.11 -48.76 9.19
CA ILE B 47 -31.41 -48.56 9.83
C ILE B 47 -31.42 -49.03 11.29
N ASP B 48 -30.69 -50.12 11.56
CA ASP B 48 -30.65 -50.71 12.89
C ASP B 48 -29.72 -49.95 13.85
N ASP B 49 -30.28 -49.57 15.00
CA ASP B 49 -29.54 -48.89 16.07
C ASP B 49 -28.45 -49.78 16.69
N GLY B 50 -28.77 -51.06 16.88
CA GLY B 50 -27.87 -51.98 17.56
C GLY B 50 -26.77 -52.56 16.68
N ALA B 51 -26.60 -51.98 15.50
CA ALA B 51 -25.68 -52.50 14.49
C ALA B 51 -24.21 -52.34 14.87
N ARG B 52 -23.43 -53.35 14.54
CA ARG B 52 -21.98 -53.29 14.65
C ARG B 52 -21.40 -53.44 13.25
N TYR B 53 -20.21 -52.90 13.03
CA TYR B 53 -19.66 -52.78 11.69
C TYR B 53 -18.33 -53.48 11.49
N VAL B 54 -18.03 -53.78 10.24
CA VAL B 54 -16.71 -54.24 9.84
C VAL B 54 -16.20 -53.33 8.73
N LEU B 55 -14.99 -52.81 8.90
CA LEU B 55 -14.35 -51.92 7.93
C LEU B 55 -13.14 -52.61 7.31
N ARG B 56 -13.04 -52.53 5.99
CA ARG B 56 -11.83 -52.99 5.31
C ARG B 56 -11.19 -51.93 4.41
N ILE B 57 -9.86 -51.88 4.44
CA ILE B 57 -9.06 -50.93 3.67
C ILE B 57 -8.05 -51.70 2.83
N SER B 58 -8.00 -51.40 1.53
CA SER B 58 -7.11 -52.12 0.61
C SER B 58 -6.57 -51.24 -0.51
N THR B 59 -5.35 -51.55 -0.94
N THR B 59 -5.34 -51.54 -0.92
CA THR B 59 -4.73 -50.88 -2.08
CA THR B 59 -4.72 -50.90 -2.09
C THR B 59 -5.24 -51.47 -3.40
C THR B 59 -5.35 -51.42 -3.39
N ASP B 60 -5.90 -52.62 -3.31
CA ASP B 60 -6.55 -53.28 -4.45
C ASP B 60 -8.07 -53.11 -4.37
N PRO B 61 -8.69 -52.54 -5.42
CA PRO B 61 -10.14 -52.32 -5.49
C PRO B 61 -10.97 -53.61 -5.43
N GLY B 62 -10.30 -54.76 -5.52
CA GLY B 62 -10.96 -56.06 -5.41
C GLY B 62 -10.88 -56.65 -4.00
N PHE B 63 -10.13 -55.99 -3.14
CA PHE B 63 -10.03 -56.34 -1.71
C PHE B 63 -9.60 -57.78 -1.44
N THR B 64 -8.62 -58.27 -2.20
CA THR B 64 -8.08 -59.62 -2.00
C THR B 64 -7.50 -59.76 -0.58
N ASP B 65 -7.74 -60.91 0.03
CA ASP B 65 -7.34 -61.19 1.42
C ASP B 65 -5.98 -60.61 1.81
N LYS B 66 -4.99 -60.82 0.95
CA LYS B 66 -3.59 -60.47 1.24
C LYS B 66 -3.30 -58.96 1.27
N LYS B 67 -4.01 -58.19 0.47
CA LYS B 67 -3.77 -56.75 0.36
C LYS B 67 -4.78 -55.90 1.15
N THR B 68 -5.39 -56.49 2.19
CA THR B 68 -6.53 -55.87 2.86
C THR B 68 -6.45 -55.86 4.39
N LEU B 69 -6.56 -54.67 4.98
CA LEU B 69 -6.73 -54.53 6.41
C LEU B 69 -8.21 -54.66 6.75
N VAL B 70 -8.51 -55.40 7.81
CA VAL B 70 -9.89 -55.62 8.25
C VAL B 70 -10.01 -55.23 9.72
N PHE B 71 -10.97 -54.35 10.00
CA PHE B 71 -11.25 -53.92 11.37
C PHE B 71 -12.64 -54.42 11.75
N GLU B 72 -12.67 -55.41 12.63
CA GLU B 72 -13.89 -56.15 12.96
C GLU B 72 -14.57 -55.63 14.21
N ASP B 73 -15.86 -55.94 14.31
CA ASP B 73 -16.67 -55.68 15.52
C ASP B 73 -16.61 -54.23 16.01
N LEU B 74 -16.76 -53.30 15.08
CA LEU B 74 -16.73 -51.87 15.41
C LEU B 74 -18.06 -51.44 16.01
N ALA B 75 -17.99 -50.74 17.15
CA ALA B 75 -19.19 -50.35 17.90
C ALA B 75 -19.94 -49.17 17.27
N TRP B 76 -19.22 -48.35 16.52
CA TRP B 76 -19.80 -47.12 15.98
C TRP B 76 -19.55 -46.94 14.49
N ASN B 77 -20.31 -46.03 13.89
CA ASN B 77 -20.23 -45.74 12.47
C ASN B 77 -19.12 -44.72 12.13
N PHE B 78 -18.08 -44.69 12.96
CA PHE B 78 -16.90 -43.86 12.71
C PHE B 78 -15.69 -44.57 13.31
N PHE B 79 -14.52 -44.36 12.70
CA PHE B 79 -13.33 -45.10 13.10
C PHE B 79 -12.02 -44.42 12.69
N THR B 80 -11.06 -44.38 13.61
CA THR B 80 -9.68 -44.00 13.30
C THR B 80 -8.75 -45.16 13.69
N PRO B 81 -8.02 -45.72 12.70
CA PRO B 81 -7.04 -46.81 12.93
C PRO B 81 -5.89 -46.42 13.84
N ASP B 82 -5.22 -47.42 14.41
CA ASP B 82 -4.17 -47.16 15.41
C ASP B 82 -2.75 -46.97 14.86
N GLU B 83 -2.62 -46.99 13.54
CA GLU B 83 -1.34 -46.70 12.89
C GLU B 83 -1.51 -46.06 11.52
N ALA B 84 -0.55 -45.20 11.18
CA ALA B 84 -0.54 -44.50 9.92
C ALA B 84 -0.39 -45.46 8.76
N LEU B 85 -0.97 -45.12 7.61
CA LEU B 85 -0.85 -45.95 6.42
C LEU B 85 0.37 -45.54 5.59
N PRO B 86 1.02 -46.51 4.92
CA PRO B 86 2.05 -46.18 3.93
C PRO B 86 1.47 -45.33 2.81
N ASP B 87 2.31 -44.56 2.13
CA ASP B 87 1.85 -43.71 1.03
C ASP B 87 1.28 -44.55 -0.11
N GLY B 88 0.30 -44.01 -0.82
CA GLY B 88 -0.33 -44.72 -1.93
C GLY B 88 -1.81 -44.41 -2.12
N HIS B 89 -2.44 -45.14 -3.02
CA HIS B 89 -3.88 -44.99 -3.30
C HIS B 89 -4.65 -46.18 -2.73
N TYR B 90 -5.68 -45.87 -1.94
CA TYR B 90 -6.41 -46.90 -1.19
C TYR B 90 -7.89 -46.94 -1.54
N HIS B 91 -8.54 -48.04 -1.16
CA HIS B 91 -9.98 -48.21 -1.29
C HIS B 91 -10.54 -48.75 0.03
N TRP B 92 -11.80 -48.43 0.32
CA TRP B 92 -12.45 -48.90 1.53
C TRP B 92 -13.95 -49.08 1.37
N CYS B 93 -14.48 -50.05 2.13
CA CYS B 93 -15.91 -50.29 2.22
C CYS B 93 -16.24 -50.87 3.59
N TYR B 94 -17.52 -50.88 3.95
CA TYR B 94 -17.95 -51.39 5.24
C TYR B 94 -19.18 -52.29 5.09
N ALA B 95 -19.46 -53.08 6.11
CA ALA B 95 -20.67 -53.91 6.16
C ALA B 95 -21.14 -54.05 7.60
N LEU B 96 -22.32 -54.64 7.77
CA LEU B 96 -22.81 -54.99 9.10
C LEU B 96 -22.08 -56.22 9.59
N TRP B 97 -21.76 -56.25 10.88
CA TRP B 97 -20.98 -57.32 11.48
C TRP B 97 -21.79 -58.07 12.54
N ASP B 98 -21.95 -59.37 12.32
CA ASP B 98 -22.59 -60.25 13.29
C ASP B 98 -21.53 -60.78 14.26
N GLN B 99 -21.66 -60.39 15.52
CA GLN B 99 -20.66 -60.64 16.55
C GLN B 99 -20.52 -62.11 16.95
N LYS B 100 -21.66 -62.77 17.20
CA LYS B 100 -21.69 -64.17 17.66
C LYS B 100 -21.07 -65.15 16.66
N SER B 101 -21.28 -64.92 15.37
CA SER B 101 -20.73 -65.78 14.33
C SER B 101 -19.41 -65.22 13.79
N ALA B 102 -19.01 -64.06 14.30
CA ALA B 102 -17.81 -63.34 13.85
C ALA B 102 -17.69 -63.27 12.33
N THR B 103 -18.74 -62.73 11.70
CA THR B 103 -18.79 -62.60 10.23
C THR B 103 -19.62 -61.38 9.81
N ALA B 104 -19.45 -60.97 8.55
CA ALA B 104 -20.26 -59.92 7.95
C ALA B 104 -21.64 -60.48 7.57
N HIS B 105 -22.70 -59.86 8.08
CA HIS B 105 -24.05 -60.36 7.80
C HIS B 105 -24.85 -59.50 6.81
N SER B 106 -24.17 -58.54 6.17
CA SER B 106 -24.78 -57.75 5.11
C SER B 106 -23.84 -57.68 3.91
N ASN B 107 -24.38 -57.20 2.79
CA ASN B 107 -23.56 -56.86 1.63
C ASN B 107 -22.63 -55.70 1.97
N TRP B 108 -21.53 -55.61 1.24
CA TRP B 108 -20.56 -54.53 1.41
C TRP B 108 -21.10 -53.23 0.82
N SER B 109 -20.70 -52.12 1.43
CA SER B 109 -21.10 -50.79 1.00
C SER B 109 -20.45 -50.42 -0.33
N THR B 110 -20.86 -49.27 -0.86
CA THR B 110 -20.17 -48.62 -1.97
C THR B 110 -18.69 -48.48 -1.62
N VAL B 111 -17.84 -48.76 -2.60
CA VAL B 111 -16.39 -48.62 -2.43
C VAL B 111 -15.99 -47.17 -2.68
N ARG B 112 -15.20 -46.62 -1.75
CA ARG B 112 -14.68 -45.25 -1.84
C ARG B 112 -13.15 -45.26 -1.77
N SER B 113 -12.52 -44.26 -2.37
CA SER B 113 -11.07 -44.25 -2.53
C SER B 113 -10.40 -42.98 -2.01
N PHE B 114 -9.15 -43.10 -1.61
CA PHE B 114 -8.39 -41.97 -1.08
C PHE B 114 -6.89 -42.12 -1.30
N GLU B 115 -6.18 -40.99 -1.26
CA GLU B 115 -4.73 -40.97 -1.39
C GLU B 115 -4.07 -40.69 -0.03
N ILE B 116 -2.97 -41.38 0.24
CA ILE B 116 -2.10 -41.09 1.38
C ILE B 116 -0.73 -40.63 0.86
N SER B 117 -0.26 -39.48 1.35
CA SER B 117 1.09 -39.01 1.07
C SER B 117 1.90 -38.82 2.36
N GLU B 118 3.22 -38.72 2.20
CA GLU B 118 4.15 -38.46 3.29
C GLU B 118 3.81 -37.15 4.01
N ALA B 119 3.29 -36.18 3.25
CA ALA B 119 2.97 -34.83 3.76
C ALA B 119 1.81 -34.77 4.76
N LEU B 120 0.95 -35.79 4.78
CA LEU B 120 -0.13 -35.86 5.76
C LEU B 120 0.42 -36.09 7.17
N PRO B 121 -0.04 -35.28 8.15
CA PRO B 121 0.36 -35.50 9.53
C PRO B 121 -0.02 -36.90 10.01
N LYS B 122 0.91 -37.58 10.67
CA LYS B 122 0.66 -38.93 11.18
C LYS B 122 0.10 -38.88 12.59
N THR B 123 -1.23 -39.00 12.68
CA THR B 123 -1.95 -38.81 13.94
C THR B 123 -2.79 -40.05 14.26
N PRO B 124 -2.15 -41.21 14.52
CA PRO B 124 -2.95 -42.40 14.77
C PRO B 124 -3.65 -42.35 16.13
N LEU B 125 -4.76 -43.07 16.25
CA LEU B 125 -5.46 -43.21 17.52
C LEU B 125 -5.18 -44.58 18.13
N PRO B 126 -4.49 -44.63 19.28
CA PRO B 126 -4.30 -45.90 19.96
C PRO B 126 -5.64 -46.60 20.22
N GLY B 127 -5.71 -47.89 19.90
CA GLY B 127 -6.93 -48.68 20.08
C GLY B 127 -7.34 -48.83 21.53
N ARG B 128 -8.55 -49.37 21.72
CA ARG B 128 -9.14 -49.51 23.05
C ARG B 128 -8.25 -50.28 24.04
N SER B 129 -7.60 -51.35 23.57
CA SER B 129 -6.70 -52.14 24.42
C SER B 129 -5.58 -51.30 24.98
N ALA B 130 -4.85 -50.61 24.10
CA ALA B 130 -3.73 -49.76 24.49
C ALA B 130 -4.15 -48.62 25.40
N ARG B 131 -5.32 -48.04 25.13
CA ARG B 131 -5.86 -46.95 25.94
C ARG B 131 -6.23 -47.41 27.35
N HIS B 132 -6.81 -48.61 27.46
CA HIS B 132 -7.20 -49.16 28.76
C HIS B 132 -5.98 -49.54 29.61
N ALA B 133 -4.91 -49.98 28.95
CA ALA B 133 -3.64 -50.32 29.61
C ALA B 133 -2.88 -49.09 30.11
N ALA B 134 -3.02 -47.96 29.41
CA ALA B 134 -2.38 -46.70 29.83
C ALA B 134 -3.03 -46.07 31.06
N ALA B 135 -4.32 -46.36 31.25
CA ALA B 135 -5.09 -45.82 32.36
C ALA B 135 -4.79 -46.54 33.68
N GLN B 136 -4.27 -45.79 34.64
N GLN B 136 -4.26 -45.82 34.65
CA GLN B 136 -4.05 -46.29 35.99
CA GLN B 136 -4.01 -46.41 35.97
C GLN B 136 -5.38 -46.49 36.72
C GLN B 136 -5.29 -46.41 36.83
N THR B 137 -5.40 -47.41 37.69
CA THR B 137 -6.61 -47.65 38.48
C THR B 137 -6.62 -46.91 39.82
N SER B 138 -5.51 -46.29 40.19
CA SER B 138 -5.44 -45.53 41.44
C SER B 138 -6.11 -44.16 41.32
N HIS B 139 -6.25 -43.49 42.45
CA HIS B 139 -6.79 -42.13 42.50
C HIS B 139 -5.77 -41.20 43.17
N PRO B 140 -5.71 -39.91 42.76
CA PRO B 140 -6.55 -39.24 41.77
C PRO B 140 -6.16 -39.55 40.33
N ARG B 141 -7.01 -39.16 39.39
CA ARG B 141 -6.81 -39.39 37.96
C ARG B 141 -6.99 -38.08 37.17
N LEU B 142 -7.82 -37.19 37.71
CA LEU B 142 -8.12 -35.92 37.07
C LEU B 142 -7.03 -34.90 37.32
N TRP B 143 -6.43 -34.42 36.23
CA TRP B 143 -5.24 -33.55 36.23
C TRP B 143 -3.98 -34.29 36.73
N LEU B 144 -3.91 -34.58 38.02
CA LEU B 144 -2.76 -35.31 38.57
C LEU B 144 -3.07 -36.76 38.88
N ASN B 145 -2.13 -37.64 38.57
CA ASN B 145 -2.17 -39.02 39.06
C ASN B 145 -1.55 -39.10 40.46
N SER B 146 -1.51 -40.30 41.04
CA SER B 146 -0.98 -40.48 42.40
C SER B 146 0.52 -40.12 42.57
N GLU B 147 1.34 -40.49 41.58
CA GLU B 147 2.76 -40.10 41.56
C GLU B 147 2.93 -38.57 41.58
N GLN B 148 2.26 -37.90 40.63
CA GLN B 148 2.39 -36.47 40.44
C GLN B 148 1.93 -35.68 41.67
N LEU B 149 0.87 -36.17 42.31
CA LEU B 149 0.35 -35.55 43.53
C LEU B 149 1.39 -35.60 44.66
N SER B 150 2.09 -36.72 44.77
CA SER B 150 3.11 -36.92 45.80
C SER B 150 4.26 -35.94 45.61
N ALA B 151 4.76 -35.85 44.39
CA ALA B 151 5.81 -34.90 44.01
C ALA B 151 5.40 -33.45 44.26
N PHE B 152 4.15 -33.12 43.91
CA PHE B 152 3.64 -31.77 44.11
C PHE B 152 3.48 -31.41 45.59
N ALA B 153 3.01 -32.38 46.37
CA ALA B 153 2.84 -32.21 47.81
C ALA B 153 4.19 -32.06 48.53
N ASP B 154 5.17 -32.86 48.13
CA ASP B 154 6.53 -32.78 48.69
C ASP B 154 7.19 -31.43 48.41
N ALA B 155 7.05 -30.96 47.17
CA ALA B 155 7.59 -29.68 46.75
C ALA B 155 6.94 -28.51 47.48
N VAL B 156 5.61 -28.54 47.60
CA VAL B 156 4.84 -27.52 48.31
C VAL B 156 5.17 -27.45 49.81
N ALA B 157 5.50 -28.59 50.41
CA ALA B 157 5.93 -28.67 51.80
C ALA B 157 7.22 -27.87 52.05
N LYS B 158 8.14 -27.94 51.09
CA LYS B 158 9.42 -27.22 51.15
C LYS B 158 9.29 -25.75 50.74
N ASP B 159 8.58 -25.51 49.64
CA ASP B 159 8.32 -24.15 49.16
C ASP B 159 6.85 -24.02 48.72
N PRO B 160 6.03 -23.31 49.52
CA PRO B 160 4.61 -23.10 49.21
C PRO B 160 4.33 -22.26 47.96
N ASN B 161 5.40 -21.73 47.34
CA ASN B 161 5.28 -20.96 46.10
C ASN B 161 5.46 -21.81 44.83
N HIS B 162 5.76 -23.10 45.02
CA HIS B 162 5.93 -24.07 43.93
C HIS B 162 4.73 -24.06 42.96
N CYS B 163 5.02 -23.88 41.67
CA CYS B 163 4.00 -23.75 40.61
C CYS B 163 2.93 -22.72 40.92
N GLY B 164 3.30 -21.70 41.68
CA GLY B 164 2.36 -20.65 42.11
C GLY B 164 1.25 -21.17 43.01
N TRP B 165 1.56 -22.18 43.82
CA TRP B 165 0.57 -22.80 44.70
C TRP B 165 -0.08 -21.81 45.67
N ALA B 166 0.77 -20.99 46.32
CA ALA B 166 0.30 -20.03 47.32
C ALA B 166 -0.68 -19.01 46.71
N GLU B 167 -0.40 -18.61 45.47
CA GLU B 167 -1.28 -17.73 44.73
C GLU B 167 -2.64 -18.40 44.49
N PHE B 168 -2.61 -19.68 44.12
CA PHE B 168 -3.83 -20.46 43.92
C PHE B 168 -4.61 -20.65 45.22
N TYR B 169 -3.89 -20.96 46.31
CA TYR B 169 -4.51 -21.14 47.62
C TYR B 169 -5.20 -19.85 48.08
N GLU B 170 -4.50 -18.73 47.96
CA GLU B 170 -5.02 -17.42 48.38
C GLU B 170 -6.27 -17.02 47.61
N LYS B 171 -6.28 -17.26 46.30
CA LYS B 171 -7.35 -16.80 45.42
C LYS B 171 -8.52 -17.78 45.27
N SER B 172 -8.21 -19.08 45.22
CA SER B 172 -9.20 -20.10 44.86
C SER B 172 -9.52 -21.15 45.93
N VAL B 173 -8.73 -21.21 47.00
CA VAL B 173 -8.99 -22.16 48.09
C VAL B 173 -9.55 -21.46 49.33
N GLU B 174 -8.89 -20.39 49.76
CA GLU B 174 -9.30 -19.65 50.97
C GLU B 174 -10.74 -19.14 51.01
N PRO B 175 -11.26 -18.55 49.91
CA PRO B 175 -12.64 -18.06 49.92
C PRO B 175 -13.70 -19.12 50.27
N TRP B 176 -13.33 -20.40 50.20
CA TRP B 176 -14.28 -21.49 50.48
C TRP B 176 -14.17 -22.03 51.90
N LEU B 177 -13.11 -21.66 52.60
CA LEU B 177 -12.87 -22.08 53.98
C LEU B 177 -13.93 -21.61 54.97
N GLU B 178 -14.33 -20.34 54.85
CA GLU B 178 -15.32 -19.76 55.77
C GLU B 178 -16.74 -19.77 55.20
N ARG B 179 -16.86 -20.10 53.92
CA ARG B 179 -18.16 -20.11 53.23
C ARG B 179 -19.02 -21.30 53.64
N PRO B 180 -20.28 -21.05 54.04
CA PRO B 180 -21.25 -22.10 54.37
C PRO B 180 -21.58 -22.96 53.14
N VAL B 181 -21.74 -24.27 53.37
CA VAL B 181 -22.08 -25.20 52.29
C VAL B 181 -23.32 -24.72 51.51
N MET B 182 -23.21 -24.76 50.18
CA MET B 182 -24.25 -24.25 49.28
C MET B 182 -25.57 -24.99 49.45
N PRO B 183 -26.65 -24.25 49.79
CA PRO B 183 -27.97 -24.85 49.86
C PRO B 183 -28.46 -25.29 48.47
N GLU B 184 -29.25 -26.35 48.43
CA GLU B 184 -29.77 -26.87 47.17
C GLU B 184 -30.62 -25.82 46.46
N PRO B 185 -30.27 -25.51 45.20
CA PRO B 185 -31.08 -24.61 44.36
C PRO B 185 -32.54 -25.05 44.30
N GLN B 186 -33.45 -24.09 44.41
CA GLN B 186 -34.88 -24.38 44.46
C GLN B 186 -35.57 -24.13 43.11
N PRO B 187 -36.60 -24.95 42.80
CA PRO B 187 -37.39 -24.77 41.57
C PRO B 187 -37.97 -23.36 41.43
N TYR B 188 -38.15 -22.92 40.18
CA TYR B 188 -38.64 -21.57 39.89
C TYR B 188 -40.05 -21.35 40.47
N PRO B 189 -40.31 -20.14 41.01
CA PRO B 189 -41.58 -19.75 41.64
C PRO B 189 -42.84 -20.42 41.06
N ASN B 190 -42.95 -20.46 39.73
CA ASN B 190 -44.08 -21.09 39.05
C ASN B 190 -43.65 -22.21 38.09
N ASN B 191 -42.39 -22.63 38.23
CA ASN B 191 -41.70 -23.49 37.24
C ASN B 191 -41.48 -22.77 35.89
N THR B 192 -41.88 -21.50 35.84
CA THR B 192 -41.62 -20.62 34.70
C THR B 192 -40.20 -20.08 34.85
N ARG B 193 -39.34 -20.37 33.87
CA ARG B 193 -37.95 -19.96 33.90
C ARG B 193 -37.78 -18.47 33.63
N VAL B 194 -37.13 -17.79 34.57
CA VAL B 194 -36.71 -16.40 34.38
C VAL B 194 -35.20 -16.39 34.22
N ALA B 195 -34.69 -15.57 33.30
CA ALA B 195 -33.26 -15.51 32.99
C ALA B 195 -32.38 -15.13 34.19
N THR B 196 -32.96 -14.44 35.17
CA THR B 196 -32.22 -13.94 36.33
C THR B 196 -31.83 -15.05 37.31
N LEU B 197 -32.79 -15.89 37.67
CA LEU B 197 -32.57 -16.98 38.63
C LEU B 197 -32.07 -18.27 37.98
N TRP B 198 -32.19 -18.35 36.66
CA TRP B 198 -31.60 -19.44 35.89
C TRP B 198 -30.07 -19.31 35.89
N ARG B 199 -29.60 -18.07 35.72
CA ARG B 199 -28.18 -17.76 35.75
C ARG B 199 -27.58 -17.93 37.14
N GLN B 200 -28.28 -17.41 38.15
CA GLN B 200 -27.84 -17.53 39.54
C GLN B 200 -27.70 -19.00 39.95
N MET B 201 -28.58 -19.84 39.44
CA MET B 201 -28.63 -21.26 39.76
C MET B 201 -27.40 -22.05 39.29
N TYR B 202 -26.96 -21.81 38.05
CA TYR B 202 -25.77 -22.50 37.54
C TYR B 202 -24.48 -21.90 38.06
N ILE B 203 -24.52 -20.61 38.42
CA ILE B 203 -23.41 -19.98 39.12
C ILE B 203 -23.23 -20.62 40.50
N ASP B 204 -24.35 -20.85 41.19
CA ASP B 204 -24.36 -21.59 42.46
C ASP B 204 -23.72 -22.97 42.30
N CYS B 205 -24.03 -23.65 41.20
CA CYS B 205 -23.47 -24.97 40.92
C CYS B 205 -22.00 -24.92 40.51
N GLN B 206 -21.58 -23.81 39.89
CA GLN B 206 -20.15 -23.58 39.58
C GLN B 206 -19.34 -23.41 40.86
N GLU B 207 -19.89 -22.66 41.80
CA GLU B 207 -19.26 -22.44 43.10
C GLU B 207 -19.11 -23.75 43.85
N VAL B 208 -20.04 -24.67 43.60
CA VAL B 208 -19.98 -26.03 44.13
C VAL B 208 -18.81 -26.84 43.54
N ILE B 209 -18.53 -26.65 42.25
CA ILE B 209 -17.32 -27.23 41.63
C ILE B 209 -16.07 -26.70 42.32
N TYR B 210 -15.96 -25.38 42.42
CA TYR B 210 -14.79 -24.73 43.00
C TYR B 210 -14.55 -25.19 44.43
N ALA B 211 -15.58 -25.08 45.26
CA ALA B 211 -15.50 -25.52 46.65
C ALA B 211 -15.01 -26.96 46.76
N ILE B 212 -15.77 -27.90 46.21
CA ILE B 212 -15.40 -29.32 46.24
C ILE B 212 -14.02 -29.57 45.64
N ARG B 213 -13.78 -29.08 44.42
CA ARG B 213 -12.51 -29.33 43.73
C ARG B 213 -11.32 -28.63 44.40
N HIS B 214 -11.44 -27.34 44.70
CA HIS B 214 -10.30 -26.62 45.24
C HIS B 214 -9.94 -27.01 46.67
N LEU B 215 -10.95 -27.24 47.52
CA LEU B 215 -10.71 -27.73 48.89
C LEU B 215 -10.12 -29.14 48.87
N ALA B 216 -10.58 -29.97 47.93
CA ALA B 216 -10.09 -31.35 47.77
C ALA B 216 -8.62 -31.41 47.34
N ILE B 217 -8.25 -30.58 46.36
N ILE B 217 -8.26 -30.58 46.35
CA ILE B 217 -6.87 -30.50 45.88
CA ILE B 217 -6.88 -30.47 45.86
C ILE B 217 -5.94 -29.96 46.98
C ILE B 217 -5.96 -29.96 46.98
N ALA B 218 -6.39 -28.89 47.65
CA ALA B 218 -5.62 -28.28 48.74
C ALA B 218 -5.44 -29.19 49.95
N GLY B 219 -6.46 -30.01 50.22
CA GLY B 219 -6.38 -31.02 51.27
C GLY B 219 -5.36 -32.10 50.98
N ARG B 220 -5.33 -32.56 49.73
CA ARG B 220 -4.39 -33.61 49.31
C ARG B 220 -2.97 -33.10 49.09
N VAL B 221 -2.86 -31.83 48.69
CA VAL B 221 -1.55 -31.22 48.43
C VAL B 221 -0.85 -30.86 49.75
N LEU B 222 -1.61 -30.31 50.69
CA LEU B 222 -1.09 -29.89 51.98
C LEU B 222 -1.22 -30.96 53.07
N GLY B 223 -1.73 -32.14 52.70
CA GLY B 223 -1.98 -33.22 53.64
C GLY B 223 -2.81 -32.79 54.83
N ARG B 224 -3.85 -31.99 54.57
CA ARG B 224 -4.64 -31.36 55.62
C ARG B 224 -6.05 -31.95 55.67
N ASP B 225 -6.33 -32.69 56.73
CA ASP B 225 -7.63 -33.34 56.90
C ASP B 225 -8.78 -32.37 57.13
N ASP B 226 -8.47 -31.18 57.64
CA ASP B 226 -9.51 -30.15 57.82
C ASP B 226 -10.05 -29.63 56.49
N LEU B 227 -9.22 -29.65 55.46
CA LEU B 227 -9.63 -29.21 54.13
C LEU B 227 -10.39 -30.31 53.40
N LEU B 228 -9.92 -31.55 53.57
CA LEU B 228 -10.57 -32.74 53.01
C LEU B 228 -11.96 -32.98 53.59
N ASP B 229 -12.13 -32.73 54.90
CA ASP B 229 -13.42 -32.84 55.56
C ASP B 229 -14.38 -31.74 55.09
N ALA B 230 -13.85 -30.54 54.93
CA ALA B 230 -14.64 -29.42 54.43
C ALA B 230 -15.08 -29.67 52.99
N SER B 231 -14.20 -30.30 52.21
CA SER B 231 -14.51 -30.71 50.84
C SER B 231 -15.57 -31.82 50.82
N ARG B 232 -15.39 -32.81 51.69
CA ARG B 232 -16.31 -33.94 51.84
C ARG B 232 -17.71 -33.48 52.26
N LYS B 233 -17.76 -32.49 53.15
CA LYS B 233 -19.02 -31.91 53.61
C LYS B 233 -19.84 -31.36 52.43
N TRP B 234 -19.17 -30.66 51.52
CA TRP B 234 -19.79 -30.15 50.29
C TRP B 234 -20.20 -31.29 49.36
N LEU B 235 -19.31 -32.25 49.17
CA LEU B 235 -19.54 -33.37 48.26
C LEU B 235 -20.76 -34.19 48.65
N LEU B 236 -20.85 -34.56 49.92
CA LEU B 236 -21.96 -35.39 50.41
C LEU B 236 -23.30 -34.63 50.39
N ALA B 237 -23.25 -33.33 50.61
CA ALA B 237 -24.44 -32.47 50.54
C ALA B 237 -24.98 -32.36 49.12
N VAL B 238 -24.06 -32.17 48.16
CA VAL B 238 -24.41 -32.06 46.74
C VAL B 238 -24.88 -33.41 46.21
N ALA B 239 -24.24 -34.49 46.65
CA ALA B 239 -24.65 -35.85 46.31
C ALA B 239 -26.05 -36.16 46.86
N ALA B 240 -26.48 -35.38 47.85
CA ALA B 240 -27.78 -35.56 48.48
C ALA B 240 -28.88 -34.73 47.82
N TRP B 241 -28.50 -33.83 46.92
CA TRP B 241 -29.47 -33.04 46.16
C TRP B 241 -30.34 -33.94 45.29
N ASP B 242 -31.57 -33.52 45.04
CA ASP B 242 -32.52 -34.30 44.27
C ASP B 242 -32.09 -34.40 42.81
N THR B 243 -31.69 -35.61 42.40
CA THR B 243 -31.26 -35.87 41.02
C THR B 243 -32.40 -35.72 40.02
N LYS B 244 -33.63 -35.70 40.53
CA LYS B 244 -34.82 -35.46 39.73
C LYS B 244 -35.43 -34.10 40.08
N GLY B 245 -34.68 -33.31 40.83
CA GLY B 245 -35.13 -31.99 41.28
C GLY B 245 -34.70 -30.86 40.38
N ALA B 246 -34.42 -29.70 40.99
CA ALA B 246 -34.08 -28.49 40.25
C ALA B 246 -32.75 -28.60 39.49
N THR B 247 -31.75 -29.24 40.11
CA THR B 247 -30.41 -29.37 39.50
C THR B 247 -30.27 -30.58 38.58
N SER B 248 -31.40 -31.17 38.17
CA SER B 248 -31.38 -32.21 37.16
C SER B 248 -31.04 -31.59 35.81
N ARG B 249 -30.51 -32.40 34.90
CA ARG B 249 -30.21 -31.95 33.54
C ARG B 249 -31.49 -31.49 32.84
N ALA B 250 -32.61 -32.13 33.15
CA ALA B 250 -33.90 -31.85 32.52
C ALA B 250 -34.51 -30.51 32.94
N TYR B 251 -34.23 -30.09 34.17
CA TYR B 251 -34.76 -28.83 34.71
C TYR B 251 -33.85 -27.64 34.38
N ASN B 252 -32.57 -27.78 34.69
CA ASN B 252 -31.56 -26.78 34.35
C ASN B 252 -30.25 -27.50 34.01
N ASP B 253 -30.00 -27.66 32.71
CA ASP B 253 -28.85 -28.45 32.25
C ASP B 253 -27.51 -27.82 32.58
N GLU B 254 -27.43 -26.49 32.52
CA GLU B 254 -26.26 -25.75 32.96
C GLU B 254 -25.90 -26.11 34.40
N ALA B 255 -26.91 -26.22 35.26
CA ALA B 255 -26.73 -26.63 36.66
C ALA B 255 -26.36 -28.11 36.78
N GLY B 256 -27.07 -28.96 36.03
CA GLY B 256 -26.84 -30.40 36.03
C GLY B 256 -25.47 -30.81 35.52
N PHE B 257 -24.96 -30.08 34.53
CA PHE B 257 -23.62 -30.33 34.00
C PHE B 257 -22.58 -30.09 35.08
N ARG B 258 -22.78 -29.02 35.83
CA ARG B 258 -21.82 -28.61 36.85
C ARG B 258 -21.81 -29.52 38.09
N VAL B 259 -22.97 -30.05 38.46
CA VAL B 259 -23.07 -31.00 39.58
C VAL B 259 -22.28 -32.28 39.30
N VAL B 260 -22.44 -32.83 38.10
CA VAL B 260 -21.66 -33.98 37.65
C VAL B 260 -20.16 -33.74 37.76
N VAL B 261 -19.70 -32.59 37.28
CA VAL B 261 -18.27 -32.24 37.32
C VAL B 261 -17.80 -32.11 38.76
N ALA B 262 -18.60 -31.43 39.58
CA ALA B 262 -18.36 -31.30 41.01
C ALA B 262 -18.23 -32.66 41.69
N LEU B 263 -19.17 -33.56 41.38
CA LEU B 263 -19.17 -34.92 41.93
C LEU B 263 -17.96 -35.72 41.43
N ALA B 264 -17.60 -35.51 40.17
CA ALA B 264 -16.46 -36.22 39.57
C ALA B 264 -15.13 -35.89 40.24
N TRP B 265 -14.88 -34.60 40.47
CA TRP B 265 -13.64 -34.15 41.12
C TRP B 265 -13.60 -34.58 42.58
N GLY B 266 -14.74 -34.44 43.27
CA GLY B 266 -14.89 -34.87 44.65
C GLY B 266 -14.62 -36.34 44.84
N TYR B 267 -15.32 -37.17 44.06
CA TYR B 267 -15.11 -38.61 44.09
C TYR B 267 -13.65 -39.00 43.80
N ASP B 268 -13.08 -38.36 42.78
CA ASP B 268 -11.73 -38.71 42.32
C ASP B 268 -10.63 -38.36 43.33
N TRP B 269 -10.70 -37.15 43.89
CA TRP B 269 -9.65 -36.67 44.78
C TRP B 269 -9.87 -37.02 46.26
N LEU B 270 -11.11 -37.31 46.64
CA LEU B 270 -11.42 -37.71 48.02
C LEU B 270 -11.62 -39.22 48.16
N TYR B 271 -11.26 -39.98 47.12
CA TYR B 271 -11.48 -41.42 47.07
C TYR B 271 -11.14 -42.15 48.37
N ASP B 272 -9.89 -42.01 48.82
CA ASP B 272 -9.41 -42.69 50.02
C ASP B 272 -9.94 -42.05 51.31
N HIS B 273 -10.22 -40.75 51.25
CA HIS B 273 -10.74 -40.03 52.40
C HIS B 273 -12.18 -40.42 52.74
N LEU B 274 -12.96 -40.72 51.71
CA LEU B 274 -14.32 -41.21 51.86
C LEU B 274 -14.32 -42.66 52.33
N SER B 275 -15.35 -43.04 53.07
CA SER B 275 -15.52 -44.44 53.47
C SER B 275 -16.05 -45.26 52.30
N GLU B 276 -16.03 -46.58 52.43
CA GLU B 276 -16.58 -47.47 51.41
C GLU B 276 -18.07 -47.18 51.18
N ASP B 277 -18.77 -46.86 52.26
CA ASP B 277 -20.19 -46.51 52.23
C ASP B 277 -20.41 -45.13 51.63
N GLU B 278 -19.48 -44.21 51.88
CA GLU B 278 -19.53 -42.87 51.31
C GLU B 278 -19.21 -42.88 49.80
N ARG B 279 -18.26 -43.72 49.41
CA ARG B 279 -17.94 -43.95 47.99
C ARG B 279 -19.14 -44.53 47.26
N ARG B 280 -19.81 -45.48 47.91
CA ARG B 280 -21.03 -46.10 47.37
C ARG B 280 -22.10 -45.05 47.08
N THR B 281 -22.28 -44.11 48.00
CA THR B 281 -23.25 -43.03 47.86
C THR B 281 -22.88 -42.07 46.72
N VAL B 282 -21.63 -41.59 46.73
CA VAL B 282 -21.18 -40.62 45.73
C VAL B 282 -21.16 -41.22 44.33
N ARG B 283 -20.59 -42.43 44.21
CA ARG B 283 -20.51 -43.14 42.93
C ARG B 283 -21.89 -43.35 42.30
N SER B 284 -22.86 -43.73 43.13
CA SER B 284 -24.21 -44.02 42.68
C SER B 284 -24.90 -42.80 42.08
N VAL B 285 -24.73 -41.64 42.71
CA VAL B 285 -25.32 -40.40 42.24
C VAL B 285 -24.60 -39.86 41.01
N LEU B 286 -23.27 -40.01 41.00
CA LEU B 286 -22.44 -39.60 39.85
C LEU B 286 -22.81 -40.42 38.62
N LEU B 287 -22.87 -41.74 38.76
CA LEU B 287 -23.24 -42.63 37.67
C LEU B 287 -24.64 -42.34 37.12
N GLU B 288 -25.60 -42.12 38.02
CA GLU B 288 -26.99 -41.81 37.64
C GLU B 288 -27.06 -40.52 36.81
N ARG B 289 -26.47 -39.45 37.33
CA ARG B 289 -26.43 -38.16 36.64
C ARG B 289 -25.62 -38.22 35.33
N THR B 290 -24.53 -38.99 35.34
CA THR B 290 -23.68 -39.15 34.15
C THR B 290 -24.40 -39.90 33.03
N ARG B 291 -25.24 -40.88 33.40
CA ARG B 291 -26.03 -41.65 32.43
C ARG B 291 -27.02 -40.76 31.69
N GLU B 292 -27.59 -39.79 32.41
CA GLU B 292 -28.51 -38.80 31.87
C GLU B 292 -27.83 -37.92 30.80
N VAL B 293 -26.60 -37.49 31.06
CA VAL B 293 -25.80 -36.71 30.10
C VAL B 293 -25.41 -37.57 28.89
N ALA B 294 -24.98 -38.80 29.16
CA ALA B 294 -24.57 -39.74 28.12
C ALA B 294 -25.73 -40.08 27.18
N ASP B 295 -26.91 -40.29 27.75
CA ASP B 295 -28.13 -40.56 26.98
C ASP B 295 -28.43 -39.39 26.04
N HIS B 296 -28.35 -38.17 26.55
CA HIS B 296 -28.60 -37.00 25.72
C HIS B 296 -27.58 -36.87 24.57
N VAL B 297 -26.30 -37.01 24.89
CA VAL B 297 -25.22 -36.89 23.90
C VAL B 297 -25.27 -37.99 22.82
N ILE B 298 -25.40 -39.24 23.26
CA ILE B 298 -25.30 -40.39 22.37
C ILE B 298 -26.64 -40.77 21.73
N ALA B 299 -27.70 -40.79 22.52
CA ALA B 299 -29.01 -41.24 22.05
C ALA B 299 -29.89 -40.12 21.49
N HIS B 300 -29.87 -38.95 22.12
CA HIS B 300 -30.73 -37.85 21.67
C HIS B 300 -30.01 -36.97 20.64
N ALA B 301 -28.98 -36.25 21.07
CA ALA B 301 -28.19 -35.43 20.15
C ALA B 301 -27.58 -36.28 19.02
N ARG B 302 -27.17 -37.50 19.36
N ARG B 302 -27.20 -37.51 19.36
CA ARG B 302 -26.68 -38.48 18.39
CA ARG B 302 -26.66 -38.49 18.41
C ARG B 302 -25.50 -37.92 17.57
C ARG B 302 -25.51 -37.91 17.57
N ILE B 303 -24.52 -37.35 18.28
CA ILE B 303 -23.42 -36.59 17.63
C ILE B 303 -22.51 -37.37 16.68
N HIS B 304 -22.53 -38.70 16.76
CA HIS B 304 -21.82 -39.54 15.79
C HIS B 304 -22.55 -39.59 14.44
N VAL B 305 -23.74 -39.02 14.40
CA VAL B 305 -24.49 -38.81 13.16
C VAL B 305 -24.67 -37.30 12.92
N PHE B 306 -24.91 -36.55 14.00
CA PHE B 306 -25.13 -35.10 13.96
C PHE B 306 -24.01 -34.35 14.72
N PRO B 307 -22.81 -34.23 14.09
CA PRO B 307 -21.64 -33.73 14.81
C PRO B 307 -21.57 -32.20 14.94
N TYR B 308 -22.55 -31.48 14.38
CA TYR B 308 -22.61 -30.01 14.48
C TYR B 308 -23.22 -29.53 15.79
N ASP B 309 -23.70 -30.45 16.60
CA ASP B 309 -24.39 -30.12 17.85
C ASP B 309 -23.38 -29.76 18.94
N SER B 310 -22.97 -28.48 18.94
CA SER B 310 -21.92 -27.97 19.83
C SER B 310 -22.31 -28.00 21.30
N HIS B 311 -23.61 -27.91 21.58
CA HIS B 311 -24.11 -28.02 22.95
C HIS B 311 -23.84 -29.43 23.50
N ALA B 312 -24.17 -30.43 22.70
CA ALA B 312 -23.89 -31.83 23.03
C ALA B 312 -22.39 -32.15 23.07
N VAL B 313 -21.63 -31.58 22.14
CA VAL B 313 -20.17 -31.73 22.11
C VAL B 313 -19.56 -31.15 23.39
N ARG B 314 -20.04 -29.99 23.79
CA ARG B 314 -19.63 -29.36 25.05
C ARG B 314 -19.84 -30.25 26.27
N SER B 315 -21.00 -30.91 26.36
CA SER B 315 -21.23 -31.80 27.49
C SER B 315 -20.41 -33.08 27.37
N LEU B 316 -20.17 -33.57 26.16
CA LEU B 316 -19.25 -34.69 25.94
C LEU B 316 -17.86 -34.34 26.47
N SER B 317 -17.39 -33.15 26.11
CA SER B 317 -16.03 -32.72 26.41
C SER B 317 -15.85 -32.33 27.89
N ALA B 318 -16.71 -31.45 28.39
CA ALA B 318 -16.54 -30.85 29.71
C ALA B 318 -17.17 -31.64 30.86
N VAL B 319 -18.14 -32.49 30.53
CA VAL B 319 -18.92 -33.18 31.54
C VAL B 319 -18.70 -34.70 31.52
N LEU B 320 -18.89 -35.33 30.36
CA LEU B 320 -18.67 -36.76 30.22
C LEU B 320 -17.23 -37.18 30.49
N THR B 321 -16.28 -36.36 30.05
CA THR B 321 -14.86 -36.69 30.19
C THR B 321 -14.41 -36.83 31.67
N PRO B 322 -14.61 -35.79 32.51
CA PRO B 322 -14.20 -35.96 33.91
C PRO B 322 -15.03 -37.01 34.66
N ALA B 323 -16.31 -37.12 34.33
CA ALA B 323 -17.19 -38.11 34.97
C ALA B 323 -16.74 -39.53 34.73
N CYS B 324 -16.49 -39.88 33.47
CA CYS B 324 -16.12 -41.24 33.10
C CYS B 324 -14.73 -41.64 33.59
N ILE B 325 -13.77 -40.70 33.57
CA ILE B 325 -12.44 -40.94 34.13
C ILE B 325 -12.53 -41.32 35.62
N ALA B 326 -13.25 -40.50 36.40
CA ALA B 326 -13.52 -40.77 37.82
C ALA B 326 -14.14 -42.13 38.09
N LEU B 327 -15.01 -42.59 37.18
CA LEU B 327 -15.78 -43.83 37.33
C LEU B 327 -15.16 -45.08 36.71
N GLN B 328 -14.03 -44.93 36.01
CA GLN B 328 -13.36 -46.07 35.35
C GLN B 328 -12.99 -47.15 36.36
N GLY B 329 -13.18 -48.41 35.96
CA GLY B 329 -12.84 -49.55 36.82
C GLY B 329 -14.00 -50.11 37.61
N GLU B 330 -14.99 -49.26 37.92
CA GLU B 330 -16.17 -49.69 38.66
C GLU B 330 -17.48 -49.28 37.98
N SER B 331 -17.49 -49.32 36.66
CA SER B 331 -18.64 -48.99 35.83
C SER B 331 -18.36 -49.36 34.37
N ASP B 332 -19.06 -50.37 33.89
CA ASP B 332 -18.93 -50.83 32.50
C ASP B 332 -19.43 -49.80 31.50
N GLU B 333 -20.53 -49.12 31.85
CA GLU B 333 -21.09 -48.06 31.03
C GLU B 333 -20.08 -46.93 30.82
N ALA B 334 -19.51 -46.44 31.91
CA ALA B 334 -18.51 -45.36 31.90
C ALA B 334 -17.30 -45.71 31.04
N GLY B 335 -16.96 -47.00 30.98
CA GLY B 335 -15.93 -47.49 30.08
C GLY B 335 -16.29 -47.24 28.63
N GLU B 336 -17.51 -47.64 28.25
CA GLU B 336 -18.03 -47.40 26.90
C GLU B 336 -18.11 -45.92 26.55
N TRP B 337 -18.61 -45.12 27.49
CA TRP B 337 -18.76 -43.67 27.28
C TRP B 337 -17.42 -42.96 27.12
N LEU B 338 -16.41 -43.41 27.86
CA LEU B 338 -15.07 -42.83 27.73
C LEU B 338 -14.46 -43.15 26.38
N ASP B 339 -14.63 -44.39 25.92
CA ASP B 339 -14.13 -44.78 24.60
C ASP B 339 -14.83 -43.96 23.51
N TYR B 340 -16.16 -43.87 23.58
CA TYR B 340 -16.94 -43.02 22.67
C TYR B 340 -16.41 -41.57 22.67
N THR B 341 -16.18 -41.03 23.86
CA THR B 341 -15.69 -39.66 24.03
C THR B 341 -14.33 -39.45 23.35
N VAL B 342 -13.36 -40.31 23.67
CA VAL B 342 -12.02 -40.24 23.10
C VAL B 342 -12.06 -40.43 21.58
N GLU B 343 -12.83 -41.42 21.13
CA GLU B 343 -12.95 -41.73 19.70
C GLU B 343 -13.66 -40.62 18.91
N PHE B 344 -14.69 -40.01 19.49
CA PHE B 344 -15.39 -38.91 18.81
C PHE B 344 -14.42 -37.76 18.58
N LEU B 345 -13.75 -37.34 19.64
CA LEU B 345 -12.81 -36.24 19.59
C LEU B 345 -11.65 -36.50 18.63
N ALA B 346 -11.23 -37.76 18.53
CA ALA B 346 -10.13 -38.14 17.65
C ALA B 346 -10.53 -38.24 16.18
N THR B 347 -11.82 -38.44 15.94
CA THR B 347 -12.32 -38.80 14.61
C THR B 347 -13.26 -37.74 13.99
N LEU B 348 -14.27 -37.33 14.76
CA LEU B 348 -15.34 -36.49 14.22
C LEU B 348 -15.26 -35.01 14.55
N TYR B 349 -14.59 -34.68 15.66
CA TYR B 349 -14.35 -33.28 16.01
C TYR B 349 -13.42 -32.63 14.97
N SER B 350 -13.85 -31.56 14.31
CA SER B 350 -15.22 -31.03 14.35
C SER B 350 -15.59 -30.61 12.94
N PRO B 351 -16.88 -30.76 12.54
CA PRO B 351 -17.31 -30.26 11.24
C PRO B 351 -17.25 -28.74 11.09
N TRP B 352 -17.14 -28.02 12.21
CA TRP B 352 -16.99 -26.56 12.21
C TRP B 352 -15.54 -26.12 11.98
N ALA B 353 -14.61 -27.06 12.10
CA ALA B 353 -13.17 -26.80 12.04
C ALA B 353 -12.61 -26.90 10.63
N GLY B 354 -11.75 -25.95 10.27
CA GLY B 354 -11.07 -25.98 8.97
C GLY B 354 -9.63 -26.41 9.15
N THR B 355 -9.05 -26.99 8.09
CA THR B 355 -7.68 -27.51 8.14
C THR B 355 -6.64 -26.44 8.51
N ASP B 356 -6.91 -25.19 8.12
CA ASP B 356 -6.00 -24.07 8.40
C ASP B 356 -6.19 -23.46 9.79
N GLY B 357 -7.07 -24.06 10.59
CA GLY B 357 -7.30 -23.62 11.97
C GLY B 357 -8.54 -22.77 12.19
N GLY B 358 -9.27 -22.50 11.11
CA GLY B 358 -10.49 -21.70 11.17
C GLY B 358 -11.63 -22.38 11.91
N TRP B 359 -12.54 -21.57 12.43
CA TRP B 359 -13.76 -22.07 13.09
C TRP B 359 -14.95 -21.38 12.45
N ALA B 360 -15.76 -22.16 11.74
CA ALA B 360 -16.86 -21.66 10.92
C ALA B 360 -17.85 -20.77 11.68
N GLU B 361 -18.08 -21.08 12.95
CA GLU B 361 -19.03 -20.33 13.78
C GLU B 361 -18.55 -18.92 14.14
N GLY B 362 -17.27 -18.65 13.91
CA GLY B 362 -16.68 -17.37 14.28
C GLY B 362 -15.83 -17.46 15.54
N PRO B 363 -14.98 -16.44 15.76
CA PRO B 363 -14.02 -16.44 16.88
C PRO B 363 -14.63 -16.42 18.28
N HIS B 364 -15.80 -15.81 18.48
CA HIS B 364 -16.44 -15.90 19.79
C HIS B 364 -16.85 -17.34 20.13
N TYR B 365 -17.44 -18.03 19.16
CA TYR B 365 -17.80 -19.44 19.37
C TYR B 365 -16.61 -20.39 19.38
N TRP B 366 -15.53 -19.97 18.74
CA TRP B 366 -14.23 -20.61 18.91
C TRP B 366 -13.84 -20.56 20.40
N MET B 367 -14.05 -19.42 21.05
CA MET B 367 -13.65 -19.25 22.46
C MET B 367 -14.32 -20.27 23.37
N THR B 368 -15.66 -20.30 23.35
CA THR B 368 -16.42 -21.24 24.17
C THR B 368 -16.11 -22.68 23.76
N GLY B 369 -16.15 -22.96 22.47
CA GLY B 369 -15.87 -24.30 21.92
C GLY B 369 -14.50 -24.87 22.28
N MET B 370 -13.45 -24.09 22.07
CA MET B 370 -12.09 -24.52 22.44
C MET B 370 -11.94 -24.66 23.94
N ALA B 371 -12.62 -23.81 24.70
CA ALA B 371 -12.54 -23.87 26.16
C ALA B 371 -12.86 -25.25 26.71
N TYR B 372 -13.95 -25.84 26.21
N TYR B 372 -13.92 -25.88 26.22
CA TYR B 372 -14.43 -27.15 26.65
CA TYR B 372 -14.28 -27.18 26.77
C TYR B 372 -13.55 -28.26 26.10
C TYR B 372 -13.69 -28.38 26.03
N LEU B 373 -13.18 -28.15 24.82
CA LEU B 373 -12.33 -29.13 24.16
C LEU B 373 -10.97 -29.22 24.85
N ILE B 374 -10.40 -28.05 25.19
CA ILE B 374 -9.13 -27.98 25.90
C ILE B 374 -9.18 -28.75 27.23
N GLU B 375 -10.24 -28.55 28.01
CA GLU B 375 -10.41 -29.27 29.27
C GLU B 375 -10.41 -30.79 29.04
N ALA B 376 -11.11 -31.24 28.01
CA ALA B 376 -11.18 -32.67 27.66
C ALA B 376 -9.83 -33.21 27.20
N ALA B 377 -9.18 -32.49 26.29
CA ALA B 377 -7.86 -32.86 25.79
C ALA B 377 -6.83 -32.97 26.92
N ASN B 378 -6.84 -32.00 27.83
CA ASN B 378 -5.94 -31.99 28.98
C ASN B 378 -6.18 -33.14 29.97
N LEU B 379 -7.44 -33.43 30.25
CA LEU B 379 -7.79 -34.56 31.12
C LEU B 379 -7.42 -35.89 30.48
N ILE B 380 -7.66 -36.02 29.18
CA ILE B 380 -7.36 -37.25 28.43
C ILE B 380 -5.85 -37.47 28.28
N ARG B 381 -5.12 -36.42 27.93
CA ARG B 381 -3.65 -36.51 27.81
C ARG B 381 -3.04 -36.94 29.15
N SER B 382 -3.45 -36.29 30.23
CA SER B 382 -2.95 -36.61 31.56
C SER B 382 -3.30 -38.04 32.00
N TYR B 383 -4.48 -38.52 31.62
CA TYR B 383 -4.99 -39.80 32.12
C TYR B 383 -4.49 -41.01 31.33
N ILE B 384 -4.48 -40.93 30.00
CA ILE B 384 -4.07 -42.06 29.18
C ILE B 384 -2.95 -41.74 28.19
N GLY B 385 -2.38 -40.55 28.32
CA GLY B 385 -1.24 -40.13 27.50
C GLY B 385 -1.51 -39.98 26.02
N TYR B 386 -2.78 -40.00 25.62
CA TYR B 386 -3.15 -39.70 24.23
C TYR B 386 -3.31 -38.19 24.06
N ASP B 387 -2.65 -37.64 23.06
CA ASP B 387 -2.59 -36.18 22.88
C ASP B 387 -3.38 -35.73 21.64
N LEU B 388 -4.57 -35.20 21.87
CA LEU B 388 -5.44 -34.71 20.78
C LEU B 388 -4.84 -33.52 20.03
N TYR B 389 -4.05 -32.71 20.73
CA TYR B 389 -3.43 -31.49 20.19
C TYR B 389 -2.48 -31.72 19.02
N GLN B 390 -2.12 -32.98 18.79
CA GLN B 390 -1.25 -33.36 17.67
C GLN B 390 -2.00 -33.38 16.34
N ARG B 391 -3.34 -33.41 16.41
CA ARG B 391 -4.16 -33.31 15.21
C ARG B 391 -3.96 -31.91 14.60
N PRO B 392 -3.82 -31.84 13.27
CA PRO B 392 -3.39 -30.62 12.57
C PRO B 392 -4.27 -29.39 12.81
N PHE B 393 -5.58 -29.57 12.95
CA PHE B 393 -6.46 -28.45 13.28
C PHE B 393 -6.01 -27.74 14.56
N PHE B 394 -5.69 -28.49 15.61
CA PHE B 394 -5.27 -27.90 16.90
C PHE B 394 -3.87 -27.27 16.83
N GLN B 395 -3.04 -27.79 15.95
CA GLN B 395 -1.74 -27.19 15.66
C GLN B 395 -1.90 -25.79 15.07
N ASN B 396 -2.91 -25.62 14.22
CA ASN B 396 -3.12 -24.38 13.45
C ASN B 396 -4.09 -23.39 14.08
N THR B 397 -5.01 -23.87 14.92
CA THR B 397 -6.16 -23.05 15.36
C THR B 397 -5.87 -21.85 16.26
N GLY B 398 -4.71 -21.83 16.93
CA GLY B 398 -4.31 -20.68 17.73
C GLY B 398 -4.27 -19.39 16.93
N ARG B 399 -3.99 -19.48 15.64
CA ARG B 399 -3.89 -18.29 14.81
C ARG B 399 -5.24 -17.69 14.40
N PHE B 400 -6.33 -18.45 14.56
CA PHE B 400 -7.65 -17.93 14.19
C PHE B 400 -8.06 -16.70 15.00
N PRO B 401 -8.03 -16.78 16.35
CA PRO B 401 -8.33 -15.55 17.10
C PRO B 401 -7.23 -14.46 16.98
N LEU B 402 -6.01 -14.87 16.69
CA LEU B 402 -4.92 -13.93 16.46
C LEU B 402 -5.21 -13.00 15.26
N TYR B 403 -5.82 -13.56 14.22
CA TYR B 403 -6.14 -12.80 13.01
C TYR B 403 -7.55 -12.24 12.95
N THR B 404 -8.44 -12.72 13.83
CA THR B 404 -9.84 -12.27 13.82
C THR B 404 -10.25 -11.52 15.09
N LYS B 405 -9.49 -11.68 16.17
CA LYS B 405 -9.78 -11.00 17.44
C LYS B 405 -8.48 -10.41 18.03
N ALA B 406 -7.73 -9.69 17.19
CA ALA B 406 -6.48 -9.05 17.64
C ALA B 406 -6.77 -8.12 18.82
N PRO B 407 -5.79 -7.97 19.74
CA PRO B 407 -6.04 -7.12 20.91
C PRO B 407 -6.42 -5.71 20.50
N GLY B 408 -7.41 -5.14 21.20
CA GLY B 408 -7.92 -3.82 20.88
C GLY B 408 -9.15 -3.76 19.97
N THR B 409 -9.35 -4.79 19.16
CA THR B 409 -10.44 -4.80 18.17
C THR B 409 -11.75 -5.17 18.84
N ARG B 410 -12.82 -4.47 18.47
CA ARG B 410 -14.12 -4.64 19.11
C ARG B 410 -15.21 -5.14 18.15
N ARG B 411 -15.06 -4.80 16.88
CA ARG B 411 -16.14 -5.05 15.90
C ARG B 411 -15.56 -5.42 14.54
N ALA B 412 -14.48 -6.19 14.54
CA ALA B 412 -13.75 -6.52 13.33
C ALA B 412 -13.73 -8.02 13.00
N ASN B 413 -14.83 -8.72 13.28
CA ASN B 413 -14.98 -10.10 12.85
C ASN B 413 -16.42 -10.41 12.39
N PHE B 414 -16.80 -11.69 12.41
CA PHE B 414 -18.11 -12.12 11.93
C PHE B 414 -18.73 -13.16 12.87
N GLY B 415 -20.05 -13.31 12.77
CA GLY B 415 -20.78 -14.33 13.53
C GLY B 415 -21.38 -13.78 14.81
N ASP B 416 -22.27 -14.56 15.42
CA ASP B 416 -22.81 -14.25 16.73
C ASP B 416 -21.68 -14.07 17.74
N ASP B 417 -21.79 -13.02 18.56
CA ASP B 417 -20.77 -12.67 19.54
C ASP B 417 -21.45 -11.93 20.71
N SER B 418 -21.51 -12.58 21.87
CA SER B 418 -22.16 -11.99 23.04
C SER B 418 -21.37 -10.83 23.64
N THR B 419 -20.12 -10.67 23.19
CA THR B 419 -19.27 -9.55 23.64
C THR B 419 -19.20 -8.40 22.63
N LEU B 420 -19.89 -8.53 21.50
CA LEU B 420 -19.75 -7.57 20.39
C LEU B 420 -19.73 -6.12 20.85
N GLY B 421 -18.66 -5.41 20.48
CA GLY B 421 -18.49 -4.02 20.87
C GLY B 421 -17.48 -3.85 21.98
N ASP B 422 -17.31 -4.89 22.79
CA ASP B 422 -16.30 -4.90 23.86
C ASP B 422 -14.99 -5.40 23.32
N LEU B 423 -13.93 -5.22 24.10
CA LEU B 423 -12.63 -5.81 23.81
C LEU B 423 -12.73 -7.34 23.84
N PRO B 424 -11.80 -8.05 23.17
CA PRO B 424 -11.83 -9.52 23.13
C PRO B 424 -11.87 -10.17 24.51
N GLY B 425 -12.74 -11.16 24.64
CA GLY B 425 -12.91 -11.91 25.90
C GLY B 425 -11.61 -12.41 26.47
N LEU B 426 -11.55 -12.46 27.80
CA LEU B 426 -10.39 -12.92 28.53
C LEU B 426 -10.05 -14.39 28.22
N LYS B 427 -11.06 -15.24 28.08
CA LYS B 427 -10.82 -16.66 27.78
C LYS B 427 -10.16 -16.90 26.42
N LEU B 428 -10.34 -15.96 25.49
CA LEU B 428 -9.64 -16.02 24.20
C LEU B 428 -8.13 -16.08 24.38
N GLY B 429 -7.58 -15.24 25.25
CA GLY B 429 -6.15 -15.28 25.56
C GLY B 429 -5.74 -16.59 26.19
N TYR B 430 -6.49 -17.01 27.20
CA TYR B 430 -6.17 -18.24 27.93
C TYR B 430 -6.19 -19.47 27.04
N ASN B 431 -7.17 -19.54 26.13
CA ASN B 431 -7.21 -20.60 25.11
C ASN B 431 -5.98 -20.58 24.23
N VAL B 432 -5.60 -19.39 23.78
CA VAL B 432 -4.44 -19.23 22.91
C VAL B 432 -3.13 -19.62 23.62
N ARG B 433 -3.00 -19.27 24.90
CA ARG B 433 -1.85 -19.70 25.70
C ARG B 433 -1.71 -21.21 25.71
N GLN B 434 -2.83 -21.92 25.86
CA GLN B 434 -2.82 -23.38 25.78
C GLN B 434 -2.21 -23.83 24.45
N PHE B 435 -2.56 -23.15 23.36
CA PHE B 435 -2.02 -23.50 22.05
C PHE B 435 -0.55 -23.09 21.87
N ALA B 436 -0.12 -22.05 22.59
CA ALA B 436 1.30 -21.66 22.64
C ALA B 436 2.13 -22.80 23.24
N GLY B 437 1.70 -23.29 24.41
CA GLY B 437 2.33 -24.45 25.05
C GLY B 437 2.42 -25.69 24.19
N VAL B 438 1.41 -25.89 23.34
CA VAL B 438 1.37 -27.04 22.43
C VAL B 438 2.34 -26.88 21.25
N THR B 439 2.52 -25.64 20.80
CA THR B 439 3.25 -25.38 19.56
C THR B 439 4.62 -24.69 19.76
N GLY B 440 4.80 -24.06 20.92
CA GLY B 440 5.98 -23.25 21.18
C GLY B 440 5.91 -21.87 20.54
N ASN B 441 4.73 -21.53 20.02
CA ASN B 441 4.56 -20.29 19.26
C ASN B 441 4.49 -19.07 20.17
N GLY B 442 5.47 -18.17 20.02
CA GLY B 442 5.57 -16.95 20.83
C GLY B 442 4.59 -15.86 20.48
N HIS B 443 4.09 -15.84 19.25
CA HIS B 443 3.02 -14.91 18.87
C HIS B 443 1.75 -15.22 19.67
N TYR B 444 1.46 -16.51 19.85
CA TYR B 444 0.35 -16.96 20.69
C TYR B 444 0.52 -16.51 22.14
N GLN B 445 1.75 -16.60 22.64
CA GLN B 445 2.04 -16.14 24.00
C GLN B 445 1.87 -14.64 24.11
N TRP B 446 2.41 -13.91 23.13
CA TRP B 446 2.22 -12.46 23.03
C TRP B 446 0.74 -12.09 23.09
N TYR B 447 -0.07 -12.78 22.30
CA TYR B 447 -1.52 -12.60 22.28
C TYR B 447 -2.14 -12.79 23.68
N PHE B 448 -1.78 -13.87 24.36
CA PHE B 448 -2.24 -14.10 25.74
C PHE B 448 -1.96 -12.89 26.65
N ASP B 449 -0.70 -12.44 26.64
CA ASP B 449 -0.24 -11.29 27.44
C ASP B 449 -1.07 -10.04 27.23
N HIS B 450 -1.37 -9.69 25.99
CA HIS B 450 -2.06 -8.45 25.69
C HIS B 450 -3.58 -8.53 25.83
N ILE B 451 -4.15 -9.69 25.55
CA ILE B 451 -5.56 -9.93 25.83
C ILE B 451 -5.83 -9.84 27.33
N LYS B 452 -5.00 -10.53 28.12
CA LYS B 452 -5.10 -10.50 29.58
C LYS B 452 -4.96 -9.07 30.13
N ALA B 453 -3.93 -8.36 29.67
CA ALA B 453 -3.69 -6.97 30.09
C ALA B 453 -4.88 -6.03 29.82
N ASP B 454 -5.54 -6.22 28.68
CA ASP B 454 -6.69 -5.39 28.30
C ASP B 454 -7.97 -5.82 28.99
N ALA B 455 -8.07 -7.09 29.38
CA ALA B 455 -9.32 -7.63 29.91
C ALA B 455 -9.35 -7.94 31.41
N THR B 456 -8.21 -7.82 32.09
CA THR B 456 -8.18 -8.05 33.55
C THR B 456 -9.19 -7.17 34.30
N GLY B 457 -9.75 -7.72 35.37
CA GLY B 457 -10.81 -7.06 36.14
C GLY B 457 -12.17 -7.64 35.83
N THR B 458 -12.24 -8.40 34.73
CA THR B 458 -13.48 -9.07 34.32
C THR B 458 -13.51 -10.56 34.72
N GLU B 459 -12.49 -10.98 35.48
CA GLU B 459 -12.40 -12.34 36.04
C GLU B 459 -13.63 -12.71 36.87
N MET B 460 -14.09 -11.77 37.70
CA MET B 460 -15.20 -12.00 38.62
C MET B 460 -16.56 -11.82 37.96
N ALA B 461 -16.58 -11.29 36.75
CA ALA B 461 -17.81 -11.15 35.97
C ALA B 461 -18.39 -12.52 35.68
N PHE B 462 -19.71 -12.63 35.75
CA PHE B 462 -20.40 -13.92 35.70
C PHE B 462 -20.20 -14.74 34.43
N TYR B 463 -19.85 -14.08 33.33
CA TYR B 463 -19.53 -14.79 32.08
C TYR B 463 -18.12 -15.40 32.10
N ASN B 464 -17.35 -15.10 33.14
CA ASN B 464 -16.06 -15.72 33.37
C ASN B 464 -16.10 -16.66 34.58
N TYR B 465 -16.31 -16.07 35.76
CA TYR B 465 -16.35 -16.78 37.04
C TYR B 465 -17.34 -17.95 37.04
N GLY B 466 -18.51 -17.74 36.43
CA GLY B 466 -19.53 -18.77 36.35
C GLY B 466 -19.24 -19.86 35.33
N TRP B 467 -18.04 -19.84 34.75
CA TRP B 467 -17.69 -20.74 33.65
C TRP B 467 -16.32 -21.41 33.81
N TRP B 468 -15.38 -20.72 34.45
CA TRP B 468 -14.00 -21.21 34.63
C TRP B 468 -13.29 -20.41 35.71
N ASP B 469 -12.49 -21.10 36.52
CA ASP B 469 -11.59 -20.42 37.46
C ASP B 469 -10.21 -20.39 36.82
N LEU B 470 -9.80 -19.21 36.40
CA LEU B 470 -8.55 -19.04 35.64
C LEU B 470 -7.30 -19.22 36.51
N ASN B 471 -7.46 -19.11 37.83
CA ASN B 471 -6.38 -19.43 38.76
C ASN B 471 -6.08 -20.92 38.71
N PHE B 472 -7.13 -21.73 38.58
CA PHE B 472 -6.96 -23.18 38.41
C PHE B 472 -6.36 -23.51 37.05
N ASP B 473 -6.80 -22.80 36.01
CA ASP B 473 -6.24 -22.96 34.67
C ASP B 473 -4.74 -22.64 34.64
N ASP B 474 -4.35 -21.54 35.30
CA ASP B 474 -2.94 -21.19 35.50
C ASP B 474 -2.14 -22.32 36.16
N LEU B 475 -2.63 -22.77 37.30
CA LEU B 475 -1.97 -23.82 38.07
C LEU B 475 -1.76 -25.10 37.25
N VAL B 476 -2.80 -25.54 36.56
CA VAL B 476 -2.73 -26.71 35.70
C VAL B 476 -1.73 -26.52 34.54
N TYR B 477 -1.82 -25.38 33.86
CA TYR B 477 -0.92 -25.09 32.74
C TYR B 477 0.55 -25.01 33.16
N ARG B 478 0.83 -24.29 34.25
CA ARG B 478 2.18 -24.17 34.78
C ARG B 478 2.77 -25.53 35.12
N HIS B 479 1.96 -26.39 35.72
CA HIS B 479 2.39 -27.75 36.05
C HIS B 479 2.58 -28.63 34.82
N ASP B 480 1.66 -28.53 33.86
CA ASP B 480 1.59 -29.48 32.76
C ASP B 480 2.42 -29.09 31.54
N TYR B 481 2.65 -27.79 31.38
CA TYR B 481 3.25 -27.31 30.15
C TYR B 481 4.50 -26.46 30.34
N PRO B 482 5.44 -26.54 29.39
CA PRO B 482 6.57 -25.63 29.39
C PRO B 482 6.06 -24.22 29.08
N GLN B 483 6.59 -23.22 29.78
CA GLN B 483 6.18 -21.85 29.51
C GLN B 483 6.89 -21.34 28.26
N VAL B 484 6.13 -20.64 27.42
CA VAL B 484 6.62 -20.09 26.16
C VAL B 484 6.85 -18.60 26.36
N GLU B 485 7.92 -18.08 25.78
CA GLU B 485 8.21 -16.65 25.83
C GLU B 485 7.48 -15.92 24.70
N ALA B 486 6.88 -14.78 25.04
CA ALA B 486 6.19 -13.94 24.06
C ALA B 486 7.15 -13.39 23.01
N VAL B 487 6.73 -13.48 21.76
CA VAL B 487 7.47 -12.89 20.64
C VAL B 487 6.62 -11.81 19.97
N SER B 488 7.25 -10.68 19.68
CA SER B 488 6.60 -9.56 19.00
C SER B 488 5.96 -10.01 17.69
N PRO B 489 4.71 -9.57 17.42
CA PRO B 489 4.04 -9.91 16.16
C PRO B 489 4.47 -9.02 15.00
N ALA B 490 5.53 -8.23 15.21
CA ALA B 490 6.11 -7.42 14.13
C ALA B 490 6.50 -8.28 12.91
N ASP B 491 6.86 -9.53 13.16
CA ASP B 491 7.20 -10.47 12.08
C ASP B 491 6.06 -11.42 11.68
N LEU B 492 4.86 -11.22 12.23
CA LEU B 492 3.70 -12.04 11.87
C LEU B 492 3.34 -11.85 10.39
N PRO B 493 3.11 -12.95 9.64
CA PRO B 493 2.68 -12.77 8.25
C PRO B 493 1.43 -11.91 8.17
N ALA B 494 1.44 -10.94 7.26
CA ALA B 494 0.33 -10.00 7.14
C ALA B 494 -0.97 -10.71 6.78
N LEU B 495 -0.89 -11.72 5.93
CA LEU B 495 -2.06 -12.39 5.37
C LEU B 495 -2.24 -13.79 5.94
N ALA B 496 -3.46 -14.07 6.41
CA ALA B 496 -3.84 -15.43 6.80
C ALA B 496 -5.15 -15.82 6.12
N VAL B 497 -5.09 -16.91 5.37
CA VAL B 497 -6.26 -17.44 4.67
C VAL B 497 -6.75 -18.70 5.40
N PHE B 498 -8.06 -18.74 5.67
CA PHE B 498 -8.70 -19.89 6.26
C PHE B 498 -9.64 -20.44 5.20
N ASP B 499 -9.07 -21.21 4.27
CA ASP B 499 -9.75 -21.61 3.04
C ASP B 499 -11.05 -22.41 3.24
N ASP B 500 -11.01 -23.41 4.12
CA ASP B 500 -12.19 -24.27 4.35
C ASP B 500 -13.42 -23.50 4.83
N ILE B 501 -13.20 -22.47 5.65
CA ILE B 501 -14.29 -21.67 6.19
C ILE B 501 -14.55 -20.41 5.35
N GLY B 502 -13.62 -20.10 4.46
CA GLY B 502 -13.73 -18.94 3.56
C GLY B 502 -13.50 -17.59 4.22
N TRP B 503 -12.47 -17.49 5.05
CA TRP B 503 -12.13 -16.22 5.69
C TRP B 503 -10.75 -15.80 5.27
N ALA B 504 -10.60 -14.55 4.87
CA ALA B 504 -9.27 -14.01 4.57
C ALA B 504 -9.02 -12.80 5.45
N THR B 505 -7.86 -12.79 6.08
CA THR B 505 -7.53 -11.75 7.05
C THR B 505 -6.23 -11.04 6.69
N ILE B 506 -6.19 -9.75 6.98
CA ILE B 506 -4.96 -8.96 6.89
C ILE B 506 -4.70 -8.25 8.22
N GLN B 507 -3.51 -8.49 8.78
CA GLN B 507 -3.05 -7.81 10.00
C GLN B 507 -1.79 -7.02 9.66
N LYS B 508 -1.77 -5.74 10.05
CA LYS B 508 -0.58 -4.88 9.96
C LYS B 508 -0.32 -4.21 11.31
N ASP B 509 0.95 -4.14 11.69
CA ASP B 509 1.40 -3.38 12.87
C ASP B 509 0.56 -3.64 14.11
N MET B 510 0.33 -4.92 14.39
CA MET B 510 -0.49 -5.36 15.52
C MET B 510 -0.05 -4.78 16.86
N GLU B 511 1.26 -4.64 17.03
CA GLU B 511 1.84 -4.17 18.29
C GLU B 511 1.81 -2.64 18.44
N ASP B 512 1.39 -1.94 17.38
CA ASP B 512 1.38 -0.48 17.34
C ASP B 512 -0.05 0.07 17.43
N PRO B 513 -0.44 0.56 18.62
CA PRO B 513 -1.82 1.02 18.89
C PRO B 513 -2.33 2.15 17.97
N ASP B 514 -1.44 2.81 17.25
CA ASP B 514 -1.85 3.89 16.34
C ASP B 514 -1.78 3.51 14.86
N ARG B 515 -1.22 2.35 14.58
N ARG B 515 -1.22 2.34 14.57
CA ARG B 515 -1.04 1.87 13.20
CA ARG B 515 -1.06 1.88 13.20
C ARG B 515 -1.74 0.52 12.94
C ARG B 515 -1.70 0.50 12.94
N HIS B 516 -2.19 -0.13 14.01
CA HIS B 516 -2.81 -1.47 13.94
C HIS B 516 -3.98 -1.55 12.94
N LEU B 517 -3.84 -2.45 11.98
CA LEU B 517 -4.91 -2.76 11.03
C LEU B 517 -5.37 -4.24 11.10
N GLN B 518 -6.67 -4.44 11.18
CA GLN B 518 -7.27 -5.77 11.02
C GLN B 518 -8.36 -5.72 9.96
N PHE B 519 -8.10 -6.38 8.84
CA PHE B 519 -9.07 -6.49 7.76
C PHE B 519 -9.49 -7.94 7.66
N VAL B 520 -10.79 -8.17 7.70
CA VAL B 520 -11.28 -9.52 7.42
C VAL B 520 -12.37 -9.56 6.33
N PHE B 521 -12.18 -10.47 5.37
CA PHE B 521 -13.14 -10.71 4.31
C PHE B 521 -13.67 -12.12 4.49
N LYS B 522 -14.99 -12.28 4.34
CA LYS B 522 -15.65 -13.55 4.52
C LYS B 522 -16.52 -13.91 3.30
N SER B 523 -16.35 -15.14 2.80
CA SER B 523 -17.25 -15.73 1.81
C SER B 523 -17.23 -17.23 2.03
N SER B 524 -18.22 -17.72 2.79
CA SER B 524 -18.08 -19.01 3.44
C SER B 524 -18.96 -20.12 2.89
N PRO B 525 -18.37 -21.33 2.68
CA PRO B 525 -19.09 -22.54 2.31
C PRO B 525 -20.12 -22.97 3.36
N TYR B 526 -20.08 -22.37 4.54
CA TYR B 526 -21.02 -22.67 5.62
C TYR B 526 -22.31 -21.85 5.53
N GLY B 527 -22.35 -20.89 4.60
CA GLY B 527 -23.51 -20.00 4.46
C GLY B 527 -23.87 -19.29 5.74
N SER B 528 -25.18 -19.20 5.99
CA SER B 528 -25.70 -18.56 7.21
C SER B 528 -26.13 -19.60 8.24
N LEU B 529 -25.53 -20.78 8.18
CA LEU B 529 -25.80 -21.85 9.13
C LEU B 529 -25.43 -21.46 10.56
N SER B 530 -26.38 -21.66 11.48
CA SER B 530 -26.12 -21.65 12.92
C SER B 530 -25.74 -20.27 13.45
N HIS B 531 -24.49 -20.07 13.87
CA HIS B 531 -24.07 -18.77 14.39
C HIS B 531 -23.43 -17.87 13.33
N SER B 532 -23.40 -18.37 12.09
CA SER B 532 -23.04 -17.55 10.95
C SER B 532 -24.24 -16.76 10.44
N HIS B 533 -23.93 -15.70 9.68
CA HIS B 533 -24.93 -14.76 9.18
C HIS B 533 -24.96 -14.77 7.66
N GLY B 534 -25.85 -13.96 7.08
CA GLY B 534 -25.87 -13.76 5.64
C GLY B 534 -24.83 -12.71 5.27
N ASP B 535 -23.56 -13.05 5.48
CA ASP B 535 -22.45 -12.09 5.34
C ASP B 535 -21.37 -12.56 4.39
N GLN B 536 -21.75 -13.31 3.36
CA GLN B 536 -20.79 -13.74 2.35
C GLN B 536 -20.44 -12.54 1.48
N ASN B 537 -19.18 -12.48 1.04
CA ASN B 537 -18.62 -11.29 0.38
C ASN B 537 -18.75 -10.00 1.21
N ALA B 538 -18.68 -10.13 2.52
CA ALA B 538 -18.68 -8.97 3.40
C ALA B 538 -17.27 -8.73 3.91
N PHE B 539 -17.01 -7.50 4.33
CA PHE B 539 -15.74 -7.17 4.98
C PHE B 539 -15.99 -6.38 6.27
N VAL B 540 -14.98 -6.35 7.11
CA VAL B 540 -14.93 -5.45 8.25
C VAL B 540 -13.52 -4.88 8.26
N LEU B 541 -13.36 -3.66 8.76
CA LEU B 541 -12.06 -3.00 8.76
C LEU B 541 -11.80 -2.18 10.04
N TYR B 542 -10.80 -2.62 10.78
CA TYR B 542 -10.22 -1.89 11.89
C TYR B 542 -8.88 -1.37 11.35
N ALA B 543 -8.63 -0.07 11.47
CA ALA B 543 -7.39 0.52 10.95
C ALA B 543 -6.94 1.71 11.79
N HIS B 544 -5.62 1.92 11.85
CA HIS B 544 -5.03 2.98 12.67
C HIS B 544 -5.57 2.94 14.10
N GLY B 545 -5.66 1.72 14.64
CA GLY B 545 -6.06 1.48 16.02
C GLY B 545 -7.53 1.70 16.35
N GLU B 546 -8.41 1.73 15.35
CA GLU B 546 -9.82 1.96 15.60
C GLU B 546 -10.74 1.17 14.68
N ASP B 547 -11.86 0.72 15.22
CA ASP B 547 -12.93 0.09 14.44
C ASP B 547 -13.58 1.12 13.52
N LEU B 548 -13.46 0.90 12.22
CA LEU B 548 -13.94 1.86 11.22
C LEU B 548 -15.16 1.34 10.45
N ALA B 549 -14.97 0.28 9.66
CA ALA B 549 -16.06 -0.40 8.97
C ALA B 549 -16.44 -1.60 9.83
N ILE B 550 -17.52 -1.44 10.58
CA ILE B 550 -17.80 -2.30 11.73
C ILE B 550 -18.75 -3.46 11.46
N GLN B 551 -18.63 -4.48 12.30
CA GLN B 551 -19.71 -5.41 12.56
C GLN B 551 -20.71 -4.63 13.41
N SER B 552 -21.94 -4.48 12.90
CA SER B 552 -22.90 -3.55 13.47
C SER B 552 -23.88 -4.20 14.47
N GLY B 553 -24.60 -3.35 15.18
CA GLY B 553 -25.62 -3.81 16.11
C GLY B 553 -25.07 -4.25 17.45
N TYR B 554 -25.90 -4.91 18.22
CA TYR B 554 -25.53 -5.40 19.53
C TYR B 554 -26.02 -6.84 19.65
N TYR B 555 -25.44 -7.58 20.59
CA TYR B 555 -25.84 -8.96 20.79
C TYR B 555 -27.33 -9.08 21.17
N VAL B 556 -27.70 -8.39 22.25
CA VAL B 556 -29.04 -8.42 22.86
C VAL B 556 -29.39 -9.80 23.40
N ALA B 557 -29.70 -10.74 22.50
CA ALA B 557 -30.02 -12.13 22.87
C ALA B 557 -30.32 -12.94 21.63
N PHE B 558 -30.08 -14.25 21.71
CA PHE B 558 -30.47 -15.19 20.65
C PHE B 558 -31.98 -15.09 20.50
N ASN B 559 -32.43 -15.12 19.25
CA ASN B 559 -33.86 -15.00 18.90
C ASN B 559 -34.53 -13.65 19.13
N SER B 560 -33.77 -12.65 19.55
CA SER B 560 -34.27 -11.27 19.57
C SER B 560 -34.44 -10.77 18.14
N GLN B 561 -35.14 -9.64 17.97
CA GLN B 561 -35.25 -9.02 16.66
C GLN B 561 -33.91 -8.50 16.14
N MET B 562 -33.10 -7.94 17.04
CA MET B 562 -31.73 -7.53 16.72
C MET B 562 -30.93 -8.69 16.11
N HIS B 563 -31.04 -9.87 16.71
CA HIS B 563 -30.38 -11.06 16.19
C HIS B 563 -30.97 -11.48 14.85
N LEU B 564 -32.28 -11.73 14.83
CA LEU B 564 -32.95 -12.35 13.69
C LEU B 564 -33.16 -11.44 12.49
N ASN B 565 -33.44 -10.16 12.76
CA ASN B 565 -33.84 -9.21 11.71
C ASN B 565 -32.79 -8.15 11.38
N TRP B 566 -31.73 -8.07 12.17
CA TRP B 566 -30.61 -7.17 11.86
C TRP B 566 -29.32 -7.96 11.65
N ARG B 567 -28.75 -8.51 12.73
CA ARG B 567 -27.43 -9.14 12.69
C ARG B 567 -27.33 -10.32 11.72
N ARG B 568 -28.37 -11.16 11.68
CA ARG B 568 -28.36 -12.31 10.76
C ARG B 568 -28.43 -11.90 9.29
N GLN B 569 -28.97 -10.71 9.05
CA GLN B 569 -29.30 -10.24 7.69
C GLN B 569 -28.14 -9.49 7.03
N THR B 570 -28.11 -9.52 5.71
CA THR B 570 -27.06 -8.87 4.92
C THR B 570 -27.07 -7.35 5.09
N ARG B 571 -28.25 -6.79 5.34
CA ARG B 571 -28.41 -5.33 5.50
C ARG B 571 -27.62 -4.74 6.66
N SER B 572 -27.16 -5.59 7.59
CA SER B 572 -26.30 -5.15 8.70
C SER B 572 -24.81 -5.26 8.37
N LYS B 573 -24.51 -5.69 7.15
CA LYS B 573 -23.15 -6.03 6.78
C LYS B 573 -22.58 -5.03 5.79
N ASN B 574 -21.25 -5.03 5.69
CA ASN B 574 -20.58 -4.20 4.70
C ASN B 574 -20.52 -5.04 3.45
N ALA B 575 -21.64 -5.00 2.73
CA ALA B 575 -21.91 -5.95 1.65
C ALA B 575 -22.89 -5.32 0.68
N VAL B 576 -23.25 -6.07 -0.37
CA VAL B 576 -24.26 -5.59 -1.33
C VAL B 576 -25.64 -6.20 -1.06
N LEU B 577 -26.67 -5.45 -1.43
CA LEU B 577 -28.03 -5.96 -1.56
C LEU B 577 -28.39 -5.85 -3.04
N ILE B 578 -29.08 -6.85 -3.57
CA ILE B 578 -29.44 -6.89 -4.99
C ILE B 578 -30.96 -6.95 -5.10
N GLY B 579 -31.53 -5.99 -5.82
CA GLY B 579 -32.97 -5.88 -5.98
C GLY B 579 -33.68 -5.68 -4.64
N GLY B 580 -33.00 -5.02 -3.70
CA GLY B 580 -33.53 -4.81 -2.36
C GLY B 580 -33.35 -5.99 -1.42
N LYS B 581 -32.88 -7.12 -1.96
CA LYS B 581 -32.81 -8.37 -1.20
C LYS B 581 -31.37 -8.74 -0.81
N GLY B 582 -31.24 -9.31 0.39
CA GLY B 582 -29.97 -9.84 0.87
C GLY B 582 -29.89 -11.35 0.71
N GLN B 583 -28.93 -11.94 1.40
CA GLN B 583 -28.70 -13.38 1.38
C GLN B 583 -29.71 -14.09 2.29
N TYR B 584 -30.04 -15.34 1.97
CA TYR B 584 -30.97 -16.10 2.81
C TYR B 584 -30.39 -16.31 4.21
N ALA B 585 -31.14 -15.86 5.21
CA ALA B 585 -30.70 -15.94 6.60
C ALA B 585 -31.86 -16.16 7.57
N GLU B 586 -32.80 -17.03 7.17
CA GLU B 586 -33.91 -17.41 8.05
C GLU B 586 -33.62 -18.78 8.70
N LYS B 587 -34.67 -19.51 9.08
CA LYS B 587 -34.51 -20.66 9.99
C LYS B 587 -34.26 -22.03 9.35
N ASP B 588 -34.53 -22.17 8.05
CA ASP B 588 -34.31 -23.43 7.34
C ASP B 588 -32.82 -23.71 7.25
N LYS B 589 -32.39 -24.80 7.89
CA LYS B 589 -30.95 -25.09 8.04
C LYS B 589 -30.29 -25.56 6.75
N ALA B 590 -31.04 -26.29 5.92
CA ALA B 590 -30.56 -26.70 4.59
C ALA B 590 -30.36 -25.50 3.67
N LEU B 591 -31.30 -24.56 3.70
CA LEU B 591 -31.22 -23.34 2.88
C LEU B 591 -30.15 -22.40 3.41
N ALA B 592 -30.03 -22.32 4.73
CA ALA B 592 -28.97 -21.54 5.38
C ALA B 592 -27.60 -21.97 4.85
N ARG B 593 -27.33 -23.28 4.91
CA ARG B 593 -26.06 -23.81 4.41
C ARG B 593 -25.91 -23.65 2.89
N ARG B 594 -27.01 -23.77 2.17
CA ARG B 594 -27.01 -23.62 0.71
C ARG B 594 -26.66 -22.19 0.30
N ALA B 595 -27.02 -21.22 1.12
CA ALA B 595 -26.80 -19.80 0.85
C ALA B 595 -25.34 -19.43 1.15
N ALA B 596 -24.45 -20.02 0.36
CA ALA B 596 -23.02 -20.06 0.67
C ALA B 596 -22.17 -19.18 -0.23
N GLY B 597 -20.92 -18.99 0.19
CA GLY B 597 -19.93 -18.32 -0.62
C GLY B 597 -18.68 -19.18 -0.66
N ARG B 598 -17.63 -18.63 -1.27
N ARG B 598 -17.63 -18.65 -1.30
CA ARG B 598 -16.32 -19.28 -1.36
CA ARG B 598 -16.31 -19.27 -1.27
C ARG B 598 -15.26 -18.24 -1.70
C ARG B 598 -15.26 -18.24 -1.67
N ILE B 599 -14.05 -18.42 -1.14
CA ILE B 599 -12.91 -17.62 -1.56
C ILE B 599 -12.45 -18.23 -2.88
N VAL B 600 -12.63 -17.49 -3.97
CA VAL B 600 -12.21 -17.94 -5.31
C VAL B 600 -10.68 -17.99 -5.40
N SER B 601 -10.03 -16.90 -5.00
CA SER B 601 -8.58 -16.80 -5.10
C SER B 601 -8.01 -15.77 -4.13
N VAL B 602 -6.75 -16.00 -3.75
CA VAL B 602 -5.97 -15.04 -2.98
C VAL B 602 -4.59 -14.94 -3.62
N GLU B 603 -4.23 -13.73 -4.03
CA GLU B 603 -2.91 -13.44 -4.58
C GLU B 603 -2.22 -12.37 -3.73
N GLU B 604 -0.94 -12.57 -3.47
CA GLU B 604 -0.17 -11.66 -2.64
C GLU B 604 1.18 -11.35 -3.28
N GLN B 605 1.45 -10.06 -3.45
CA GLN B 605 2.76 -9.56 -3.85
C GLN B 605 3.00 -8.26 -3.08
N PRO B 606 4.26 -7.78 -3.01
CA PRO B 606 4.51 -6.53 -2.30
C PRO B 606 3.63 -5.38 -2.82
N GLY B 607 2.92 -4.74 -1.91
CA GLY B 607 2.03 -3.64 -2.25
C GLY B 607 0.73 -4.01 -2.94
N HIS B 608 0.43 -5.31 -3.04
CA HIS B 608 -0.83 -5.74 -3.64
C HIS B 608 -1.32 -7.11 -3.17
N VAL B 609 -2.38 -7.11 -2.35
CA VAL B 609 -3.13 -8.31 -2.00
C VAL B 609 -4.48 -8.31 -2.74
N ARG B 610 -4.77 -9.39 -3.46
CA ARG B 610 -6.05 -9.51 -4.17
C ARG B 610 -6.83 -10.73 -3.65
N ILE B 611 -8.01 -10.46 -3.10
CA ILE B 611 -8.91 -11.51 -2.60
C ILE B 611 -10.19 -11.43 -3.42
N VAL B 612 -10.63 -12.59 -3.91
CA VAL B 612 -11.89 -12.68 -4.66
C VAL B 612 -12.84 -13.67 -4.00
N GLY B 613 -14.07 -13.24 -3.78
CA GLY B 613 -15.12 -14.09 -3.21
C GLY B 613 -16.29 -14.21 -4.16
N ASP B 614 -16.92 -15.39 -4.14
CA ASP B 614 -18.09 -15.67 -4.96
C ASP B 614 -19.25 -16.01 -4.03
N ALA B 615 -20.23 -15.10 -3.94
CA ALA B 615 -21.40 -15.30 -3.09
C ALA B 615 -22.69 -15.56 -3.88
N THR B 616 -22.55 -16.10 -5.10
CA THR B 616 -23.70 -16.31 -5.98
C THR B 616 -24.84 -17.04 -5.25
N ALA B 617 -24.58 -18.27 -4.81
CA ALA B 617 -25.57 -19.10 -4.13
C ALA B 617 -26.25 -18.38 -2.98
N ALA B 618 -25.46 -17.65 -2.19
CA ALA B 618 -25.95 -16.89 -1.03
C ALA B 618 -27.10 -15.94 -1.37
N TYR B 619 -27.01 -15.27 -2.51
CA TYR B 619 -28.08 -14.39 -2.98
C TYR B 619 -29.17 -15.15 -3.76
N GLN B 620 -28.78 -16.14 -4.56
CA GLN B 620 -29.70 -16.89 -5.41
C GLN B 620 -30.81 -17.59 -4.64
N VAL B 621 -30.50 -18.02 -3.41
CA VAL B 621 -31.46 -18.77 -2.59
C VAL B 621 -32.70 -17.93 -2.33
N ALA B 622 -32.50 -16.65 -2.07
CA ALA B 622 -33.59 -15.70 -1.83
C ALA B 622 -34.00 -14.92 -3.07
N ASN B 623 -33.23 -15.05 -4.16
CA ASN B 623 -33.48 -14.32 -5.41
C ASN B 623 -33.05 -15.11 -6.65
N PRO B 624 -34.00 -15.89 -7.23
CA PRO B 624 -33.70 -16.70 -8.42
C PRO B 624 -33.19 -15.91 -9.63
N LEU B 625 -33.44 -14.60 -9.66
CA LEU B 625 -32.93 -13.75 -10.75
C LEU B 625 -31.40 -13.60 -10.77
N VAL B 626 -30.76 -13.80 -9.62
CA VAL B 626 -29.31 -13.62 -9.49
C VAL B 626 -28.54 -14.72 -10.23
N GLN B 627 -27.58 -14.33 -11.06
CA GLN B 627 -26.80 -15.29 -11.84
C GLN B 627 -25.32 -15.34 -11.44
N LYS B 628 -24.80 -14.21 -10.95
CA LYS B 628 -23.41 -14.14 -10.49
C LYS B 628 -23.19 -12.96 -9.55
N VAL B 629 -22.54 -13.22 -8.41
CA VAL B 629 -22.17 -12.20 -7.44
C VAL B 629 -20.71 -12.42 -7.05
N LEU B 630 -19.84 -11.56 -7.56
CA LEU B 630 -18.42 -11.62 -7.23
C LEU B 630 -18.00 -10.33 -6.56
N ARG B 631 -17.09 -10.44 -5.60
CA ARG B 631 -16.46 -9.29 -4.98
C ARG B 631 -14.96 -9.51 -4.90
N GLU B 632 -14.20 -8.54 -5.41
CA GLU B 632 -12.76 -8.46 -5.23
C GLU B 632 -12.46 -7.41 -4.16
N THR B 633 -11.50 -7.70 -3.31
CA THR B 633 -10.96 -6.71 -2.39
C THR B 633 -9.45 -6.63 -2.58
N HIS B 634 -8.98 -5.45 -2.96
CA HIS B 634 -7.54 -5.22 -3.18
C HIS B 634 -7.01 -4.39 -2.03
N PHE B 635 -5.93 -4.86 -1.40
CA PHE B 635 -5.20 -4.08 -0.40
C PHE B 635 -3.97 -3.54 -1.10
N VAL B 636 -3.95 -2.21 -1.28
CA VAL B 636 -3.01 -1.56 -2.19
C VAL B 636 -1.95 -0.75 -1.47
N ASN B 637 -0.68 -0.99 -1.83
CA ASN B 637 0.49 -0.27 -1.30
C ASN B 637 0.47 -0.13 0.22
N ASP B 638 0.03 -1.18 0.89
CA ASP B 638 -0.12 -1.23 2.36
C ASP B 638 -0.84 -0.02 2.95
N SER B 639 -1.75 0.56 2.17
CA SER B 639 -2.35 1.84 2.53
C SER B 639 -3.87 1.88 2.43
N TYR B 640 -4.42 1.43 1.30
CA TYR B 640 -5.85 1.59 1.05
C TYR B 640 -6.49 0.39 0.35
N PHE B 641 -7.80 0.46 0.15
CA PHE B 641 -8.56 -0.63 -0.41
C PHE B 641 -9.33 -0.22 -1.66
N VAL B 642 -9.40 -1.15 -2.60
CA VAL B 642 -10.31 -1.04 -3.74
C VAL B 642 -11.24 -2.26 -3.73
N ILE B 643 -12.54 -1.98 -3.65
CA ILE B 643 -13.55 -3.04 -3.66
C ILE B 643 -14.22 -3.05 -5.02
N VAL B 644 -14.22 -4.21 -5.67
CA VAL B 644 -14.86 -4.39 -6.97
C VAL B 644 -16.07 -5.30 -6.82
N ASP B 645 -17.25 -4.78 -7.12
CA ASP B 645 -18.47 -5.59 -7.13
C ASP B 645 -18.96 -5.85 -8.54
N GLU B 646 -19.11 -7.13 -8.86
CA GLU B 646 -19.60 -7.55 -10.17
C GLU B 646 -20.80 -8.46 -10.00
N VAL B 647 -21.96 -7.97 -10.46
CA VAL B 647 -23.25 -8.65 -10.28
C VAL B 647 -23.96 -8.80 -11.62
N GLU B 648 -24.44 -10.02 -11.89
CA GLU B 648 -25.24 -10.31 -13.09
C GLU B 648 -26.56 -10.91 -12.69
N CYS B 649 -27.64 -10.35 -13.23
CA CYS B 649 -28.99 -10.87 -13.03
C CYS B 649 -29.65 -11.13 -14.39
N SER B 650 -30.69 -11.96 -14.41
CA SER B 650 -31.42 -12.25 -15.64
C SER B 650 -32.35 -11.11 -16.02
N GLU B 651 -32.72 -10.30 -15.03
CA GLU B 651 -33.58 -9.11 -15.21
C GLU B 651 -32.96 -7.94 -14.44
N PRO B 652 -33.28 -6.68 -14.85
CA PRO B 652 -32.71 -5.52 -14.16
C PRO B 652 -32.96 -5.55 -12.66
N GLN B 653 -31.91 -5.33 -11.89
CA GLN B 653 -31.99 -5.27 -10.42
C GLN B 653 -31.12 -4.13 -9.92
N GLU B 654 -31.61 -3.40 -8.92
CA GLU B 654 -30.83 -2.35 -8.30
C GLU B 654 -29.64 -2.95 -7.53
N LEU B 655 -28.62 -2.13 -7.29
CA LEU B 655 -27.50 -2.56 -6.45
C LEU B 655 -27.33 -1.58 -5.29
N GLN B 656 -27.34 -2.12 -4.07
CA GLN B 656 -27.07 -1.31 -2.89
C GLN B 656 -25.73 -1.75 -2.31
N TRP B 657 -24.87 -0.76 -2.06
CA TRP B 657 -23.56 -0.99 -1.47
C TRP B 657 -23.62 -0.36 -0.09
N LEU B 658 -23.36 -1.15 0.95
CA LEU B 658 -23.53 -0.71 2.32
C LEU B 658 -22.22 -0.67 3.09
N CYS B 659 -22.10 0.31 4.00
CA CYS B 659 -20.97 0.34 4.91
C CYS B 659 -21.36 0.96 6.24
N HIS B 660 -21.09 0.22 7.32
CA HIS B 660 -21.55 0.55 8.66
C HIS B 660 -20.46 1.16 9.53
N THR B 661 -20.84 2.16 10.31
CA THR B 661 -19.91 2.88 11.17
C THR B 661 -20.57 3.17 12.53
N LEU B 662 -19.75 3.56 13.51
CA LEU B 662 -20.24 3.89 14.85
C LEU B 662 -20.95 5.23 14.94
N GLY B 663 -20.48 6.20 14.14
CA GLY B 663 -21.10 7.52 14.06
C GLY B 663 -21.66 7.79 12.67
N ALA B 664 -22.34 8.92 12.51
CA ALA B 664 -22.96 9.27 11.23
C ALA B 664 -21.90 9.51 10.15
N PRO B 665 -22.06 8.87 8.97
CA PRO B 665 -21.17 9.25 7.88
C PRO B 665 -21.67 10.53 7.20
N GLN B 666 -20.75 11.28 6.60
CA GLN B 666 -21.10 12.41 5.77
C GLN B 666 -21.10 11.93 4.34
N THR B 667 -22.03 12.43 3.52
CA THR B 667 -22.10 11.99 2.14
C THR B 667 -21.80 13.15 1.20
N GLY B 668 -21.35 12.82 -0.02
CA GLY B 668 -21.09 13.80 -1.07
C GLY B 668 -21.71 13.28 -2.36
N ARG B 669 -21.24 13.81 -3.48
N ARG B 669 -21.25 13.79 -3.50
CA ARG B 669 -21.74 13.46 -4.81
CA ARG B 669 -21.85 13.39 -4.78
C ARG B 669 -21.50 11.97 -5.13
C ARG B 669 -21.51 11.95 -5.19
N SER B 670 -20.25 11.54 -5.01
CA SER B 670 -19.86 10.17 -5.33
C SER B 670 -18.97 9.58 -4.22
N SER B 671 -19.15 10.09 -3.01
CA SER B 671 -18.30 9.73 -1.89
C SER B 671 -19.04 9.78 -0.55
N PHE B 672 -18.41 9.22 0.46
CA PHE B 672 -18.84 9.36 1.84
C PHE B 672 -17.57 9.40 2.70
N ARG B 673 -17.70 9.94 3.91
CA ARG B 673 -16.59 10.05 4.82
C ARG B 673 -17.07 9.82 6.24
N TYR B 674 -16.29 9.06 7.00
CA TYR B 674 -16.55 8.86 8.41
C TYR B 674 -15.28 9.12 9.20
N ASN B 675 -15.36 10.04 10.15
CA ASN B 675 -14.26 10.31 11.06
C ASN B 675 -14.62 9.92 12.49
N GLY B 676 -13.83 9.03 13.07
CA GLY B 676 -14.08 8.54 14.42
C GLY B 676 -13.28 9.32 15.45
N ARG B 677 -12.74 8.60 16.43
CA ARG B 677 -12.03 9.21 17.56
C ARG B 677 -10.60 9.61 17.20
N LYS B 678 -9.84 8.66 16.66
CA LYS B 678 -8.45 8.93 16.25
C LYS B 678 -8.17 8.52 14.81
N ALA B 679 -9.15 7.88 14.17
CA ALA B 679 -9.00 7.44 12.79
C ALA B 679 -10.26 7.72 11.99
N GLY B 680 -10.12 7.71 10.68
CA GLY B 680 -11.27 7.87 9.81
C GLY B 680 -11.03 7.19 8.48
N PHE B 681 -12.06 7.21 7.63
CA PHE B 681 -11.92 6.74 6.27
C PHE B 681 -12.93 7.44 5.38
N TYR B 682 -12.60 7.53 4.10
CA TYR B 682 -13.57 7.92 3.10
C TYR B 682 -13.70 6.83 2.06
N GLY B 683 -14.85 6.80 1.41
CA GLY B 683 -15.14 5.86 0.35
C GLY B 683 -15.58 6.67 -0.84
N GLN B 684 -15.20 6.21 -2.04
CA GLN B 684 -15.53 6.91 -3.26
C GLN B 684 -15.88 5.92 -4.35
N PHE B 685 -17.06 6.09 -4.93
CA PHE B 685 -17.51 5.25 -6.02
C PHE B 685 -16.95 5.80 -7.33
N VAL B 686 -15.80 5.26 -7.72
CA VAL B 686 -15.01 5.80 -8.83
C VAL B 686 -15.51 5.28 -10.18
N TYR B 687 -16.21 4.16 -10.16
CA TYR B 687 -16.77 3.57 -11.38
C TYR B 687 -18.03 2.79 -11.09
N SER B 688 -19.06 3.01 -11.89
CA SER B 688 -20.30 2.22 -11.84
C SER B 688 -20.94 2.12 -13.23
N SER B 689 -20.82 0.94 -13.85
CA SER B 689 -21.39 0.71 -15.18
C SER B 689 -22.91 0.89 -15.23
N GLY B 690 -23.60 0.52 -14.15
CA GLY B 690 -25.05 0.56 -14.10
C GLY B 690 -25.67 1.91 -13.83
N GLY B 691 -24.84 2.93 -13.62
CA GLY B 691 -25.34 4.26 -13.31
C GLY B 691 -24.69 4.86 -12.08
N THR B 692 -24.76 6.18 -11.96
CA THR B 692 -24.13 6.86 -10.82
C THR B 692 -24.94 6.57 -9.55
N PRO B 693 -24.26 6.05 -8.50
CA PRO B 693 -24.91 5.75 -7.22
C PRO B 693 -25.61 6.95 -6.59
N GLN B 694 -26.77 6.69 -5.98
CA GLN B 694 -27.42 7.66 -5.11
C GLN B 694 -27.05 7.33 -3.66
N ILE B 695 -26.48 8.31 -2.97
CA ILE B 695 -25.83 8.06 -1.67
C ILE B 695 -26.60 8.72 -0.52
N SER B 696 -26.94 7.91 0.48
CA SER B 696 -27.66 8.36 1.65
C SER B 696 -27.00 7.84 2.91
N ALA B 697 -27.06 8.65 3.96
CA ALA B 697 -26.69 8.21 5.30
C ALA B 697 -27.97 7.75 6.03
N VAL B 698 -27.88 6.62 6.70
CA VAL B 698 -29.00 6.05 7.44
C VAL B 698 -28.65 5.92 8.93
N GLU B 699 -29.63 6.24 9.77
CA GLU B 699 -29.46 6.20 11.23
C GLU B 699 -30.15 4.99 11.83
N GLY B 700 -29.46 4.35 12.78
CA GLY B 700 -30.07 3.32 13.62
C GLY B 700 -30.29 1.98 12.96
N PHE B 701 -31.28 1.25 13.49
CA PHE B 701 -31.56 -0.10 13.07
C PHE B 701 -33.03 -0.18 12.62
N PRO B 702 -33.31 0.13 11.34
CA PRO B 702 -34.66 0.13 10.79
C PRO B 702 -35.41 -1.20 11.01
N ASP B 703 -36.66 -1.09 11.46
CA ASP B 703 -37.54 -2.24 11.71
C ASP B 703 -37.17 -3.09 12.93
N ILE B 704 -36.24 -2.60 13.74
CA ILE B 704 -35.85 -3.29 14.97
C ILE B 704 -36.50 -2.62 16.18
N ASP B 705 -37.11 -3.45 17.04
CA ASP B 705 -37.73 -3.00 18.28
C ASP B 705 -36.76 -2.15 19.10
N PRO B 706 -37.05 -0.84 19.23
CA PRO B 706 -36.17 0.12 19.94
C PRO B 706 -35.93 -0.22 21.40
N LYS B 707 -36.84 -0.98 22.00
CA LYS B 707 -36.69 -1.40 23.39
C LYS B 707 -35.48 -2.33 23.59
N GLU B 708 -35.16 -3.11 22.56
CA GLU B 708 -34.01 -4.03 22.60
C GLU B 708 -32.65 -3.33 22.72
N PHE B 709 -32.57 -2.09 22.25
CA PHE B 709 -31.33 -1.32 22.33
C PHE B 709 -31.49 0.03 23.04
N GLU B 710 -32.51 0.14 23.89
CA GLU B 710 -32.72 1.33 24.73
C GLU B 710 -31.49 1.63 25.58
N GLY B 711 -31.11 2.90 25.63
CA GLY B 711 -29.93 3.33 26.39
C GLY B 711 -28.61 3.16 25.64
N LEU B 712 -28.65 2.51 24.48
CA LEU B 712 -27.43 2.22 23.71
C LEU B 712 -27.30 3.12 22.48
N ASP B 713 -26.07 3.56 22.19
CA ASP B 713 -25.77 4.33 20.98
C ASP B 713 -26.28 3.61 19.74
N ILE B 714 -26.99 4.35 18.88
CA ILE B 714 -27.34 3.81 17.57
C ILE B 714 -26.09 3.81 16.68
N HIS B 715 -26.02 2.85 15.78
CA HIS B 715 -24.97 2.85 14.78
C HIS B 715 -25.53 3.41 13.49
N HIS B 716 -24.66 3.56 12.49
CA HIS B 716 -25.03 4.20 11.24
C HIS B 716 -24.53 3.40 10.06
N HIS B 717 -25.10 3.68 8.89
CA HIS B 717 -24.53 3.19 7.65
C HIS B 717 -24.77 4.12 6.48
N VAL B 718 -23.92 3.98 5.48
CA VAL B 718 -24.11 4.64 4.21
C VAL B 718 -24.77 3.60 3.29
N CYS B 719 -25.68 4.08 2.45
CA CYS B 719 -26.30 3.25 1.43
C CYS B 719 -26.06 3.91 0.08
N ALA B 720 -25.50 3.17 -0.85
CA ALA B 720 -25.32 3.65 -2.20
C ALA B 720 -26.13 2.78 -3.15
N THR B 721 -27.17 3.37 -3.74
CA THR B 721 -28.05 2.66 -4.66
C THR B 721 -27.74 2.98 -6.11
N VAL B 722 -27.47 1.94 -6.88
CA VAL B 722 -27.29 2.05 -8.33
C VAL B 722 -28.62 1.64 -8.98
N PRO B 723 -29.13 2.46 -9.94
CA PRO B 723 -30.36 2.11 -10.66
C PRO B 723 -30.29 0.72 -11.27
N ALA B 724 -31.44 0.07 -11.41
CA ALA B 724 -31.51 -1.33 -11.85
C ALA B 724 -30.81 -1.63 -13.18
N ALA B 725 -30.10 -2.76 -13.23
CA ALA B 725 -29.39 -3.20 -14.43
C ALA B 725 -29.21 -4.71 -14.37
N THR B 726 -29.07 -5.35 -15.53
CA THR B 726 -28.77 -6.79 -15.56
C THR B 726 -27.30 -7.06 -15.29
N ARG B 727 -26.45 -6.06 -15.52
CA ARG B 727 -25.02 -6.16 -15.23
C ARG B 727 -24.61 -4.95 -14.37
N HIS B 728 -23.92 -5.23 -13.26
CA HIS B 728 -23.31 -4.19 -12.44
C HIS B 728 -21.82 -4.41 -12.32
N ARG B 729 -21.06 -3.33 -12.48
CA ARG B 729 -19.67 -3.31 -12.11
C ARG B 729 -19.43 -2.03 -11.31
N LEU B 730 -19.23 -2.18 -10.00
CA LEU B 730 -19.06 -1.06 -9.10
C LEU B 730 -17.72 -1.12 -8.41
N VAL B 731 -16.94 -0.05 -8.57
CA VAL B 731 -15.62 0.06 -7.98
C VAL B 731 -15.64 1.15 -6.92
N THR B 732 -15.34 0.74 -5.69
CA THR B 732 -15.35 1.62 -4.54
C THR B 732 -13.93 1.73 -4.01
N LEU B 733 -13.38 2.94 -4.01
CA LEU B 733 -12.09 3.23 -3.39
C LEU B 733 -12.34 3.51 -1.90
N LEU B 734 -11.54 2.89 -1.04
CA LEU B 734 -11.73 3.03 0.39
C LEU B 734 -10.40 3.39 1.04
N VAL B 735 -10.33 4.60 1.59
CA VAL B 735 -9.07 5.14 2.10
C VAL B 735 -9.14 5.42 3.61
N PRO B 736 -8.58 4.51 4.43
CA PRO B 736 -8.49 4.73 5.87
C PRO B 736 -7.29 5.61 6.20
N TYR B 737 -7.35 6.31 7.34
CA TYR B 737 -6.27 7.20 7.73
C TYR B 737 -6.30 7.49 9.23
N SER B 738 -5.14 7.84 9.77
CA SER B 738 -5.06 8.48 11.07
C SER B 738 -5.57 9.91 10.91
N LEU B 739 -6.22 10.43 11.95
CA LEU B 739 -6.70 11.82 11.89
C LEU B 739 -5.54 12.81 11.92
N LYS B 740 -4.37 12.35 12.35
CA LYS B 740 -3.14 13.14 12.35
C LYS B 740 -2.66 13.36 10.91
N GLU B 741 -2.84 12.34 10.06
CA GLU B 741 -2.37 12.37 8.67
C GLU B 741 -3.47 11.91 7.69
N PRO B 742 -4.51 12.73 7.47
CA PRO B 742 -5.57 12.35 6.53
C PRO B 742 -5.02 12.13 5.12
N LYS B 743 -5.61 11.19 4.39
CA LYS B 743 -5.07 10.77 3.11
C LYS B 743 -6.01 10.97 1.93
N ARG B 744 -5.44 11.26 0.77
N ARG B 744 -5.40 11.24 0.77
CA ARG B 744 -6.21 11.40 -0.48
CA ARG B 744 -6.11 11.37 -0.49
C ARG B 744 -5.56 10.58 -1.60
C ARG B 744 -5.51 10.46 -1.53
N ILE B 745 -6.37 9.75 -2.24
CA ILE B 745 -5.95 8.95 -3.39
C ILE B 745 -6.70 9.45 -4.64
N PHE B 746 -5.95 9.69 -5.71
CA PHE B 746 -6.55 10.16 -6.96
C PHE B 746 -6.75 8.99 -7.91
N SER B 747 -7.79 9.07 -8.72
CA SER B 747 -8.10 8.00 -9.68
C SER B 747 -8.50 8.55 -11.05
N PHE B 748 -8.16 7.80 -12.10
CA PHE B 748 -8.51 8.13 -13.48
C PHE B 748 -9.01 6.86 -14.14
N ILE B 749 -10.16 6.97 -14.80
CA ILE B 749 -10.77 5.82 -15.45
C ILE B 749 -10.51 5.85 -16.95
N ASP B 750 -9.89 4.79 -17.44
CA ASP B 750 -9.80 4.56 -18.87
C ASP B 750 -10.68 3.35 -19.24
N ASP B 751 -11.92 3.63 -19.63
CA ASP B 751 -12.90 2.59 -19.98
C ASP B 751 -12.99 2.38 -21.49
N GLN B 752 -11.86 2.54 -22.18
CA GLN B 752 -11.80 2.35 -23.63
C GLN B 752 -11.03 1.08 -23.99
N GLY B 753 -11.76 0.05 -24.39
CA GLY B 753 -11.15 -1.19 -24.84
C GLY B 753 -11.84 -2.43 -24.30
N PHE B 754 -11.09 -3.52 -24.25
CA PHE B 754 -11.59 -4.81 -23.77
C PHE B 754 -11.56 -4.89 -22.24
N SER B 755 -11.24 -3.75 -21.61
CA SER B 755 -11.09 -3.67 -20.16
C SER B 755 -11.31 -2.26 -19.64
N THR B 756 -11.89 -2.17 -18.44
CA THR B 756 -11.94 -0.90 -17.72
C THR B 756 -10.70 -0.79 -16.82
N ASP B 757 -9.82 0.14 -17.20
CA ASP B 757 -8.60 0.36 -16.47
C ASP B 757 -8.74 1.58 -15.56
N ILE B 758 -8.43 1.39 -14.29
CA ILE B 758 -8.50 2.47 -13.31
C ILE B 758 -7.12 2.68 -12.67
N TYR B 759 -6.61 3.91 -12.81
CA TYR B 759 -5.27 4.28 -12.34
C TYR B 759 -5.33 5.07 -11.05
N PHE B 760 -4.75 4.53 -9.97
CA PHE B 760 -4.74 5.19 -8.67
C PHE B 760 -3.35 5.76 -8.37
N SER B 761 -3.30 6.91 -7.71
CA SER B 761 -2.03 7.49 -7.27
C SER B 761 -2.19 8.26 -5.96
N ASP B 762 -1.14 8.26 -5.14
CA ASP B 762 -1.15 9.07 -3.92
C ASP B 762 -0.40 10.38 -4.13
N VAL B 763 -0.21 11.16 -3.05
CA VAL B 763 0.40 12.49 -3.19
C VAL B 763 1.92 12.44 -3.39
N ASP B 764 2.48 11.24 -3.31
CA ASP B 764 3.90 11.02 -3.62
C ASP B 764 4.04 10.34 -4.96
N ASP B 765 2.95 10.35 -5.73
CA ASP B 765 2.86 9.71 -7.04
C ASP B 765 3.28 8.22 -7.02
N GLU B 766 2.96 7.53 -5.92
CA GLU B 766 3.05 6.07 -5.86
C GLU B 766 1.74 5.54 -6.45
N ARG B 767 1.84 4.62 -7.39
CA ARG B 767 0.72 4.28 -8.27
C ARG B 767 0.26 2.84 -8.18
N PHE B 768 -0.99 2.61 -8.55
CA PHE B 768 -1.58 1.29 -8.68
C PHE B 768 -2.53 1.28 -9.87
N LYS B 769 -2.40 0.27 -10.72
CA LYS B 769 -3.28 0.13 -11.87
C LYS B 769 -4.21 -1.06 -11.67
N LEU B 770 -5.51 -0.79 -11.66
CA LEU B 770 -6.51 -1.85 -11.67
C LEU B 770 -7.02 -2.06 -13.08
N SER B 771 -6.96 -3.31 -13.55
CA SER B 771 -7.42 -3.66 -14.90
C SER B 771 -8.50 -4.74 -14.87
N LEU B 772 -9.73 -4.36 -15.25
CA LEU B 772 -10.88 -5.27 -15.19
C LEU B 772 -11.38 -5.60 -16.61
N PRO B 773 -11.19 -6.86 -17.06
CA PRO B 773 -11.61 -7.24 -18.41
C PRO B 773 -13.12 -7.17 -18.60
N LYS B 774 -13.55 -6.63 -19.75
CA LYS B 774 -14.97 -6.59 -20.12
C LYS B 774 -15.39 -7.82 -20.92
#